data_9BDF
#
_entry.id   9BDF
#
_cell.length_a   1.00
_cell.length_b   1.00
_cell.length_c   1.00
_cell.angle_alpha   90.00
_cell.angle_beta   90.00
_cell.angle_gamma   90.00
#
_symmetry.space_group_name_H-M   'P 1'
#
loop_
_entity.id
_entity.type
_entity.pdbx_description
1 polymer Hemagglutinin
2 polymer 'ADI-85666 Fab heavy chain'
3 polymer 'ADI-85666 Fab light chain'
4 branched alpha-D-mannopyranose-(1-3)-beta-D-mannopyranose-(1-4)-2-acetamido-2-deoxy-beta-D-glucopyranose-(1-4)-2-acetamido-2-deoxy-beta-D-glucopyranose
5 branched 2-acetamido-2-deoxy-beta-D-glucopyranose-(1-4)-2-acetamido-2-deoxy-beta-D-glucopyranose
6 branched beta-D-mannopyranose-(1-4)-2-acetamido-2-deoxy-beta-D-glucopyranose-(1-4)-2-acetamido-2-deoxy-beta-D-glucopyranose
7 non-polymer 2-acetamido-2-deoxy-beta-D-glucopyranose
#
loop_
_entity_poly.entity_id
_entity_poly.type
_entity_poly.pdbx_seq_one_letter_code
_entity_poly.pdbx_strand_id
1 'polypeptide(L)'
;QKIPGNDNSTATLCLGHHAVPNGTIVKTITNDRIEVTNATELVQNSSIGEICGSPHQILDGGNCTLIDALLGDPQCDGFQ
NKEWDLFVERSRANSNCYPYDVPDYASLRSLVASSGTLEFKNESFNWTGVKQNGTSSACIRGSSSSFFSRLNWLTSLNNI
YPAQNVTMPNKEQFDKLYIWGVHHPDTDKNQISLFAQSSGRITVSTKRSQQAVIPNIGSRPRIRDIPSRISIYWTIVKPG
DILLINSTGNLIAPRGYFKIRSGKSSIMRSDAPIGKCKSECITPNGSIPNDKPFQNVNRITYGACPRYVKQSTLKLATGM
RNVPEKQTRGIFGAIAGFIENGWEGMVDGWYGFRWQNSEGRGQAADLKSTQAAIDQINGILNRLIGKTNEKFHQIEKEFS
EVEGRVQDLEKYVEDTKIDLWSYNAELLVALINQHTIDLTDSEMNKLFEKTKKQLRENAEDMGNGCFKIYHKCDNACIGS
IRNETYDHNVYRDEALNNRFQIKGAGSSLEVLFQ
;
A,G,H
2 'polypeptide(L)'
;EVQLLESGPGLVKPSETLSLTCSLSGGFVTRNSYYLSWVRQPPGKGMEWIGYVHHSGETKYNPSLKSRVTMSMDASKNQF
SLRLRSVTAADTAVYYCARDLVEGGYIPFSYGLDVWGLGTTVTVSGASTKGPSVFPLAPSSKSTSGGTAALGCLVKDYFP
EPVTVSWNSGALTSGVHTFPAVLQSSGLYSLSSVVTVPSSSLGTQTYICNVNHKPSNTKVDKRVEPKSCDKGSSLEVLFQ
;
B,C,E
3 'polypeptide(L)'
;DIQLTQSPSSLSASVGDRVTITCRASQGIRNDLGWYQQKPGKAPERLIYAASSSLPGVPSRFRGSGSGTEFTLTISSLQP
EDSATYFCLQYHNYPRTFGPGTKVEIKRTVAAPSVFIFPPSDEQLKSGTASVVCLLNNFYPREAKVQWKVDNALQSGNSQ
ESVTEQDSKDSTYSLSSTLTLSKADYEKHKVYACEVTHQGLSSPVTKSFNRGEC
;
D,I,J
#
loop_
_chem_comp.id
_chem_comp.type
_chem_comp.name
_chem_comp.formula
BMA D-saccharide, beta linking beta-D-mannopyranose 'C6 H12 O6'
MAN D-saccharide, alpha linking alpha-D-mannopyranose 'C6 H12 O6'
NAG D-saccharide, beta linking 2-acetamido-2-deoxy-beta-D-glucopyranose 'C8 H15 N O6'
#
# COMPACT_ATOMS: atom_id res chain seq x y z
N ASN A 8 -50.90 -21.72 -17.55
CA ASN A 8 -49.95 -22.82 -17.40
C ASN A 8 -49.02 -22.90 -18.60
N SER A 9 -49.05 -21.89 -19.44
CA SER A 9 -48.22 -21.82 -20.64
C SER A 9 -46.97 -20.97 -20.46
N THR A 10 -46.64 -20.60 -19.22
CA THR A 10 -45.50 -19.76 -18.93
C THR A 10 -44.81 -20.28 -17.67
N ALA A 11 -43.49 -20.10 -17.62
CA ALA A 11 -42.70 -20.55 -16.47
C ALA A 11 -41.87 -19.40 -15.93
N THR A 12 -41.40 -19.55 -14.69
CA THR A 12 -40.59 -18.51 -14.06
C THR A 12 -39.32 -19.12 -13.50
N LEU A 13 -38.20 -18.43 -13.72
CA LEU A 13 -36.89 -18.91 -13.29
C LEU A 13 -36.12 -17.76 -12.65
N CYS A 14 -35.91 -17.83 -11.34
CA CYS A 14 -35.23 -16.77 -10.62
C CYS A 14 -33.84 -17.24 -10.19
N LEU A 15 -32.90 -16.29 -10.17
CA LEU A 15 -31.53 -16.54 -9.78
C LEU A 15 -31.26 -15.90 -8.43
N GLY A 16 -30.40 -16.54 -7.64
CA GLY A 16 -30.13 -15.98 -6.33
C GLY A 16 -28.89 -16.58 -5.71
N HIS A 17 -28.61 -16.13 -4.48
CA HIS A 17 -27.48 -16.58 -3.71
C HIS A 17 -27.94 -16.93 -2.30
N HIS A 18 -27.01 -17.44 -1.49
CA HIS A 18 -27.37 -17.94 -0.18
C HIS A 18 -27.17 -16.88 0.90
N ALA A 19 -27.67 -17.17 2.09
CA ALA A 19 -27.56 -16.30 3.24
C ALA A 19 -27.43 -17.16 4.49
N VAL A 20 -26.96 -16.54 5.57
CA VAL A 20 -26.75 -17.25 6.83
C VAL A 20 -27.48 -16.52 7.95
N PRO A 21 -27.90 -17.21 9.01
CA PRO A 21 -28.64 -16.54 10.10
C PRO A 21 -27.85 -15.44 10.78
N ASN A 22 -26.65 -15.75 11.27
CA ASN A 22 -25.78 -14.74 11.83
C ASN A 22 -24.91 -14.15 10.71
N GLY A 23 -23.93 -13.34 11.06
CA GLY A 23 -23.10 -12.71 10.06
C GLY A 23 -22.01 -11.85 10.67
N THR A 24 -20.98 -11.52 9.91
CA THR A 24 -19.84 -10.79 10.44
C THR A 24 -19.64 -9.48 9.69
N ILE A 25 -19.36 -8.42 10.45
CA ILE A 25 -19.17 -7.08 9.89
C ILE A 25 -17.69 -6.90 9.56
N VAL A 26 -17.40 -6.49 8.33
CA VAL A 26 -16.04 -6.24 7.88
C VAL A 26 -16.00 -4.89 7.16
N LYS A 27 -14.78 -4.44 6.87
CA LYS A 27 -14.49 -3.11 6.35
C LYS A 27 -13.86 -3.22 4.97
N THR A 28 -14.34 -2.40 4.05
CA THR A 28 -13.75 -2.23 2.73
C THR A 28 -13.31 -0.78 2.55
N ILE A 29 -12.90 -0.44 1.33
CA ILE A 29 -12.49 0.93 1.04
C ILE A 29 -13.69 1.86 0.97
N THR A 30 -14.66 1.51 0.13
CA THR A 30 -15.83 2.37 -0.05
C THR A 30 -16.81 2.26 1.11
N ASN A 31 -16.91 1.08 1.72
CA ASN A 31 -17.86 0.84 2.80
C ASN A 31 -17.11 0.51 4.08
N ASP A 32 -17.57 1.11 5.19
CA ASP A 32 -16.94 0.90 6.49
C ASP A 32 -17.69 -0.09 7.37
N ARG A 33 -18.85 -0.59 6.93
CA ARG A 33 -19.60 -1.58 7.68
C ARG A 33 -20.39 -2.41 6.67
N ILE A 34 -19.86 -3.57 6.29
CA ILE A 34 -20.55 -4.45 5.37
C ILE A 34 -20.64 -5.83 6.00
N GLU A 35 -21.83 -6.41 5.99
CA GLU A 35 -22.08 -7.69 6.63
C GLU A 35 -21.90 -8.81 5.63
N VAL A 36 -21.06 -9.78 5.97
CA VAL A 36 -20.72 -10.89 5.10
C VAL A 36 -20.99 -12.20 5.82
N THR A 37 -21.04 -13.27 5.03
CA THR A 37 -21.44 -14.59 5.52
C THR A 37 -20.41 -15.19 6.46
N ASN A 38 -19.11 -14.99 6.17
CA ASN A 38 -18.08 -15.66 6.93
C ASN A 38 -16.80 -14.83 6.86
N ALA A 39 -16.12 -14.71 8.00
CA ALA A 39 -14.90 -13.92 8.09
C ALA A 39 -13.87 -14.67 8.91
N THR A 40 -12.60 -14.33 8.68
CA THR A 40 -11.48 -14.97 9.35
C THR A 40 -10.64 -13.90 10.03
N GLU A 41 -10.23 -14.16 11.27
CA GLU A 41 -9.41 -13.22 12.01
C GLU A 41 -7.95 -13.37 11.61
N LEU A 42 -7.29 -12.24 11.35
CA LEU A 42 -5.90 -12.21 10.93
C LEU A 42 -4.96 -11.72 12.01
N VAL A 43 -5.44 -11.50 13.22
CA VAL A 43 -4.62 -11.04 14.34
C VAL A 43 -4.76 -12.03 15.48
N GLN A 44 -3.61 -12.51 15.98
CA GLN A 44 -3.58 -13.43 17.10
C GLN A 44 -3.42 -12.66 18.40
N ASN A 45 -4.30 -12.91 19.37
CA ASN A 45 -4.32 -12.16 20.62
C ASN A 45 -4.30 -13.05 21.85
N SER A 46 -3.93 -14.32 21.71
CA SER A 46 -3.94 -15.25 22.84
C SER A 46 -2.66 -16.07 22.85
N SER A 47 -2.23 -16.44 24.05
CA SER A 47 -1.06 -17.28 24.25
C SER A 47 -1.40 -18.39 25.23
N ILE A 48 -0.66 -19.50 25.13
CA ILE A 48 -0.89 -20.63 26.02
C ILE A 48 -0.51 -20.27 27.45
N GLY A 49 0.53 -19.47 27.62
CA GLY A 49 1.05 -19.16 28.93
C GLY A 49 2.28 -19.95 29.33
N GLU A 50 2.85 -20.72 28.41
CA GLU A 50 4.03 -21.51 28.68
C GLU A 50 4.97 -21.42 27.49
N ILE A 51 6.26 -21.65 27.74
CA ILE A 51 7.28 -21.59 26.71
C ILE A 51 7.87 -22.98 26.52
N CYS A 52 7.35 -23.74 25.58
CA CYS A 52 7.85 -25.09 25.34
C CYS A 52 8.94 -25.07 24.27
N GLY A 53 9.99 -25.85 24.51
CA GLY A 53 11.18 -25.78 23.69
C GLY A 53 11.51 -27.06 22.95
N SER A 54 10.51 -27.72 22.39
CA SER A 54 10.78 -28.90 21.57
C SER A 54 11.63 -28.58 20.35
N PRO A 55 11.30 -27.56 19.52
CA PRO A 55 12.15 -27.29 18.35
C PRO A 55 13.36 -26.42 18.67
N HIS A 56 13.24 -25.55 19.66
CA HIS A 56 14.29 -24.61 20.04
C HIS A 56 14.85 -25.00 21.40
N GLN A 57 16.18 -25.09 21.48
CA GLN A 57 16.83 -25.41 22.75
C GLN A 57 16.72 -24.20 23.68
N ILE A 58 16.10 -24.39 24.85
CA ILE A 58 15.79 -23.31 25.76
C ILE A 58 16.49 -23.57 27.09
N LEU A 59 17.22 -22.57 27.57
CA LEU A 59 17.94 -22.65 28.83
C LEU A 59 17.29 -21.70 29.84
N ASP A 60 16.80 -22.25 30.94
CA ASP A 60 16.22 -21.44 31.99
C ASP A 60 17.32 -20.74 32.79
N GLY A 61 16.97 -19.62 33.41
CA GLY A 61 17.94 -18.83 34.12
C GLY A 61 17.51 -18.41 35.50
N GLY A 62 16.82 -19.30 36.22
CA GLY A 62 16.37 -18.99 37.56
C GLY A 62 17.51 -18.67 38.50
N ASN A 63 17.40 -17.55 39.21
CA ASN A 63 18.39 -17.09 40.19
C ASN A 63 19.76 -16.84 39.56
N CYS A 64 19.83 -16.75 38.23
CA CYS A 64 21.13 -16.66 37.55
C CYS A 64 20.98 -15.80 36.30
N THR A 65 21.65 -14.66 36.30
CA THR A 65 21.74 -13.83 35.11
C THR A 65 22.78 -14.41 34.16
N LEU A 66 22.70 -14.01 32.89
CA LEU A 66 23.64 -14.52 31.90
C LEU A 66 25.07 -14.09 32.24
N ILE A 67 25.26 -12.85 32.66
CA ILE A 67 26.60 -12.39 33.02
C ILE A 67 27.09 -13.12 34.26
N ASP A 68 26.19 -13.40 35.22
CA ASP A 68 26.58 -14.15 36.40
C ASP A 68 26.98 -15.57 36.04
N ALA A 69 26.26 -16.20 35.10
CA ALA A 69 26.64 -17.53 34.64
C ALA A 69 27.98 -17.49 33.92
N LEU A 70 28.22 -16.45 33.13
CA LEU A 70 29.49 -16.30 32.43
C LEU A 70 30.65 -16.15 33.42
N LEU A 71 30.45 -15.35 34.47
CA LEU A 71 31.53 -15.06 35.41
C LEU A 71 31.80 -16.23 36.36
N GLY A 72 30.79 -17.05 36.64
CA GLY A 72 30.99 -18.16 37.55
C GLY A 72 30.41 -17.95 38.93
N ASP A 73 29.17 -17.46 38.99
CA ASP A 73 28.51 -17.29 40.28
C ASP A 73 28.36 -18.63 40.97
N PRO A 74 28.41 -18.67 42.31
CA PRO A 74 28.25 -19.94 43.02
C PRO A 74 26.93 -20.64 42.72
N GLN A 75 25.86 -19.88 42.54
CA GLN A 75 24.58 -20.44 42.17
C GLN A 75 24.46 -20.75 40.68
N CYS A 76 25.43 -20.30 39.89
CA CYS A 76 25.41 -20.52 38.44
C CYS A 76 26.35 -21.66 38.02
N ASP A 77 26.71 -22.53 38.96
CA ASP A 77 27.65 -23.61 38.67
C ASP A 77 27.06 -24.70 37.80
N GLY A 78 25.74 -24.73 37.62
CA GLY A 78 25.11 -25.70 36.75
C GLY A 78 25.03 -25.30 35.30
N PHE A 79 25.45 -24.07 34.96
CA PHE A 79 25.40 -23.56 33.60
C PHE A 79 26.76 -23.60 32.91
N GLN A 80 27.60 -24.56 33.30
CA GLN A 80 28.96 -24.64 32.77
C GLN A 80 28.95 -25.42 31.46
N ASN A 81 29.56 -24.83 30.43
CA ASN A 81 29.68 -25.45 29.11
C ASN A 81 28.32 -25.83 28.54
N LYS A 82 27.34 -24.97 28.73
CA LYS A 82 25.99 -25.20 28.22
C LYS A 82 25.76 -24.41 26.94
N GLU A 83 24.80 -24.89 26.15
CA GLU A 83 24.43 -24.26 24.89
C GLU A 83 22.93 -23.99 24.89
N TRP A 84 22.53 -23.04 24.07
CA TRP A 84 21.14 -22.62 24.05
C TRP A 84 20.81 -21.96 22.72
N ASP A 85 19.52 -21.88 22.44
CA ASP A 85 19.00 -21.01 21.39
C ASP A 85 18.17 -19.87 21.94
N LEU A 86 17.79 -19.92 23.21
CA LEU A 86 17.10 -18.80 23.87
C LEU A 86 17.35 -18.91 25.36
N PHE A 87 17.97 -17.89 25.93
CA PHE A 87 18.22 -17.81 27.37
C PHE A 87 17.12 -16.99 28.01
N VAL A 88 16.36 -17.61 28.90
CA VAL A 88 15.20 -16.98 29.52
C VAL A 88 15.62 -16.48 30.90
N GLU A 89 15.75 -15.16 31.02
CA GLU A 89 16.08 -14.53 32.28
C GLU A 89 14.80 -14.25 33.06
N ARG A 90 14.90 -14.33 34.38
CA ARG A 90 13.74 -14.18 35.26
C ARG A 90 13.87 -12.94 36.12
N SER A 91 12.73 -12.48 36.64
CA SER A 91 12.69 -11.28 37.47
C SER A 91 13.20 -11.53 38.89
N ARG A 92 13.31 -12.79 39.31
CA ARG A 92 13.86 -13.11 40.62
C ARG A 92 15.37 -13.30 40.59
N ALA A 93 16.01 -12.96 39.48
CA ALA A 93 17.45 -13.11 39.37
C ALA A 93 18.17 -12.19 40.36
N ASN A 94 19.22 -12.72 40.97
CA ASN A 94 19.99 -11.97 41.94
C ASN A 94 21.45 -12.42 41.85
N SER A 95 22.30 -11.71 42.58
CA SER A 95 23.73 -11.99 42.63
C SER A 95 24.13 -12.32 44.06
N ASN A 96 25.00 -13.33 44.21
CA ASN A 96 25.47 -13.77 45.52
C ASN A 96 26.98 -13.98 45.49
N CYS A 97 27.71 -12.99 45.00
CA CYS A 97 29.16 -13.02 44.97
C CYS A 97 29.67 -11.59 45.09
N TYR A 98 30.93 -11.37 44.72
CA TYR A 98 31.54 -10.06 44.86
C TYR A 98 30.80 -9.04 43.99
N PRO A 99 30.45 -7.87 44.52
CA PRO A 99 29.80 -6.85 43.69
C PRO A 99 30.67 -6.43 42.53
N TYR A 100 30.04 -6.20 41.37
CA TYR A 100 30.76 -5.90 40.16
C TYR A 100 29.96 -4.92 39.31
N ASP A 101 30.67 -4.21 38.44
CA ASP A 101 30.07 -3.27 37.50
C ASP A 101 30.68 -3.50 36.13
N VAL A 102 29.82 -3.59 35.12
CA VAL A 102 30.24 -3.76 33.73
C VAL A 102 30.05 -2.43 33.02
N PRO A 103 31.13 -1.76 32.56
CA PRO A 103 30.96 -0.46 31.93
C PRO A 103 30.02 -0.46 30.73
N ASP A 104 30.04 -1.50 29.91
CA ASP A 104 29.09 -1.67 28.81
C ASP A 104 28.43 -3.03 29.01
N TYR A 105 27.38 -3.04 29.82
CA TYR A 105 26.71 -4.29 30.17
C TYR A 105 25.88 -4.84 29.03
N ALA A 106 25.16 -3.96 28.33
CA ALA A 106 24.29 -4.41 27.24
C ALA A 106 25.11 -5.01 26.10
N SER A 107 26.27 -4.43 25.79
CA SER A 107 27.09 -4.95 24.70
C SER A 107 27.57 -6.36 24.99
N LEU A 108 28.10 -6.60 26.19
CA LEU A 108 28.57 -7.93 26.56
C LEU A 108 27.41 -8.92 26.60
N ARG A 109 26.27 -8.50 27.14
CA ARG A 109 25.11 -9.38 27.17
C ARG A 109 24.70 -9.78 25.76
N SER A 110 24.67 -8.81 24.83
CA SER A 110 24.31 -9.12 23.45
C SER A 110 25.31 -10.05 22.79
N LEU A 111 26.61 -9.82 23.00
CA LEU A 111 27.63 -10.70 22.44
C LEU A 111 27.45 -12.13 22.93
N VAL A 112 27.32 -12.31 24.25
CA VAL A 112 27.22 -13.66 24.79
C VAL A 112 25.91 -14.32 24.36
N ALA A 113 24.83 -13.55 24.29
CA ALA A 113 23.55 -14.11 23.87
C ALA A 113 23.58 -14.54 22.41
N SER A 114 24.20 -13.74 21.54
CA SER A 114 24.29 -14.10 20.14
C SER A 114 25.29 -15.22 19.88
N SER A 115 26.28 -15.40 20.76
CA SER A 115 27.23 -16.49 20.60
C SER A 115 26.55 -17.85 20.73
N GLY A 116 25.83 -18.06 21.82
CA GLY A 116 25.07 -19.27 22.01
C GLY A 116 25.77 -20.39 22.76
N THR A 117 26.88 -20.11 23.42
CA THR A 117 27.60 -21.16 24.14
C THR A 117 28.35 -20.55 25.32
N LEU A 118 28.60 -21.39 26.32
CA LEU A 118 29.45 -21.03 27.46
C LEU A 118 30.65 -21.97 27.55
N GLU A 119 31.06 -22.53 26.42
CA GLU A 119 32.19 -23.44 26.40
C GLU A 119 33.47 -22.72 26.81
N PHE A 120 34.22 -23.32 27.72
CA PHE A 120 35.41 -22.72 28.28
C PHE A 120 36.58 -23.68 28.10
N LYS A 121 37.72 -23.16 27.69
CA LYS A 121 38.95 -23.95 27.63
C LYS A 121 39.98 -23.31 28.54
N ASN A 122 40.50 -24.11 29.48
CA ASN A 122 41.49 -23.62 30.42
C ASN A 122 42.83 -23.41 29.72
N GLU A 123 43.45 -22.26 29.98
CA GLU A 123 44.80 -21.96 29.50
C GLU A 123 45.71 -21.73 30.70
N SER A 124 46.96 -22.15 30.55
CA SER A 124 47.94 -22.06 31.64
C SER A 124 48.76 -20.79 31.45
N PHE A 125 48.27 -19.69 32.02
CA PHE A 125 49.02 -18.44 32.02
C PHE A 125 50.18 -18.54 33.00
N ASN A 126 51.25 -17.82 32.69
CA ASN A 126 52.49 -17.88 33.48
C ASN A 126 52.57 -16.66 34.38
N TRP A 127 51.88 -16.74 35.51
CA TRP A 127 51.96 -15.71 36.55
C TRP A 127 53.08 -16.08 37.52
N THR A 128 53.96 -15.13 37.80
CA THR A 128 55.15 -15.38 38.61
C THR A 128 55.12 -14.54 39.87
N GLY A 129 55.47 -15.17 40.99
CA GLY A 129 55.66 -14.46 42.25
C GLY A 129 54.43 -13.78 42.82
N VAL A 130 53.27 -14.43 42.71
CA VAL A 130 52.03 -13.88 43.23
C VAL A 130 51.29 -14.96 43.99
N LYS A 131 50.18 -14.57 44.62
CA LYS A 131 49.29 -15.48 45.31
C LYS A 131 47.97 -15.51 44.55
N GLN A 132 47.65 -16.68 43.98
CA GLN A 132 46.44 -16.86 43.20
C GLN A 132 45.34 -17.47 44.07
N ASN A 133 44.18 -17.68 43.45
CA ASN A 133 43.01 -18.26 44.11
C ASN A 133 42.62 -17.44 45.35
N GLY A 134 42.26 -16.19 45.12
CA GLY A 134 41.72 -15.38 46.19
C GLY A 134 40.31 -15.79 46.56
N THR A 135 39.92 -15.43 47.78
CA THR A 135 38.62 -15.81 48.29
C THR A 135 37.97 -14.61 48.98
N SER A 136 36.64 -14.61 49.02
CA SER A 136 35.88 -13.55 49.67
C SER A 136 34.79 -14.16 50.52
N SER A 137 34.41 -13.43 51.57
CA SER A 137 33.37 -13.90 52.49
C SER A 137 31.98 -13.83 51.87
N ALA A 138 31.76 -12.95 50.88
CA ALA A 138 30.44 -12.86 50.27
C ALA A 138 30.18 -14.03 49.35
N CYS A 139 31.18 -14.44 48.58
CA CYS A 139 31.04 -15.57 47.65
C CYS A 139 31.27 -16.85 48.43
N ILE A 140 30.19 -17.51 48.83
CA ILE A 140 30.25 -18.73 49.64
C ILE A 140 29.88 -19.91 48.77
N ARG A 141 30.81 -20.85 48.61
CA ARG A 141 30.58 -22.08 47.85
C ARG A 141 30.54 -23.23 48.85
N GLY A 142 29.41 -23.92 48.91
CA GLY A 142 29.23 -24.93 49.92
C GLY A 142 29.17 -24.30 51.30
N SER A 143 30.23 -24.49 52.08
CA SER A 143 30.35 -23.84 53.39
C SER A 143 31.57 -22.93 53.50
N SER A 144 32.49 -22.98 52.55
CA SER A 144 33.72 -22.20 52.60
C SER A 144 33.64 -21.00 51.67
N SER A 145 34.55 -20.05 51.88
CA SER A 145 34.62 -18.87 51.04
C SER A 145 35.12 -19.24 49.65
N SER A 146 34.72 -18.44 48.66
CA SER A 146 35.08 -18.73 47.28
C SER A 146 35.16 -17.42 46.51
N PHE A 147 35.11 -17.53 45.18
CA PHE A 147 35.14 -16.41 44.26
C PHE A 147 34.49 -16.86 42.96
N PHE A 148 34.59 -16.03 41.92
CA PHE A 148 34.14 -16.45 40.60
C PHE A 148 35.02 -17.59 40.09
N SER A 149 34.40 -18.57 39.44
CA SER A 149 35.13 -19.73 38.97
C SER A 149 35.95 -19.44 37.73
N ARG A 150 35.49 -18.54 36.87
CA ARG A 150 36.15 -18.23 35.61
C ARG A 150 37.08 -17.04 35.70
N LEU A 151 37.29 -16.50 36.90
CA LEU A 151 38.08 -15.30 37.09
C LEU A 151 39.05 -15.53 38.25
N ASN A 152 40.31 -15.17 38.06
CA ASN A 152 41.37 -15.39 39.03
C ASN A 152 41.72 -14.09 39.73
N TRP A 153 41.78 -14.12 41.06
CA TRP A 153 42.15 -12.94 41.84
C TRP A 153 43.61 -13.08 42.25
N LEU A 154 44.42 -12.11 41.86
CA LEU A 154 45.87 -12.13 42.10
C LEU A 154 46.21 -11.05 43.13
N THR A 155 46.67 -11.49 44.29
CA THR A 155 47.12 -10.61 45.35
C THR A 155 48.63 -10.72 45.52
N SER A 156 49.16 -10.01 46.50
CA SER A 156 50.58 -10.01 46.75
C SER A 156 51.00 -11.25 47.52
N LEU A 157 52.29 -11.57 47.42
CA LEU A 157 52.90 -12.66 48.18
C LEU A 157 54.11 -12.11 48.92
N ASN A 158 54.13 -12.30 50.24
CA ASN A 158 55.20 -11.79 51.10
C ASN A 158 55.41 -10.29 50.91
N ASN A 159 54.30 -9.56 50.82
CA ASN A 159 54.31 -8.11 50.65
C ASN A 159 55.05 -7.68 49.39
N ILE A 160 54.99 -8.50 48.34
CA ILE A 160 55.65 -8.21 47.07
C ILE A 160 54.70 -8.56 45.94
N TYR A 161 54.53 -7.64 45.00
CA TYR A 161 53.70 -7.85 43.81
C TYR A 161 54.54 -7.49 42.59
N PRO A 162 55.30 -8.45 42.05
CA PRO A 162 56.10 -8.17 40.86
C PRO A 162 55.22 -7.85 39.65
N ALA A 163 55.74 -6.99 38.78
CA ALA A 163 55.02 -6.64 37.56
C ALA A 163 54.91 -7.85 36.65
N GLN A 164 53.78 -7.94 35.95
CA GLN A 164 53.50 -9.09 35.11
C GLN A 164 53.51 -8.72 33.63
N ASN A 165 53.99 -9.66 32.82
CA ASN A 165 54.02 -9.50 31.36
C ASN A 165 53.77 -10.88 30.76
N VAL A 166 52.51 -11.15 30.43
CA VAL A 166 52.08 -12.49 30.02
C VAL A 166 51.54 -12.43 28.60
N THR A 167 51.94 -13.39 27.77
CA THR A 167 51.53 -13.48 26.38
C THR A 167 50.81 -14.79 26.13
N MET A 168 49.86 -14.75 25.20
CA MET A 168 49.18 -15.96 24.76
C MET A 168 48.84 -15.86 23.28
N PRO A 169 49.41 -16.71 22.44
CA PRO A 169 49.12 -16.67 21.01
C PRO A 169 47.91 -17.52 20.65
N ASN A 170 47.28 -17.16 19.54
CA ASN A 170 46.14 -17.89 19.01
C ASN A 170 46.62 -18.73 17.82
N LYS A 171 46.95 -19.99 18.08
CA LYS A 171 47.38 -20.90 17.05
C LYS A 171 46.23 -21.70 16.45
N GLU A 172 45.00 -21.46 16.88
CA GLU A 172 43.85 -22.19 16.42
C GLU A 172 43.12 -21.39 15.34
N GLN A 173 41.98 -21.91 14.89
CA GLN A 173 41.26 -21.36 13.75
C GLN A 173 39.90 -20.80 14.14
N PHE A 174 39.82 -20.13 15.28
CA PHE A 174 38.59 -19.46 15.68
C PHE A 174 38.93 -18.35 16.67
N ASP A 175 37.97 -17.45 16.87
CA ASP A 175 38.14 -16.33 17.77
C ASP A 175 38.04 -16.79 19.23
N LYS A 176 38.74 -16.07 20.10
CA LYS A 176 38.78 -16.38 21.51
C LYS A 176 38.39 -15.14 22.31
N LEU A 177 37.49 -15.32 23.28
CA LEU A 177 36.98 -14.23 24.09
C LEU A 177 37.54 -14.37 25.50
N TYR A 178 38.24 -13.33 25.96
CA TYR A 178 38.83 -13.30 27.29
C TYR A 178 38.08 -12.28 28.13
N ILE A 179 37.63 -12.71 29.31
CA ILE A 179 36.92 -11.85 30.24
C ILE A 179 37.84 -11.63 31.45
N TRP A 180 38.23 -10.38 31.67
CA TRP A 180 39.10 -10.03 32.77
C TRP A 180 38.46 -8.90 33.57
N GLY A 181 39.15 -8.44 34.60
CA GLY A 181 38.58 -7.44 35.48
C GLY A 181 39.63 -6.58 36.15
N VAL A 182 39.14 -5.56 36.84
CA VAL A 182 39.98 -4.59 37.55
C VAL A 182 39.35 -4.35 38.93
N HIS A 183 40.17 -4.43 39.96
CA HIS A 183 39.70 -4.23 41.33
C HIS A 183 39.70 -2.75 41.69
N HIS A 184 38.74 -2.35 42.53
CA HIS A 184 38.58 -0.96 42.94
C HIS A 184 38.58 -0.90 44.47
N PRO A 185 39.75 -0.88 45.11
CA PRO A 185 39.78 -0.87 46.57
C PRO A 185 39.17 0.40 47.15
N ASP A 186 38.58 0.26 48.33
CA ASP A 186 37.90 1.38 48.96
C ASP A 186 38.89 2.44 49.44
N THR A 187 40.01 2.01 50.02
CA THR A 187 40.96 2.93 50.63
C THR A 187 42.37 2.58 50.19
N ASP A 188 43.29 3.52 50.43
CA ASP A 188 44.69 3.31 50.10
C ASP A 188 45.31 2.21 50.94
N LYS A 189 44.90 2.09 52.21
CA LYS A 189 45.40 1.02 53.05
C LYS A 189 45.03 -0.35 52.50
N ASN A 190 43.80 -0.48 51.99
CA ASN A 190 43.38 -1.72 51.35
C ASN A 190 44.23 -2.02 50.11
N GLN A 191 44.51 -0.98 49.32
CA GLN A 191 45.34 -1.17 48.12
C GLN A 191 46.74 -1.64 48.49
N ILE A 192 47.33 -1.05 49.52
CA ILE A 192 48.67 -1.48 49.93
C ILE A 192 48.62 -2.89 50.50
N SER A 193 47.58 -3.23 51.24
CA SER A 193 47.46 -4.56 51.84
C SER A 193 47.15 -5.65 50.83
N LEU A 194 46.62 -5.29 49.65
CA LEU A 194 46.30 -6.28 48.64
C LEU A 194 47.28 -6.35 47.48
N PHE A 195 47.90 -5.24 47.10
CA PHE A 195 48.75 -5.21 45.91
C PHE A 195 50.10 -4.56 46.12
N ALA A 196 50.42 -4.12 47.34
CA ALA A 196 51.73 -3.61 47.74
C ALA A 196 52.15 -2.33 47.02
N GLN A 197 51.30 -1.75 46.18
CA GLN A 197 51.61 -0.51 45.49
C GLN A 197 50.51 0.51 45.78
N SER A 198 50.73 1.75 45.34
CA SER A 198 49.77 2.83 45.58
C SER A 198 48.76 2.94 44.45
N SER A 199 49.19 2.81 43.20
CA SER A 199 48.32 2.89 42.05
C SER A 199 48.67 1.77 41.07
N GLY A 200 47.65 1.16 40.50
CA GLY A 200 47.83 0.11 39.51
C GLY A 200 47.58 0.60 38.11
N ARG A 201 48.17 -0.11 37.14
CA ARG A 201 47.97 0.18 35.72
C ARG A 201 47.83 -1.15 34.99
N ILE A 202 46.76 -1.31 34.21
CA ILE A 202 46.52 -2.55 33.48
C ILE A 202 46.46 -2.22 32.00
N THR A 203 47.21 -2.98 31.19
CA THR A 203 47.22 -2.81 29.74
C THR A 203 47.01 -4.18 29.10
N VAL A 204 45.86 -4.37 28.46
CA VAL A 204 45.57 -5.58 27.72
C VAL A 204 45.49 -5.23 26.25
N SER A 205 46.38 -5.81 25.45
CA SER A 205 46.54 -5.40 24.08
C SER A 205 46.60 -6.60 23.15
N THR A 206 46.12 -6.39 21.93
CA THR A 206 46.33 -7.29 20.81
C THR A 206 47.12 -6.55 19.74
N LYS A 207 47.28 -7.18 18.58
CA LYS A 207 47.91 -6.49 17.47
C LYS A 207 46.98 -5.50 16.78
N ARG A 208 45.69 -5.47 17.15
CA ARG A 208 44.73 -4.56 16.56
C ARG A 208 44.01 -3.68 17.57
N SER A 209 44.21 -3.89 18.87
CA SER A 209 43.48 -3.12 19.87
C SER A 209 44.31 -3.04 21.15
N GLN A 210 43.96 -2.06 21.98
CA GLN A 210 44.59 -1.88 23.28
C GLN A 210 43.60 -1.26 24.24
N GLN A 211 43.58 -1.76 25.48
CA GLN A 211 42.76 -1.21 26.54
C GLN A 211 43.65 -0.97 27.75
N ALA A 212 43.70 0.27 28.22
CA ALA A 212 44.47 0.65 29.39
C ALA A 212 43.51 1.18 30.46
N VAL A 213 43.69 0.71 31.68
CA VAL A 213 42.76 1.00 32.77
C VAL A 213 43.53 1.33 34.04
N ILE A 214 43.05 2.33 34.75
CA ILE A 214 43.59 2.74 36.05
C ILE A 214 42.49 2.57 37.09
N PRO A 215 42.76 1.88 38.21
CA PRO A 215 41.73 1.72 39.23
C PRO A 215 41.38 3.04 39.92
N ASN A 216 40.19 3.06 40.52
CA ASN A 216 39.66 4.22 41.21
C ASN A 216 39.40 3.86 42.66
N ILE A 217 40.11 4.50 43.58
CA ILE A 217 40.00 4.21 45.00
C ILE A 217 38.97 5.15 45.62
N GLY A 218 38.01 4.59 46.34
CA GLY A 218 37.01 5.39 47.00
C GLY A 218 35.98 4.50 47.65
N SER A 219 35.22 5.10 48.57
CA SER A 219 34.22 4.37 49.32
C SER A 219 32.92 4.24 48.53
N ARG A 220 32.33 3.07 48.58
CA ARG A 220 31.08 2.76 47.90
C ARG A 220 30.15 2.05 48.88
N PRO A 221 28.83 2.14 48.66
CA PRO A 221 27.90 1.49 49.59
C PRO A 221 28.14 -0.01 49.68
N ARG A 222 27.92 -0.54 50.88
CA ARG A 222 28.26 -1.92 51.17
C ARG A 222 27.18 -2.86 50.65
N ILE A 223 27.57 -3.74 49.73
CA ILE A 223 26.74 -4.85 49.30
C ILE A 223 27.40 -6.13 49.83
N ARG A 224 26.68 -6.86 50.68
CA ARG A 224 27.22 -8.04 51.35
C ARG A 224 28.48 -7.71 52.13
N ASP A 225 28.47 -6.56 52.80
CA ASP A 225 29.55 -6.12 53.68
C ASP A 225 30.88 -5.96 52.93
N ILE A 226 30.82 -5.37 51.74
CA ILE A 226 32.03 -5.08 50.97
C ILE A 226 31.94 -3.69 50.35
N PRO A 227 32.85 -2.77 50.70
CA PRO A 227 32.82 -1.44 50.10
C PRO A 227 33.64 -1.32 48.82
N SER A 228 34.01 -2.45 48.23
CA SER A 228 34.83 -2.48 47.03
C SER A 228 34.01 -2.97 45.85
N ARG A 229 34.55 -2.78 44.65
CA ARG A 229 33.90 -3.19 43.41
C ARG A 229 34.93 -3.79 42.46
N ILE A 230 34.41 -4.44 41.41
CA ILE A 230 35.22 -5.04 40.36
C ILE A 230 34.61 -4.66 39.02
N SER A 231 35.40 -4.03 38.17
CA SER A 231 34.96 -3.70 36.81
C SER A 231 35.34 -4.84 35.87
N ILE A 232 34.46 -5.13 34.92
CA ILE A 232 34.62 -6.28 34.03
C ILE A 232 34.84 -5.79 32.61
N TYR A 233 35.89 -6.30 31.96
CA TYR A 233 36.20 -5.97 30.58
C TYR A 233 36.41 -7.25 29.79
N TRP A 234 36.34 -7.13 28.46
CA TRP A 234 36.52 -8.29 27.59
C TRP A 234 37.37 -7.91 26.39
N THR A 235 38.02 -8.93 25.83
CA THR A 235 38.87 -8.78 24.66
C THR A 235 38.64 -9.96 23.72
N ILE A 236 38.79 -9.71 22.42
CA ILE A 236 38.59 -10.73 21.40
C ILE A 236 39.87 -10.87 20.60
N VAL A 237 40.35 -12.11 20.46
CA VAL A 237 41.59 -12.43 19.77
C VAL A 237 41.24 -13.28 18.55
N LYS A 238 41.64 -12.83 17.38
CA LYS A 238 41.37 -13.51 16.12
C LYS A 238 42.54 -14.41 15.76
N PRO A 239 42.35 -15.32 14.80
CA PRO A 239 43.46 -16.20 14.42
C PRO A 239 44.67 -15.43 13.95
N GLY A 240 45.85 -15.90 14.37
CA GLY A 240 47.09 -15.23 14.07
C GLY A 240 47.44 -14.09 14.99
N ASP A 241 46.56 -13.74 15.93
CA ASP A 241 46.79 -12.63 16.84
C ASP A 241 47.38 -13.13 18.15
N ILE A 242 47.76 -12.18 19.00
CA ILE A 242 48.43 -12.46 20.26
C ILE A 242 47.85 -11.55 21.33
N LEU A 243 47.58 -12.12 22.50
CA LEU A 243 47.05 -11.35 23.63
C LEU A 243 48.18 -11.09 24.62
N LEU A 244 48.38 -9.83 24.96
CA LEU A 244 49.43 -9.42 25.88
C LEU A 244 48.77 -8.70 27.07
N ILE A 245 49.01 -9.23 28.27
CA ILE A 245 48.51 -8.64 29.50
C ILE A 245 49.72 -8.13 30.27
N ASN A 246 49.75 -6.83 30.54
CA ASN A 246 50.82 -6.18 31.28
C ASN A 246 50.17 -5.37 32.39
N SER A 247 50.23 -5.88 33.62
CA SER A 247 49.60 -5.24 34.76
C SER A 247 50.58 -5.16 35.92
N THR A 248 50.67 -3.97 36.51
CA THR A 248 51.47 -3.77 37.71
C THR A 248 50.64 -3.88 39.00
N GLY A 249 49.36 -4.17 38.88
CA GLY A 249 48.51 -4.31 40.05
C GLY A 249 47.06 -4.22 39.69
N ASN A 250 46.22 -4.59 40.67
CA ASN A 250 44.76 -4.47 40.59
C ASN A 250 44.16 -5.28 39.45
N LEU A 251 44.77 -6.40 39.09
CA LEU A 251 44.34 -7.20 37.95
C LEU A 251 43.55 -8.41 38.41
N ILE A 252 42.35 -8.58 37.85
CA ILE A 252 41.62 -9.83 37.95
C ILE A 252 41.82 -10.55 36.62
N ALA A 253 42.53 -11.65 36.67
CA ALA A 253 43.05 -12.34 35.50
C ALA A 253 42.03 -13.33 34.93
N PRO A 254 42.14 -13.63 33.64
CA PRO A 254 41.34 -14.72 33.07
C PRO A 254 41.96 -16.08 33.35
N ARG A 255 41.10 -17.08 33.52
CA ARG A 255 41.52 -18.45 33.75
C ARG A 255 41.43 -19.32 32.50
N GLY A 256 41.05 -18.74 31.37
CA GLY A 256 40.91 -19.49 30.14
C GLY A 256 40.25 -18.64 29.08
N TYR A 257 39.69 -19.28 28.06
CA TYR A 257 39.03 -18.56 26.99
C TYR A 257 37.69 -19.20 26.64
N PHE A 258 36.76 -18.34 26.22
CA PHE A 258 35.47 -18.74 25.72
C PHE A 258 35.51 -18.89 24.21
N LYS A 259 34.43 -19.40 23.64
CA LYS A 259 34.32 -19.57 22.20
C LYS A 259 33.23 -18.65 21.67
N ILE A 260 33.53 -17.95 20.58
CA ILE A 260 32.60 -17.03 19.94
C ILE A 260 32.15 -17.64 18.62
N ARG A 261 30.85 -17.83 18.47
CA ARG A 261 30.27 -18.36 17.24
C ARG A 261 29.23 -17.38 16.71
N SER A 262 28.74 -17.68 15.52
CA SER A 262 27.66 -16.91 14.90
C SER A 262 26.53 -17.87 14.55
N GLY A 263 25.29 -17.45 14.84
CA GLY A 263 24.15 -18.29 14.56
C GLY A 263 22.83 -17.64 14.91
N LYS A 264 21.90 -18.46 15.43
CA LYS A 264 20.56 -18.02 15.80
C LYS A 264 20.38 -18.23 17.30
N SER A 265 20.80 -17.25 18.08
CA SER A 265 20.68 -17.30 19.53
C SER A 265 20.41 -15.90 20.06
N SER A 266 19.57 -15.82 21.08
CA SER A 266 19.15 -14.54 21.64
C SER A 266 18.88 -14.72 23.12
N ILE A 267 18.35 -13.67 23.74
CA ILE A 267 18.01 -13.67 25.16
C ILE A 267 16.60 -13.09 25.31
N MET A 268 15.94 -13.47 26.39
CA MET A 268 14.57 -13.04 26.63
C MET A 268 14.37 -12.84 28.12
N ARG A 269 13.52 -11.88 28.46
CA ARG A 269 13.10 -11.62 29.83
C ARG A 269 11.65 -12.07 29.97
N SER A 270 11.43 -13.15 30.70
CA SER A 270 10.09 -13.71 30.84
C SER A 270 9.96 -14.41 32.18
N ASP A 271 8.73 -14.49 32.67
CA ASP A 271 8.42 -15.15 33.93
C ASP A 271 7.37 -16.25 33.71
N ALA A 272 7.49 -16.98 32.59
CA ALA A 272 6.54 -18.02 32.26
C ALA A 272 7.19 -19.39 32.36
N PRO A 273 6.45 -20.40 32.81
CA PRO A 273 7.02 -21.75 32.93
C PRO A 273 7.29 -22.36 31.56
N ILE A 274 8.18 -23.35 31.56
CA ILE A 274 8.59 -24.06 30.36
C ILE A 274 7.79 -25.34 30.25
N GLY A 275 7.17 -25.56 29.10
CA GLY A 275 6.32 -26.71 28.87
C GLY A 275 6.98 -27.77 28.01
N LYS A 276 6.14 -28.66 27.47
CA LYS A 276 6.61 -29.78 26.66
C LYS A 276 5.92 -29.83 25.30
N CYS A 277 5.20 -28.77 24.92
CA CYS A 277 4.53 -28.71 23.64
C CYS A 277 5.53 -28.42 22.52
N LYS A 278 5.03 -28.17 21.32
CA LYS A 278 5.85 -27.79 20.17
C LYS A 278 5.32 -26.48 19.60
N SER A 279 6.21 -25.50 19.46
CA SER A 279 5.86 -24.23 18.85
C SER A 279 7.13 -23.53 18.39
N GLU A 280 7.02 -22.80 17.29
CA GLU A 280 8.16 -22.14 16.67
C GLU A 280 8.24 -20.66 16.96
N CYS A 281 7.33 -20.12 17.77
CA CYS A 281 7.34 -18.70 18.11
C CYS A 281 7.33 -18.55 19.62
N ILE A 282 8.25 -17.74 20.14
CA ILE A 282 8.39 -17.53 21.58
C ILE A 282 8.22 -16.05 21.87
N THR A 283 7.36 -15.75 22.85
CA THR A 283 7.00 -14.43 23.32
C THR A 283 7.19 -14.39 24.83
N PRO A 284 7.49 -13.23 25.41
CA PRO A 284 7.59 -13.16 26.87
C PRO A 284 6.32 -13.61 27.57
N ASN A 285 5.15 -13.40 26.97
CA ASN A 285 3.91 -13.88 27.55
C ASN A 285 3.77 -15.39 27.43
N GLY A 286 4.41 -16.01 26.45
CA GLY A 286 4.28 -17.44 26.23
C GLY A 286 4.65 -17.78 24.80
N SER A 287 4.04 -18.83 24.29
CA SER A 287 4.24 -19.28 22.92
C SER A 287 2.93 -19.18 22.17
N ILE A 288 2.96 -18.54 21.00
CA ILE A 288 1.74 -18.28 20.23
C ILE A 288 1.81 -19.00 18.89
N PRO A 289 0.69 -19.46 18.36
CA PRO A 289 0.69 -20.05 17.01
C PRO A 289 1.05 -19.02 15.95
N ASN A 290 1.70 -19.50 14.89
CA ASN A 290 2.21 -18.64 13.83
C ASN A 290 1.48 -18.85 12.50
N ASP A 291 0.23 -19.31 12.55
CA ASP A 291 -0.54 -19.45 11.33
C ASP A 291 -1.00 -18.09 10.81
N LYS A 292 -1.46 -17.22 11.70
CA LYS A 292 -1.95 -15.91 11.30
C LYS A 292 -0.77 -15.00 10.93
N PRO A 293 -1.00 -14.02 10.04
CA PRO A 293 0.10 -13.13 9.63
C PRO A 293 0.41 -12.02 10.62
N PHE A 294 -0.51 -11.68 11.52
CA PHE A 294 -0.30 -10.58 12.46
C PHE A 294 -0.61 -11.05 13.87
N GLN A 295 -0.02 -10.36 14.84
CA GLN A 295 -0.19 -10.69 16.25
C GLN A 295 -0.25 -9.42 17.07
N ASN A 296 -0.90 -9.52 18.23
CA ASN A 296 -1.10 -8.40 19.14
C ASN A 296 -0.85 -8.85 20.57
N VAL A 297 0.18 -9.67 20.77
CA VAL A 297 0.49 -10.19 22.10
C VAL A 297 1.61 -9.38 22.71
N ASN A 298 2.77 -9.36 22.06
CA ASN A 298 3.89 -8.56 22.53
C ASN A 298 4.78 -8.22 21.35
N ARG A 299 5.61 -7.19 21.54
CA ARG A 299 6.50 -6.73 20.49
C ARG A 299 7.83 -7.46 20.47
N ILE A 300 8.09 -8.33 21.44
CA ILE A 300 9.35 -9.07 21.53
C ILE A 300 9.08 -10.50 21.11
N THR A 301 9.76 -10.95 20.06
CA THR A 301 9.53 -12.26 19.48
C THR A 301 10.85 -12.98 19.21
N TYR A 302 10.80 -14.31 19.26
CA TYR A 302 11.88 -15.16 18.81
C TYR A 302 11.32 -16.26 17.92
N GLY A 303 11.94 -16.45 16.77
CA GLY A 303 11.53 -17.49 15.85
C GLY A 303 10.73 -16.96 14.68
N ALA A 304 9.94 -17.86 14.08
CA ALA A 304 9.05 -17.52 12.98
C ALA A 304 7.74 -16.99 13.56
N CYS A 305 7.77 -15.71 13.92
CA CYS A 305 6.63 -15.09 14.57
C CYS A 305 5.94 -14.10 13.65
N PRO A 306 4.62 -13.96 13.76
CA PRO A 306 3.93 -12.95 12.95
C PRO A 306 4.26 -11.54 13.42
N ARG A 307 4.00 -10.59 12.53
CA ARG A 307 4.34 -9.20 12.79
C ARG A 307 3.43 -8.62 13.87
N TYR A 308 3.96 -7.66 14.62
CA TYR A 308 3.21 -7.00 15.68
C TYR A 308 2.44 -5.81 15.11
N VAL A 309 1.15 -5.76 15.42
CA VAL A 309 0.30 -4.65 15.04
C VAL A 309 -0.43 -4.16 16.29
N LYS A 310 -0.73 -2.87 16.31
CA LYS A 310 -1.41 -2.28 17.46
C LYS A 310 -2.91 -2.47 17.42
N GLN A 311 -3.44 -3.10 16.37
CA GLN A 311 -4.86 -3.37 16.27
C GLN A 311 -5.23 -4.61 17.04
N SER A 312 -6.48 -4.67 17.49
CA SER A 312 -6.98 -5.81 18.24
C SER A 312 -7.66 -6.85 17.36
N THR A 313 -8.33 -6.41 16.29
CA THR A 313 -9.01 -7.32 15.38
C THR A 313 -8.84 -6.84 13.95
N LEU A 314 -8.80 -7.79 13.02
CA LEU A 314 -8.72 -7.51 11.60
C LEU A 314 -9.37 -8.69 10.88
N LYS A 315 -10.56 -8.47 10.34
CA LYS A 315 -11.37 -9.55 9.78
C LYS A 315 -11.29 -9.53 8.27
N LEU A 316 -11.01 -10.68 7.68
CA LEU A 316 -10.92 -10.85 6.24
C LEU A 316 -12.16 -11.60 5.75
N ALA A 317 -12.76 -11.08 4.68
CA ALA A 317 -14.01 -11.64 4.17
C ALA A 317 -13.72 -12.91 3.39
N THR A 318 -14.21 -14.04 3.89
CA THR A 318 -14.13 -15.31 3.20
C THR A 318 -15.43 -15.72 2.54
N GLY A 319 -16.40 -14.82 2.47
CA GLY A 319 -17.67 -15.11 1.84
C GLY A 319 -18.25 -13.89 1.17
N MET A 320 -19.51 -13.96 0.75
CA MET A 320 -20.17 -12.86 0.08
C MET A 320 -21.05 -12.09 1.06
N ARG A 321 -21.71 -11.06 0.54
CA ARG A 321 -22.53 -10.19 1.38
C ARG A 321 -23.76 -10.94 1.88
N ASN A 322 -24.16 -10.61 3.12
CA ASN A 322 -25.30 -11.25 3.76
C ASN A 322 -26.49 -10.31 3.68
N VAL A 323 -27.51 -10.70 2.92
CA VAL A 323 -28.72 -9.91 2.78
C VAL A 323 -29.89 -10.73 3.32
N PRO A 324 -30.23 -10.60 4.59
CA PRO A 324 -31.38 -11.33 5.12
C PRO A 324 -32.69 -10.71 4.65
N GLU A 325 -33.77 -11.46 4.86
CA GLU A 325 -35.10 -11.01 4.47
C GLU A 325 -35.54 -9.81 5.30
N GLU A 340 -32.97 -9.61 -4.73
CA GLU A 340 -32.65 -8.49 -3.86
C GLU A 340 -32.32 -8.97 -2.45
N ASN A 341 -32.63 -10.24 -2.17
CA ASN A 341 -32.35 -10.83 -0.88
C ASN A 341 -31.76 -12.22 -1.09
N GLY A 342 -31.05 -12.69 -0.07
CA GLY A 342 -30.47 -14.02 -0.11
C GLY A 342 -31.44 -15.09 0.35
N TRP A 343 -31.11 -16.34 0.02
CA TRP A 343 -31.92 -17.49 0.37
C TRP A 343 -31.22 -18.24 1.50
N GLU A 344 -31.89 -18.35 2.64
CA GLU A 344 -31.30 -18.96 3.82
C GLU A 344 -31.43 -20.47 3.83
N GLY A 345 -32.43 -21.02 3.16
CA GLY A 345 -32.63 -22.45 3.13
C GLY A 345 -31.85 -23.20 2.09
N MET A 346 -31.03 -22.50 1.30
CA MET A 346 -30.22 -23.12 0.26
C MET A 346 -28.89 -23.50 0.88
N VAL A 347 -28.77 -24.77 1.27
CA VAL A 347 -27.62 -25.26 2.02
C VAL A 347 -26.73 -26.16 1.19
N ASP A 348 -26.86 -26.12 -0.14
CA ASP A 348 -26.06 -26.97 -1.02
C ASP A 348 -25.17 -26.19 -1.96
N GLY A 349 -25.19 -24.87 -1.94
CA GLY A 349 -24.33 -24.09 -2.81
C GLY A 349 -24.39 -22.62 -2.44
N TRP A 350 -23.60 -21.84 -3.17
CA TRP A 350 -23.54 -20.39 -2.97
C TRP A 350 -24.48 -19.65 -3.89
N TYR A 351 -24.57 -20.05 -5.16
CA TYR A 351 -25.45 -19.44 -6.14
C TYR A 351 -26.37 -20.51 -6.69
N GLY A 352 -27.59 -20.12 -7.08
CA GLY A 352 -28.53 -21.13 -7.52
C GLY A 352 -29.78 -20.58 -8.15
N PHE A 353 -30.67 -21.52 -8.48
CA PHE A 353 -31.91 -21.28 -9.21
C PHE A 353 -33.10 -21.64 -8.34
N ARG A 354 -34.21 -20.93 -8.58
CA ARG A 354 -35.51 -21.27 -8.01
C ARG A 354 -36.54 -21.13 -9.11
N TRP A 355 -37.27 -22.20 -9.40
CA TRP A 355 -38.13 -22.24 -10.56
C TRP A 355 -39.57 -22.60 -10.18
N GLN A 356 -40.51 -22.04 -10.94
CA GLN A 356 -41.91 -22.37 -10.84
C GLN A 356 -42.43 -22.73 -12.22
N ASN A 357 -43.10 -23.88 -12.32
CA ASN A 357 -43.62 -24.37 -13.58
C ASN A 357 -44.83 -25.26 -13.28
N SER A 358 -45.35 -25.91 -14.32
CA SER A 358 -46.59 -26.67 -14.20
C SER A 358 -46.47 -27.81 -13.21
N GLU A 359 -45.30 -28.45 -13.13
CA GLU A 359 -45.10 -29.54 -12.19
C GLU A 359 -44.84 -29.07 -10.76
N GLY A 360 -44.67 -27.76 -10.55
CA GLY A 360 -44.52 -27.26 -9.20
C GLY A 360 -43.41 -26.26 -9.00
N ARG A 361 -42.87 -26.23 -7.79
CA ARG A 361 -41.84 -25.28 -7.40
C ARG A 361 -40.61 -26.03 -6.94
N GLY A 362 -39.44 -25.44 -7.19
CA GLY A 362 -38.22 -26.12 -6.83
C GLY A 362 -37.05 -25.18 -6.71
N GLN A 363 -35.96 -25.69 -6.16
CA GLN A 363 -34.75 -24.93 -5.93
C GLN A 363 -33.55 -25.85 -6.10
N ALA A 364 -32.46 -25.27 -6.60
CA ALA A 364 -31.23 -26.03 -6.79
C ALA A 364 -30.05 -25.07 -6.77
N ALA A 365 -28.85 -25.63 -6.63
CA ALA A 365 -27.63 -24.86 -6.58
C ALA A 365 -26.76 -25.17 -7.79
N ASP A 366 -25.92 -24.20 -8.16
CA ASP A 366 -24.97 -24.33 -9.26
C ASP A 366 -23.59 -24.60 -8.67
N LEU A 367 -22.95 -25.67 -9.14
CA LEU A 367 -21.70 -26.10 -8.54
C LEU A 367 -20.49 -25.40 -9.14
N LYS A 368 -20.53 -25.07 -10.43
CA LYS A 368 -19.36 -24.50 -11.08
C LYS A 368 -19.00 -23.14 -10.53
N SER A 369 -19.98 -22.23 -10.43
CA SER A 369 -19.71 -20.89 -9.92
C SER A 369 -19.31 -20.93 -8.45
N THR A 370 -19.99 -21.77 -7.67
CA THR A 370 -19.63 -21.95 -6.27
C THR A 370 -18.18 -22.40 -6.13
N GLN A 371 -17.77 -23.39 -6.92
CA GLN A 371 -16.40 -23.88 -6.83
C GLN A 371 -15.40 -22.83 -7.30
N ALA A 372 -15.74 -22.04 -8.31
CA ALA A 372 -14.83 -20.98 -8.75
C ALA A 372 -14.60 -19.95 -7.65
N ALA A 373 -15.68 -19.48 -7.02
CA ALA A 373 -15.54 -18.51 -5.94
C ALA A 373 -14.76 -19.10 -4.76
N ILE A 374 -15.06 -20.35 -4.40
CA ILE A 374 -14.36 -20.99 -3.29
C ILE A 374 -12.88 -21.12 -3.61
N ASP A 375 -12.55 -21.48 -4.86
CA ASP A 375 -11.15 -21.65 -5.23
C ASP A 375 -10.40 -20.33 -5.17
N GLN A 376 -11.01 -19.24 -5.64
CA GLN A 376 -10.33 -17.95 -5.57
C GLN A 376 -10.11 -17.51 -4.13
N ILE A 377 -11.13 -17.67 -3.27
CA ILE A 377 -10.97 -17.29 -1.88
C ILE A 377 -9.91 -18.15 -1.19
N ASN A 378 -9.89 -19.45 -1.50
CA ASN A 378 -8.89 -20.33 -0.93
C ASN A 378 -7.49 -19.97 -1.40
N GLY A 379 -7.34 -19.55 -2.65
CA GLY A 379 -6.04 -19.09 -3.12
C GLY A 379 -5.56 -17.87 -2.37
N ILE A 380 -6.46 -16.90 -2.15
CA ILE A 380 -6.10 -15.72 -1.36
C ILE A 380 -5.66 -16.14 0.04
N LEU A 381 -6.43 -17.01 0.68
CA LEU A 381 -6.12 -17.44 2.04
C LEU A 381 -4.78 -18.15 2.09
N ASN A 382 -4.51 -19.02 1.13
CA ASN A 382 -3.24 -19.73 1.09
C ASN A 382 -2.08 -18.77 0.88
N ARG A 383 -2.30 -17.71 0.10
CA ARG A 383 -1.27 -16.69 -0.07
C ARG A 383 -1.02 -15.89 1.19
N LEU A 384 -2.03 -15.74 2.05
CA LEU A 384 -1.86 -14.96 3.28
C LEU A 384 -1.47 -15.80 4.49
N ILE A 385 -2.12 -16.94 4.69
CA ILE A 385 -1.99 -17.71 5.92
C ILE A 385 -0.84 -18.70 5.80
N GLY A 386 0.05 -18.70 6.79
CA GLY A 386 1.11 -19.68 6.90
C GLY A 386 2.49 -19.20 6.51
N LYS A 387 2.61 -18.03 5.89
CA LYS A 387 3.88 -17.51 5.42
C LYS A 387 4.42 -16.53 6.47
N THR A 388 5.52 -16.93 7.12
CA THR A 388 6.07 -16.16 8.22
C THR A 388 7.59 -16.15 8.13
N ASN A 389 8.19 -14.99 8.39
CA ASN A 389 9.63 -14.82 8.36
C ASN A 389 10.25 -15.09 9.73
N GLU A 390 11.54 -15.38 9.72
CA GLU A 390 12.28 -15.72 10.93
C GLU A 390 13.21 -14.58 11.30
N LYS A 391 13.06 -14.06 12.52
CA LYS A 391 13.96 -13.05 13.08
C LYS A 391 14.45 -13.56 14.42
N PHE A 392 15.77 -13.64 14.59
CA PHE A 392 16.36 -14.31 15.73
C PHE A 392 16.84 -13.35 16.81
N HIS A 393 17.80 -12.48 16.49
CA HIS A 393 18.35 -11.54 17.44
C HIS A 393 18.07 -10.12 16.97
N GLN A 394 17.50 -9.32 17.86
CA GLN A 394 17.10 -7.96 17.54
C GLN A 394 17.53 -7.05 18.69
N ILE A 395 17.04 -5.81 18.67
CA ILE A 395 17.38 -4.86 19.72
C ILE A 395 16.44 -5.02 20.91
N GLU A 396 16.84 -4.44 22.04
CA GLU A 396 16.01 -4.44 23.24
C GLU A 396 14.86 -3.46 23.07
N LYS A 397 13.68 -3.87 23.51
CA LYS A 397 12.47 -3.07 23.38
C LYS A 397 11.85 -2.65 24.70
N GLU A 398 12.38 -3.13 25.83
CA GLU A 398 11.92 -2.71 27.15
C GLU A 398 13.12 -2.31 27.99
N PHE A 399 12.98 -1.19 28.71
CA PHE A 399 14.07 -0.63 29.49
C PHE A 399 13.62 -0.36 30.91
N SER A 400 14.51 -0.60 31.87
CA SER A 400 14.22 -0.36 33.28
C SER A 400 14.82 0.92 33.82
N GLU A 401 15.81 1.49 33.14
CA GLU A 401 16.45 2.73 33.53
C GLU A 401 16.36 3.74 32.39
N VAL A 402 16.74 4.98 32.70
CA VAL A 402 16.83 6.04 31.71
C VAL A 402 18.31 6.39 31.54
N GLU A 403 18.77 6.44 30.29
CA GLU A 403 20.18 6.65 30.00
C GLU A 403 20.47 7.68 28.93
N GLY A 404 19.48 8.10 28.13
CA GLY A 404 19.65 9.24 27.25
C GLY A 404 19.27 8.91 25.81
N ARG A 405 20.14 9.32 24.88
CA ARG A 405 19.76 9.47 23.48
C ARG A 405 19.75 8.16 22.70
N VAL A 406 20.58 7.18 23.08
CA VAL A 406 20.59 5.91 22.36
C VAL A 406 19.30 5.14 22.61
N GLN A 407 18.86 5.11 23.88
CA GLN A 407 17.59 4.47 24.21
C GLN A 407 16.43 5.18 23.52
N ASP A 408 16.49 6.50 23.43
CA ASP A 408 15.47 7.26 22.70
C ASP A 408 15.45 6.87 21.24
N LEU A 409 16.62 6.70 20.63
CA LEU A 409 16.68 6.29 19.22
C LEU A 409 16.08 4.90 19.03
N GLU A 410 16.38 3.97 19.94
CA GLU A 410 15.81 2.64 19.83
C GLU A 410 14.29 2.65 19.95
N LYS A 411 13.77 3.42 20.91
CA LYS A 411 12.33 3.54 21.06
C LYS A 411 11.69 4.15 19.81
N TYR A 412 12.32 5.18 19.25
CA TYR A 412 11.81 5.81 18.05
C TYR A 412 11.75 4.82 16.89
N VAL A 413 12.82 4.04 16.70
CA VAL A 413 12.85 3.08 15.60
C VAL A 413 11.75 2.06 15.75
N GLU A 414 11.59 1.51 16.95
CA GLU A 414 10.57 0.48 17.15
C GLU A 414 9.16 1.04 16.94
N ASP A 415 8.90 2.25 17.46
CA ASP A 415 7.58 2.84 17.28
C ASP A 415 7.28 3.12 15.81
N THR A 416 8.27 3.61 15.07
CA THR A 416 8.07 3.86 13.64
C THR A 416 7.74 2.57 12.90
N LYS A 417 8.47 1.50 13.19
CA LYS A 417 8.21 0.22 12.54
C LYS A 417 6.81 -0.28 12.85
N ILE A 418 6.40 -0.17 14.12
CA ILE A 418 5.09 -0.65 14.52
C ILE A 418 3.98 0.13 13.80
N ASP A 419 4.11 1.45 13.74
CA ASP A 419 3.09 2.25 13.07
C ASP A 419 3.00 1.92 11.60
N LEU A 420 4.14 1.78 10.93
CA LEU A 420 4.13 1.45 9.50
C LEU A 420 3.47 0.10 9.26
N TRP A 421 3.77 -0.90 10.09
CA TRP A 421 3.18 -2.21 9.88
C TRP A 421 1.68 -2.21 10.17
N SER A 422 1.23 -1.43 11.16
CA SER A 422 -0.20 -1.33 11.40
C SER A 422 -0.93 -0.72 10.21
N TYR A 423 -0.36 0.34 9.63
CA TYR A 423 -0.95 0.93 8.44
C TYR A 423 -1.03 -0.08 7.31
N ASN A 424 0.06 -0.83 7.09
CA ASN A 424 0.08 -1.81 6.01
C ASN A 424 -0.98 -2.88 6.21
N ALA A 425 -1.12 -3.37 7.45
CA ALA A 425 -2.13 -4.40 7.72
C ALA A 425 -3.53 -3.89 7.43
N GLU A 426 -3.85 -2.68 7.90
CA GLU A 426 -5.20 -2.14 7.66
C GLU A 426 -5.47 -1.99 6.17
N LEU A 427 -4.52 -1.41 5.43
CA LEU A 427 -4.75 -1.21 4.00
C LEU A 427 -4.90 -2.53 3.26
N LEU A 428 -4.08 -3.53 3.60
CA LEU A 428 -4.17 -4.82 2.94
C LEU A 428 -5.52 -5.47 3.18
N VAL A 429 -6.00 -5.43 4.43
CA VAL A 429 -7.30 -6.03 4.73
C VAL A 429 -8.40 -5.34 3.93
N ALA A 430 -8.37 -4.01 3.89
CA ALA A 430 -9.40 -3.27 3.15
C ALA A 430 -9.37 -3.65 1.66
N LEU A 431 -8.19 -3.68 1.06
CA LEU A 431 -8.08 -4.00 -0.36
C LEU A 431 -8.60 -5.40 -0.67
N ILE A 432 -8.19 -6.38 0.13
CA ILE A 432 -8.58 -7.75 -0.16
C ILE A 432 -10.08 -7.94 0.06
N ASN A 433 -10.65 -7.31 1.08
CA ASN A 433 -12.09 -7.40 1.27
C ASN A 433 -12.85 -6.79 0.11
N GLN A 434 -12.39 -5.64 -0.38
CA GLN A 434 -13.05 -5.00 -1.51
C GLN A 434 -13.04 -5.92 -2.73
N HIS A 435 -11.87 -6.50 -3.05
CA HIS A 435 -11.80 -7.35 -4.23
C HIS A 435 -12.57 -8.65 -4.06
N THR A 436 -12.62 -9.20 -2.85
CA THR A 436 -13.41 -10.41 -2.61
C THR A 436 -14.90 -10.15 -2.82
N ILE A 437 -15.41 -9.05 -2.29
CA ILE A 437 -16.82 -8.73 -2.49
C ILE A 437 -17.09 -8.49 -3.97
N ASP A 438 -16.17 -7.79 -4.66
CA ASP A 438 -16.35 -7.55 -6.09
C ASP A 438 -16.43 -8.85 -6.87
N LEU A 439 -15.55 -9.81 -6.59
CA LEU A 439 -15.58 -11.06 -7.33
C LEU A 439 -16.83 -11.88 -6.99
N THR A 440 -17.27 -11.85 -5.74
CA THR A 440 -18.48 -12.60 -5.39
C THR A 440 -19.70 -12.04 -6.11
N ASP A 441 -19.80 -10.72 -6.25
CA ASP A 441 -20.89 -10.17 -7.03
C ASP A 441 -20.72 -10.46 -8.52
N SER A 442 -19.48 -10.46 -9.01
CA SER A 442 -19.23 -10.73 -10.42
C SER A 442 -19.66 -12.13 -10.80
N GLU A 443 -19.51 -13.09 -9.89
CA GLU A 443 -19.94 -14.46 -10.21
C GLU A 443 -21.44 -14.53 -10.44
N MET A 444 -22.22 -13.86 -9.58
CA MET A 444 -23.67 -13.82 -9.76
C MET A 444 -24.05 -13.13 -11.06
N ASN A 445 -23.37 -12.01 -11.38
CA ASN A 445 -23.65 -11.33 -12.64
C ASN A 445 -23.32 -12.21 -13.83
N LYS A 446 -22.22 -12.97 -13.76
CA LYS A 446 -21.85 -13.87 -14.84
C LYS A 446 -22.90 -14.95 -15.04
N LEU A 447 -23.38 -15.55 -13.95
CA LEU A 447 -24.42 -16.57 -14.08
C LEU A 447 -25.69 -15.98 -14.67
N PHE A 448 -26.08 -14.78 -14.24
CA PHE A 448 -27.26 -14.13 -14.80
C PHE A 448 -27.11 -13.90 -16.30
N GLU A 449 -25.96 -13.38 -16.71
CA GLU A 449 -25.75 -13.09 -18.13
C GLU A 449 -25.71 -14.37 -18.96
N LYS A 450 -25.10 -15.43 -18.44
CA LYS A 450 -25.06 -16.69 -19.15
C LYS A 450 -26.47 -17.24 -19.35
N THR A 451 -27.29 -17.22 -18.30
CA THR A 451 -28.65 -17.71 -18.43
C THR A 451 -29.47 -16.84 -19.38
N LYS A 452 -29.23 -15.53 -19.39
CA LYS A 452 -29.94 -14.66 -20.33
C LYS A 452 -29.54 -14.95 -21.77
N LYS A 453 -28.24 -15.17 -22.01
CA LYS A 453 -27.79 -15.44 -23.37
C LYS A 453 -28.27 -16.81 -23.85
N GLN A 454 -28.46 -17.77 -22.93
CA GLN A 454 -29.01 -19.06 -23.33
C GLN A 454 -30.42 -18.92 -23.89
N LEU A 455 -31.26 -18.12 -23.24
CA LEU A 455 -32.64 -17.91 -23.66
C LEU A 455 -32.67 -16.64 -24.50
N ARG A 456 -32.52 -16.80 -25.82
CA ARG A 456 -32.32 -15.64 -26.68
C ARG A 456 -33.58 -14.78 -26.76
N GLU A 457 -34.64 -15.34 -27.33
CA GLU A 457 -35.90 -14.62 -27.47
C GLU A 457 -37.06 -15.33 -26.81
N ASN A 458 -36.81 -16.43 -26.11
CA ASN A 458 -37.86 -17.19 -25.46
C ASN A 458 -38.08 -16.79 -24.02
N ALA A 459 -37.33 -15.82 -23.50
CA ALA A 459 -37.48 -15.37 -22.13
C ALA A 459 -37.34 -13.86 -22.06
N GLU A 460 -38.02 -13.27 -21.10
CA GLU A 460 -37.93 -11.84 -20.84
C GLU A 460 -37.44 -11.60 -19.42
N ASP A 461 -36.54 -10.65 -19.26
CA ASP A 461 -35.90 -10.37 -17.98
C ASP A 461 -36.77 -9.43 -17.16
N MET A 462 -37.49 -9.98 -16.19
CA MET A 462 -38.13 -9.13 -15.20
C MET A 462 -37.05 -8.48 -14.34
N GLY A 463 -37.30 -7.24 -13.92
CA GLY A 463 -36.26 -6.45 -13.29
C GLY A 463 -35.74 -7.01 -11.98
N ASN A 464 -36.46 -7.95 -11.37
CA ASN A 464 -36.12 -8.45 -10.04
C ASN A 464 -35.19 -9.66 -10.08
N GLY A 465 -34.38 -9.80 -11.12
CA GLY A 465 -33.49 -10.93 -11.22
C GLY A 465 -34.12 -12.22 -11.68
N CYS A 466 -35.31 -12.18 -12.26
CA CYS A 466 -36.02 -13.36 -12.70
C CYS A 466 -36.26 -13.30 -14.20
N PHE A 467 -36.45 -14.48 -14.79
CA PHE A 467 -36.79 -14.61 -16.20
C PHE A 467 -38.18 -15.22 -16.32
N LYS A 468 -39.02 -14.58 -17.14
CA LYS A 468 -40.31 -15.12 -17.51
C LYS A 468 -40.12 -15.83 -18.85
N ILE A 469 -40.26 -17.16 -18.83
CA ILE A 469 -40.05 -17.98 -20.02
C ILE A 469 -41.39 -18.28 -20.64
N TYR A 470 -41.55 -17.90 -21.91
CA TYR A 470 -42.85 -17.80 -22.57
C TYR A 470 -43.25 -19.08 -23.29
N HIS A 471 -42.81 -20.24 -22.82
CA HIS A 471 -43.23 -21.52 -23.38
C HIS A 471 -43.47 -22.51 -22.25
N LYS A 472 -43.83 -23.73 -22.62
CA LYS A 472 -44.08 -24.79 -21.66
C LYS A 472 -42.76 -25.35 -21.17
N CYS A 473 -42.37 -25.00 -19.96
CA CYS A 473 -41.14 -25.50 -19.35
C CYS A 473 -41.51 -26.50 -18.27
N ASP A 474 -41.02 -27.73 -18.41
CA ASP A 474 -41.16 -28.75 -17.39
C ASP A 474 -39.85 -28.90 -16.62
N ASN A 475 -39.77 -29.91 -15.76
CA ASN A 475 -38.54 -30.14 -15.01
C ASN A 475 -37.38 -30.49 -15.92
N ALA A 476 -37.65 -31.23 -17.00
CA ALA A 476 -36.58 -31.60 -17.94
C ALA A 476 -35.99 -30.38 -18.62
N CYS A 477 -36.82 -29.41 -19.02
CA CYS A 477 -36.31 -28.23 -19.69
C CYS A 477 -35.50 -27.36 -18.73
N ILE A 478 -35.95 -27.22 -17.49
CA ILE A 478 -35.19 -26.46 -16.50
C ILE A 478 -33.86 -27.14 -16.24
N GLY A 479 -33.87 -28.47 -16.13
CA GLY A 479 -32.62 -29.19 -15.99
C GLY A 479 -31.71 -29.01 -17.18
N SER A 480 -32.27 -28.88 -18.38
CA SER A 480 -31.46 -28.60 -19.56
C SER A 480 -30.84 -27.21 -19.51
N ILE A 481 -31.60 -26.21 -19.03
CA ILE A 481 -31.02 -24.89 -18.85
C ILE A 481 -29.88 -24.95 -17.84
N ARG A 482 -30.06 -25.69 -16.75
CA ARG A 482 -29.01 -25.80 -15.74
C ARG A 482 -27.86 -26.69 -16.19
N ASN A 483 -28.06 -27.51 -17.22
CA ASN A 483 -27.02 -28.35 -17.79
C ASN A 483 -26.17 -27.66 -18.85
N GLU A 484 -26.56 -26.48 -19.31
CA GLU A 484 -25.95 -25.82 -20.47
C GLU A 484 -26.12 -26.66 -21.75
N THR A 485 -27.24 -27.35 -21.85
CA THR A 485 -27.60 -28.13 -23.03
C THR A 485 -29.02 -27.76 -23.47
N TYR A 486 -29.28 -26.46 -23.54
CA TYR A 486 -30.59 -25.93 -23.88
C TYR A 486 -30.58 -25.44 -25.32
N ASP A 487 -31.47 -25.99 -26.14
CA ASP A 487 -31.58 -25.62 -27.54
C ASP A 487 -32.79 -24.70 -27.69
N HIS A 488 -32.54 -23.44 -28.07
CA HIS A 488 -33.62 -22.46 -28.15
C HIS A 488 -34.42 -22.55 -29.44
N ASN A 489 -33.93 -23.28 -30.44
CA ASN A 489 -34.64 -23.35 -31.71
C ASN A 489 -35.87 -24.23 -31.65
N VAL A 490 -35.95 -25.15 -30.69
CA VAL A 490 -37.13 -26.00 -30.58
C VAL A 490 -38.34 -25.20 -30.12
N TYR A 491 -38.14 -24.31 -29.15
CA TYR A 491 -39.22 -23.57 -28.50
C TYR A 491 -39.43 -22.19 -29.09
N ARG A 492 -38.75 -21.86 -30.19
CA ARG A 492 -38.72 -20.48 -30.67
C ARG A 492 -40.09 -20.01 -31.16
N ASP A 493 -40.78 -20.85 -31.92
CA ASP A 493 -42.05 -20.42 -32.51
C ASP A 493 -43.11 -20.17 -31.44
N GLU A 494 -43.26 -21.10 -30.50
CA GLU A 494 -44.23 -20.93 -29.43
C GLU A 494 -43.92 -19.72 -28.57
N ALA A 495 -42.65 -19.54 -28.23
CA ALA A 495 -42.25 -18.41 -27.40
C ALA A 495 -42.49 -17.08 -28.12
N LEU A 496 -42.18 -17.01 -29.41
CA LEU A 496 -42.43 -15.79 -30.17
C LEU A 496 -43.92 -15.52 -30.28
N ASN A 497 -44.73 -16.57 -30.46
CA ASN A 497 -46.17 -16.38 -30.56
C ASN A 497 -46.74 -15.85 -29.25
N ASN A 498 -46.28 -16.38 -28.13
CA ASN A 498 -46.81 -15.96 -26.84
C ASN A 498 -46.30 -14.57 -26.45
N ARG A 499 -45.03 -14.27 -26.75
CA ARG A 499 -44.41 -13.07 -26.23
C ARG A 499 -44.91 -11.82 -26.94
N PHE A 500 -45.07 -11.88 -28.25
CA PHE A 500 -45.51 -10.71 -29.01
C PHE A 500 -47.00 -10.78 -29.33
N GLU B 1 -18.28 29.48 -8.73
CA GLU B 1 -19.30 29.75 -9.75
C GLU B 1 -18.81 30.82 -10.73
N VAL B 2 -19.70 31.24 -11.62
CA VAL B 2 -19.37 32.21 -12.66
C VAL B 2 -19.95 33.56 -12.26
N GLN B 3 -19.10 34.57 -12.20
CA GLN B 3 -19.50 35.94 -11.93
C GLN B 3 -19.03 36.85 -13.06
N LEU B 4 -19.77 37.92 -13.29
CA LEU B 4 -19.45 38.88 -14.33
C LEU B 4 -19.37 40.27 -13.74
N LEU B 5 -18.40 41.05 -14.21
CA LEU B 5 -18.19 42.41 -13.73
C LEU B 5 -18.06 43.37 -14.90
N GLU B 6 -18.72 44.52 -14.79
CA GLU B 6 -18.81 45.49 -15.88
C GLU B 6 -17.89 46.67 -15.62
N SER B 7 -17.39 47.26 -16.70
CA SER B 7 -16.47 48.39 -16.60
C SER B 7 -16.59 49.24 -17.85
N GLY B 8 -16.69 50.55 -17.67
CA GLY B 8 -16.71 51.46 -18.79
C GLY B 8 -17.09 52.88 -18.39
N PRO B 9 -17.05 53.80 -19.36
CA PRO B 9 -17.44 55.18 -19.09
C PRO B 9 -18.86 55.31 -18.57
N GLY B 10 -19.06 56.24 -17.63
CA GLY B 10 -20.38 56.49 -17.09
C GLY B 10 -21.12 57.61 -17.81
N LEU B 11 -20.40 58.42 -18.56
CA LEU B 11 -20.96 59.54 -19.30
C LEU B 11 -20.40 59.54 -20.71
N VAL B 12 -21.27 59.67 -21.70
CA VAL B 12 -20.88 59.71 -23.11
C VAL B 12 -21.55 60.92 -23.76
N LYS B 13 -20.74 61.76 -24.41
CA LYS B 13 -21.28 62.91 -25.11
C LYS B 13 -22.05 62.46 -26.35
N PRO B 14 -23.09 63.20 -26.73
CA PRO B 14 -23.90 62.80 -27.89
C PRO B 14 -23.08 62.70 -29.16
N SER B 15 -23.57 61.87 -30.08
CA SER B 15 -22.94 61.62 -31.38
C SER B 15 -21.56 61.00 -31.24
N GLU B 16 -21.33 60.24 -30.17
CA GLU B 16 -20.08 59.54 -29.94
C GLU B 16 -20.36 58.08 -29.64
N THR B 17 -19.30 57.28 -29.69
CA THR B 17 -19.40 55.83 -29.47
C THR B 17 -19.28 55.52 -27.99
N LEU B 18 -20.15 54.66 -27.49
CA LEU B 18 -20.12 54.19 -26.11
C LEU B 18 -19.52 52.80 -26.06
N SER B 19 -18.55 52.60 -25.18
CA SER B 19 -17.83 51.34 -25.06
C SER B 19 -17.98 50.79 -23.66
N LEU B 20 -18.25 49.49 -23.55
CA LEU B 20 -18.37 48.81 -22.27
C LEU B 20 -17.69 47.47 -22.36
N THR B 21 -17.22 46.97 -21.22
CA THR B 21 -16.56 45.67 -21.17
C THR B 21 -17.12 44.87 -20.00
N CYS B 22 -17.23 43.56 -20.18
CA CYS B 22 -17.66 42.65 -19.13
C CYS B 22 -16.61 41.55 -19.01
N SER B 23 -16.13 41.34 -17.79
CA SER B 23 -15.09 40.36 -17.48
C SER B 23 -15.68 39.22 -16.66
N LEU B 24 -15.21 38.01 -16.96
CA LEU B 24 -15.77 36.78 -16.42
C LEU B 24 -14.78 36.16 -15.43
N SER B 25 -15.28 35.77 -14.26
CA SER B 25 -14.48 35.14 -13.23
C SER B 25 -15.13 33.84 -12.82
N GLY B 26 -14.34 32.77 -12.75
CA GLY B 26 -14.83 31.46 -12.35
C GLY B 26 -15.10 30.52 -13.48
N GLY B 27 -14.90 30.93 -14.73
CA GLY B 27 -15.16 30.07 -15.87
C GLY B 27 -14.41 30.56 -17.08
N PHE B 28 -14.58 29.85 -18.19
CA PHE B 28 -13.91 30.16 -19.44
C PHE B 28 -14.92 30.59 -20.49
N VAL B 29 -14.53 31.58 -21.28
CA VAL B 29 -15.41 32.19 -22.27
C VAL B 29 -15.50 31.29 -23.49
N THR B 30 -14.54 30.39 -23.63
CA THR B 30 -14.40 29.57 -24.83
C THR B 30 -15.17 28.25 -24.74
N ARG B 31 -16.29 28.23 -24.02
CA ARG B 31 -17.11 27.04 -23.92
C ARG B 31 -18.27 27.10 -24.91
N ASN B 32 -18.64 25.94 -25.45
CA ASN B 32 -19.59 25.90 -26.56
C ASN B 32 -21.00 26.29 -26.15
N SER B 33 -21.31 26.31 -24.86
CA SER B 33 -22.66 26.59 -24.39
C SER B 33 -22.82 27.99 -23.81
N TYR B 34 -21.82 28.85 -23.95
CA TYR B 34 -21.86 30.19 -23.40
C TYR B 34 -22.17 31.19 -24.51
N TYR B 35 -23.25 31.95 -24.35
CA TYR B 35 -23.68 32.96 -25.31
C TYR B 35 -23.72 34.29 -24.55
N LEU B 36 -22.62 35.03 -24.59
CA LEU B 36 -22.50 36.20 -23.74
C LEU B 36 -23.29 37.36 -24.32
N SER B 37 -24.23 37.90 -23.54
CA SER B 37 -25.22 38.83 -24.08
C SER B 37 -25.23 40.11 -23.26
N TRP B 38 -25.75 41.17 -23.88
CA TRP B 38 -25.87 42.48 -23.26
C TRP B 38 -27.34 42.89 -23.25
N VAL B 39 -27.81 43.37 -22.11
CA VAL B 39 -29.19 43.79 -21.93
C VAL B 39 -29.17 45.21 -21.37
N ARG B 40 -30.26 45.95 -21.55
CA ARG B 40 -30.32 47.35 -21.14
C ARG B 40 -31.73 47.70 -20.68
N GLN B 41 -31.81 48.62 -19.71
CA GLN B 41 -33.08 49.06 -19.16
C GLN B 41 -33.07 50.58 -19.05
N PRO B 42 -33.86 51.28 -19.86
CA PRO B 42 -34.10 52.71 -19.62
C PRO B 42 -34.89 52.90 -18.34
N PRO B 43 -34.65 53.99 -17.62
CA PRO B 43 -35.38 54.23 -16.38
C PRO B 43 -36.88 54.36 -16.63
N GLY B 44 -37.66 53.58 -15.89
CA GLY B 44 -39.11 53.66 -15.96
C GLY B 44 -39.76 52.88 -17.09
N LYS B 45 -39.00 52.11 -17.86
CA LYS B 45 -39.53 51.30 -18.95
C LYS B 45 -39.06 49.86 -18.81
N GLY B 46 -39.46 49.04 -19.79
CA GLY B 46 -39.12 47.63 -19.78
C GLY B 46 -37.66 47.38 -20.14
N MET B 47 -37.29 46.11 -20.08
CA MET B 47 -35.91 45.72 -20.30
C MET B 47 -35.74 45.15 -21.70
N GLU B 48 -34.63 45.53 -22.34
CA GLU B 48 -34.46 45.30 -23.78
C GLU B 48 -33.16 44.56 -24.05
N TRP B 49 -33.25 43.59 -24.95
CA TRP B 49 -32.11 42.77 -25.36
C TRP B 49 -31.34 43.48 -26.47
N ILE B 50 -30.01 43.44 -26.38
CA ILE B 50 -29.17 44.12 -27.35
C ILE B 50 -28.57 43.12 -28.32
N GLY B 51 -27.82 42.15 -27.81
CA GLY B 51 -27.26 41.13 -28.66
C GLY B 51 -26.33 40.23 -27.89
N TYR B 52 -25.94 39.14 -28.54
CA TYR B 52 -25.05 38.15 -27.95
C TYR B 52 -23.88 37.87 -28.89
N VAL B 53 -22.80 37.39 -28.29
CA VAL B 53 -21.59 36.99 -28.98
C VAL B 53 -21.19 35.60 -28.48
N HIS B 54 -20.53 34.84 -29.36
CA HIS B 54 -20.12 33.48 -29.08
C HIS B 54 -18.67 33.31 -29.53
N HIS B 55 -17.98 32.33 -28.95
CA HIS B 55 -16.56 32.14 -29.20
C HIS B 55 -16.27 31.59 -30.59
N SER B 56 -17.27 31.13 -31.32
CA SER B 56 -17.07 30.67 -32.69
C SER B 56 -17.09 31.82 -33.69
N GLY B 57 -16.98 33.06 -33.23
CA GLY B 57 -17.03 34.19 -34.12
C GLY B 57 -18.40 34.52 -34.64
N GLU B 58 -19.46 34.07 -33.98
CA GLU B 58 -20.83 34.31 -34.39
C GLU B 58 -21.46 35.31 -33.43
N THR B 59 -22.08 36.35 -33.99
CA THR B 59 -22.75 37.38 -33.22
C THR B 59 -24.18 37.51 -33.72
N LYS B 60 -25.05 38.05 -32.86
CA LYS B 60 -26.45 38.25 -33.24
C LYS B 60 -27.03 39.38 -32.42
N TYR B 61 -27.48 40.43 -33.09
CA TYR B 61 -27.96 41.64 -32.44
C TYR B 61 -29.45 41.82 -32.65
N ASN B 62 -30.04 42.70 -31.84
CA ASN B 62 -31.46 43.00 -31.96
C ASN B 62 -31.71 43.84 -33.21
N PRO B 63 -32.76 43.53 -33.99
CA PRO B 63 -33.03 44.36 -35.18
C PRO B 63 -33.29 45.83 -34.87
N SER B 64 -33.77 46.15 -33.66
CA SER B 64 -34.04 47.54 -33.33
C SER B 64 -32.77 48.38 -33.37
N LEU B 65 -31.68 47.84 -32.81
CA LEU B 65 -30.37 48.47 -32.96
C LEU B 65 -29.77 47.96 -34.28
N LYS B 66 -30.17 48.62 -35.37
CA LYS B 66 -30.00 48.05 -36.70
C LYS B 66 -28.53 47.89 -37.07
N SER B 67 -27.76 48.96 -36.98
CA SER B 67 -26.38 48.91 -37.44
C SER B 67 -25.37 49.59 -36.53
N ARG B 68 -25.80 50.28 -35.48
CA ARG B 68 -24.87 51.01 -34.60
C ARG B 68 -24.45 50.19 -33.40
N VAL B 69 -24.38 48.87 -33.51
CA VAL B 69 -23.99 47.99 -32.42
C VAL B 69 -22.93 47.03 -32.93
N THR B 70 -21.96 46.74 -32.08
CA THR B 70 -20.97 45.71 -32.39
C THR B 70 -20.47 45.07 -31.10
N MET B 71 -20.10 43.80 -31.21
CA MET B 71 -19.67 43.00 -30.07
C MET B 71 -18.35 42.32 -30.40
N SER B 72 -17.44 42.31 -29.44
CA SER B 72 -16.15 41.65 -29.61
C SER B 72 -15.87 40.82 -28.38
N MET B 73 -14.99 39.82 -28.54
CA MET B 73 -14.68 38.91 -27.45
C MET B 73 -13.20 38.58 -27.46
N ASP B 74 -12.55 38.71 -26.30
CA ASP B 74 -11.14 38.38 -26.13
C ASP B 74 -11.04 37.20 -25.19
N ALA B 75 -10.49 36.09 -25.69
CA ALA B 75 -10.38 34.87 -24.91
C ALA B 75 -9.15 34.88 -24.01
N SER B 76 -8.06 35.49 -24.48
CA SER B 76 -6.84 35.55 -23.68
C SER B 76 -7.03 36.37 -22.41
N LYS B 77 -8.00 37.27 -22.38
CA LYS B 77 -8.30 38.08 -21.21
C LYS B 77 -9.60 37.70 -20.54
N ASN B 78 -10.37 36.78 -21.12
CA ASN B 78 -11.70 36.41 -20.63
C ASN B 78 -12.60 37.63 -20.50
N GLN B 79 -12.74 38.37 -21.60
CA GLN B 79 -13.57 39.56 -21.61
C GLN B 79 -14.42 39.58 -22.87
N PHE B 80 -15.53 40.32 -22.81
CA PHE B 80 -16.28 40.63 -24.01
C PHE B 80 -16.81 42.06 -23.92
N SER B 81 -16.74 42.78 -25.03
CA SER B 81 -16.99 44.21 -25.04
C SER B 81 -18.07 44.55 -26.05
N LEU B 82 -18.78 45.63 -25.75
CA LEU B 82 -19.89 46.14 -26.55
C LEU B 82 -19.60 47.58 -26.96
N ARG B 83 -19.87 47.91 -28.21
CA ARG B 83 -19.70 49.26 -28.72
C ARG B 83 -20.96 49.72 -29.43
N LEU B 84 -21.41 50.92 -29.09
CA LEU B 84 -22.61 51.54 -29.66
C LEU B 84 -22.18 52.81 -30.39
N ARG B 85 -22.45 52.87 -31.69
CA ARG B 85 -21.79 53.87 -32.54
C ARG B 85 -22.38 55.26 -32.37
N SER B 86 -23.63 55.45 -32.75
CA SER B 86 -24.28 56.76 -32.71
C SER B 86 -25.25 56.79 -31.54
N VAL B 87 -25.19 57.85 -30.74
CA VAL B 87 -25.83 57.88 -29.44
C VAL B 87 -26.74 59.09 -29.36
N THR B 88 -27.97 58.87 -28.90
CA THR B 88 -28.95 59.93 -28.66
C THR B 88 -29.38 59.91 -27.21
N ALA B 89 -30.34 60.76 -26.86
CA ALA B 89 -30.80 60.86 -25.48
C ALA B 89 -31.66 59.67 -25.06
N ALA B 90 -32.05 58.80 -25.99
CA ALA B 90 -32.84 57.63 -25.68
C ALA B 90 -32.00 56.45 -25.21
N ASP B 91 -30.67 56.62 -25.14
CA ASP B 91 -29.77 55.55 -24.72
C ASP B 91 -29.35 55.68 -23.27
N THR B 92 -29.95 56.60 -22.51
CA THR B 92 -29.65 56.72 -21.09
C THR B 92 -30.28 55.55 -20.35
N ALA B 93 -29.45 54.64 -19.84
CA ALA B 93 -30.01 53.39 -19.33
C ALA B 93 -29.01 52.70 -18.42
N VAL B 94 -29.52 51.70 -17.70
CA VAL B 94 -28.68 50.79 -16.92
C VAL B 94 -28.38 49.57 -17.80
N TYR B 95 -27.10 49.28 -17.98
CA TYR B 95 -26.65 48.19 -18.84
C TYR B 95 -26.18 47.01 -18.00
N TYR B 96 -26.54 45.82 -18.43
CA TYR B 96 -26.18 44.57 -17.77
C TYR B 96 -25.51 43.65 -18.78
N CYS B 97 -24.52 42.88 -18.30
CA CYS B 97 -23.94 41.80 -19.08
C CYS B 97 -24.35 40.49 -18.45
N ALA B 98 -24.90 39.59 -19.26
CA ALA B 98 -25.47 38.34 -18.77
C ALA B 98 -24.94 37.18 -19.57
N ARG B 99 -25.06 35.99 -19.01
CA ARG B 99 -24.61 34.78 -19.66
C ARG B 99 -25.78 33.84 -19.89
N ASP B 100 -25.94 33.43 -21.14
CA ASP B 100 -26.98 32.51 -21.57
C ASP B 100 -26.39 31.11 -21.68
N LEU B 101 -27.20 30.11 -21.35
CA LEU B 101 -26.77 28.71 -21.36
C LEU B 101 -27.69 27.94 -22.30
N VAL B 102 -27.18 27.65 -23.51
CA VAL B 102 -27.87 26.82 -24.48
C VAL B 102 -27.03 25.57 -24.66
N GLU B 103 -27.49 24.46 -24.09
CA GLU B 103 -26.73 23.22 -24.11
C GLU B 103 -27.21 22.32 -25.23
N GLY B 104 -26.29 21.54 -25.80
CA GLY B 104 -26.56 20.69 -26.92
C GLY B 104 -26.64 19.22 -26.54
N GLY B 105 -26.85 18.39 -27.55
CA GLY B 105 -26.99 16.96 -27.38
C GLY B 105 -28.04 16.43 -28.34
N TYR B 106 -28.64 15.31 -27.97
CA TYR B 106 -29.78 14.81 -28.73
C TYR B 106 -31.02 15.65 -28.47
N ILE B 107 -31.17 16.15 -27.25
CA ILE B 107 -32.28 17.00 -26.87
C ILE B 107 -31.72 18.34 -26.40
N PRO B 108 -31.64 19.33 -27.29
CA PRO B 108 -31.16 20.64 -26.86
C PRO B 108 -32.08 21.26 -25.82
N PHE B 109 -31.47 21.96 -24.86
CA PHE B 109 -32.23 22.50 -23.74
C PHE B 109 -31.61 23.82 -23.32
N SER B 110 -32.40 24.89 -23.40
CA SER B 110 -31.97 26.21 -22.97
C SER B 110 -32.40 26.49 -21.54
N TYR B 111 -31.63 27.33 -20.85
CA TYR B 111 -31.88 27.65 -19.45
C TYR B 111 -32.21 29.11 -19.21
N GLY B 112 -32.12 29.96 -20.22
CA GLY B 112 -32.35 31.38 -20.05
C GLY B 112 -31.09 32.12 -19.67
N LEU B 113 -31.29 33.32 -19.11
CA LEU B 113 -30.18 34.15 -18.65
C LEU B 113 -29.83 33.73 -17.22
N ASP B 114 -28.75 32.95 -17.09
CA ASP B 114 -28.43 32.34 -15.80
C ASP B 114 -27.72 33.31 -14.88
N VAL B 115 -26.55 33.78 -15.27
CA VAL B 115 -25.71 34.62 -14.44
C VAL B 115 -25.81 36.05 -14.94
N TRP B 116 -26.16 36.96 -14.04
CA TRP B 116 -26.27 38.38 -14.32
C TRP B 116 -25.09 39.14 -13.71
N GLY B 117 -24.94 40.39 -14.12
CA GLY B 117 -23.93 41.25 -13.54
C GLY B 117 -24.52 42.51 -12.96
N LEU B 118 -23.81 43.16 -12.04
CA LEU B 118 -24.30 44.41 -11.48
C LEU B 118 -24.32 45.48 -12.56
N GLY B 119 -25.49 46.06 -12.79
CA GLY B 119 -25.65 46.98 -13.89
C GLY B 119 -24.87 48.27 -13.69
N THR B 120 -24.49 48.89 -14.81
CA THR B 120 -23.80 50.16 -14.81
C THR B 120 -24.68 51.22 -15.46
N THR B 121 -24.74 52.39 -14.85
CA THR B 121 -25.57 53.47 -15.35
C THR B 121 -24.81 54.26 -16.40
N VAL B 122 -25.43 54.47 -17.56
CA VAL B 122 -24.86 55.28 -18.62
C VAL B 122 -25.83 56.42 -18.90
N THR B 123 -25.34 57.65 -18.74
CA THR B 123 -26.13 58.86 -18.94
C THR B 123 -25.57 59.62 -20.13
N VAL B 124 -26.47 60.04 -21.02
CA VAL B 124 -26.09 60.70 -22.27
C VAL B 124 -26.53 62.15 -22.18
N SER B 125 -25.56 63.07 -22.18
CA SER B 125 -25.84 64.49 -22.07
C SER B 125 -24.62 65.26 -22.56
N GLY B 126 -24.83 66.55 -22.80
CA GLY B 126 -23.75 67.43 -23.23
C GLY B 126 -22.95 68.06 -22.11
N ALA B 127 -23.32 67.84 -20.86
CA ALA B 127 -22.64 68.46 -19.75
C ALA B 127 -21.27 67.82 -19.53
N SER B 128 -20.50 68.41 -18.62
CA SER B 128 -19.17 67.93 -18.31
C SER B 128 -19.06 67.54 -16.83
N GLU C 1 -26.57 -23.51 11.88
CA GLU C 1 -25.97 -23.02 13.12
C GLU C 1 -27.04 -22.46 14.06
N VAL C 2 -28.29 -22.83 13.81
CA VAL C 2 -29.43 -22.40 14.64
C VAL C 2 -29.86 -23.60 15.47
N GLN C 3 -29.89 -23.42 16.78
CA GLN C 3 -30.25 -24.48 17.72
C GLN C 3 -31.36 -24.00 18.63
N LEU C 4 -32.20 -24.94 19.06
CA LEU C 4 -33.32 -24.67 19.94
C LEU C 4 -33.21 -25.52 21.20
N LEU C 5 -33.50 -24.92 22.34
CA LEU C 5 -33.46 -25.64 23.61
C LEU C 5 -34.74 -25.37 24.39
N GLU C 6 -35.33 -26.44 24.93
CA GLU C 6 -36.62 -26.37 25.59
C GLU C 6 -36.47 -26.48 27.10
N SER C 7 -37.34 -25.76 27.81
CA SER C 7 -37.29 -25.74 29.27
C SER C 7 -38.69 -25.56 29.83
N GLY C 8 -39.02 -26.31 30.87
CA GLY C 8 -40.29 -26.15 31.54
C GLY C 8 -40.58 -27.27 32.53
N PRO C 9 -41.73 -27.17 33.21
CA PRO C 9 -42.12 -28.23 34.15
C PRO C 9 -42.25 -29.57 33.45
N GLY C 10 -41.89 -30.63 34.17
CA GLY C 10 -42.01 -31.98 33.65
C GLY C 10 -43.26 -32.69 34.10
N LEU C 11 -43.99 -32.11 35.04
CA LEU C 11 -45.22 -32.69 35.57
C LEU C 11 -46.16 -31.58 35.98
N VAL C 12 -47.42 -31.66 35.55
CA VAL C 12 -48.44 -30.69 35.93
C VAL C 12 -49.64 -31.44 36.50
N LYS C 13 -50.40 -30.75 37.34
CA LYS C 13 -51.61 -31.31 37.89
C LYS C 13 -52.76 -31.18 36.89
N PRO C 14 -53.71 -32.11 36.88
CA PRO C 14 -54.72 -32.12 35.81
C PRO C 14 -55.83 -31.11 36.00
N SER C 15 -55.49 -29.88 36.35
CA SER C 15 -56.44 -28.78 36.29
C SER C 15 -55.82 -27.45 35.91
N GLU C 16 -54.53 -27.40 35.60
CA GLU C 16 -53.80 -26.15 35.51
C GLU C 16 -53.24 -25.94 34.10
N THR C 17 -52.43 -24.90 33.95
CA THR C 17 -51.87 -24.51 32.66
C THR C 17 -50.42 -24.98 32.56
N LEU C 18 -50.11 -25.65 31.45
CA LEU C 18 -48.75 -26.10 31.16
C LEU C 18 -48.01 -24.99 30.42
N SER C 19 -46.85 -24.59 30.94
CA SER C 19 -46.07 -23.50 30.38
C SER C 19 -44.69 -24.02 30.00
N LEU C 20 -44.34 -23.87 28.72
CA LEU C 20 -43.04 -24.28 28.22
C LEU C 20 -42.38 -23.11 27.50
N THR C 21 -41.05 -23.12 27.46
CA THR C 21 -40.29 -22.09 26.77
C THR C 21 -39.25 -22.74 25.86
N CYS C 22 -39.00 -22.11 24.72
CA CYS C 22 -37.97 -22.54 23.79
C CYS C 22 -37.05 -21.36 23.50
N SER C 23 -35.75 -21.58 23.63
CA SER C 23 -34.73 -20.56 23.45
C SER C 23 -33.94 -20.85 22.19
N LEU C 24 -33.66 -19.78 21.44
CA LEU C 24 -33.02 -19.86 20.12
C LEU C 24 -31.59 -19.35 20.23
N SER C 25 -30.65 -20.13 19.68
CA SER C 25 -29.24 -19.77 19.70
C SER C 25 -28.68 -19.87 18.30
N GLY C 26 -27.75 -18.97 17.98
CA GLY C 26 -27.16 -18.93 16.66
C GLY C 26 -27.93 -18.16 15.62
N GLY C 27 -29.03 -17.52 16.02
CA GLY C 27 -29.85 -16.78 15.08
C GLY C 27 -30.70 -15.77 15.82
N PHE C 28 -31.57 -15.10 15.07
CA PHE C 28 -32.43 -14.05 15.59
C PHE C 28 -33.89 -14.39 15.31
N VAL C 29 -34.75 -14.12 16.30
CA VAL C 29 -36.17 -14.44 16.20
C VAL C 29 -36.92 -13.45 15.32
N THR C 30 -36.36 -12.27 15.08
CA THR C 30 -37.07 -11.18 14.40
C THR C 30 -36.87 -11.21 12.89
N ARG C 31 -36.71 -12.37 12.29
CA ARG C 31 -36.57 -12.49 10.84
C ARG C 31 -37.89 -12.91 10.22
N ASN C 32 -38.13 -12.39 9.01
CA ASN C 32 -39.43 -12.55 8.36
C ASN C 32 -39.72 -14.00 7.96
N SER C 33 -38.70 -14.82 7.77
CA SER C 33 -38.89 -16.17 7.27
C SER C 33 -38.97 -17.21 8.38
N TYR C 34 -38.93 -16.80 9.64
CA TYR C 34 -38.93 -17.71 10.77
C TYR C 34 -40.34 -17.80 11.33
N TYR C 35 -40.89 -19.01 11.38
CA TYR C 35 -42.17 -19.26 12.04
C TYR C 35 -41.90 -20.26 13.15
N LEU C 36 -41.99 -19.81 14.40
CA LEU C 36 -41.60 -20.64 15.52
C LEU C 36 -42.79 -21.46 15.98
N SER C 37 -42.71 -22.78 15.87
CA SER C 37 -43.86 -23.65 16.06
C SER C 37 -43.60 -24.69 17.13
N TRP C 38 -44.68 -25.25 17.64
CA TRP C 38 -44.63 -26.31 18.65
C TRP C 38 -45.38 -27.53 18.11
N VAL C 39 -44.77 -28.70 18.25
CA VAL C 39 -45.38 -29.95 17.80
C VAL C 39 -45.28 -30.97 18.93
N ARG C 40 -46.33 -31.75 19.12
CA ARG C 40 -46.35 -32.71 20.23
C ARG C 40 -46.61 -34.12 19.73
N GLN C 41 -46.03 -35.10 20.42
CA GLN C 41 -46.11 -36.52 20.08
C GLN C 41 -46.56 -37.30 21.30
N PRO C 42 -47.81 -37.74 21.35
CA PRO C 42 -48.23 -38.70 22.38
C PRO C 42 -47.55 -40.03 22.16
N PRO C 43 -47.34 -40.81 23.22
CA PRO C 43 -46.67 -42.10 23.06
C PRO C 43 -47.43 -43.03 22.12
N GLY C 44 -46.78 -43.36 21.01
CA GLY C 44 -47.41 -44.26 20.03
C GLY C 44 -48.67 -43.71 19.42
N LYS C 45 -48.67 -42.42 19.07
CA LYS C 45 -49.85 -41.82 18.44
C LYS C 45 -49.50 -40.84 17.34
N GLY C 46 -48.27 -40.84 16.83
CA GLY C 46 -47.90 -39.89 15.81
C GLY C 46 -47.60 -38.51 16.39
N MET C 47 -47.39 -37.56 15.49
CA MET C 47 -47.04 -36.20 15.85
C MET C 47 -48.17 -35.25 15.45
N GLU C 48 -48.51 -34.33 16.34
CA GLU C 48 -49.62 -33.41 16.12
C GLU C 48 -49.12 -31.98 16.22
N TRP C 49 -49.48 -31.17 15.23
CA TRP C 49 -49.11 -29.77 15.21
C TRP C 49 -49.96 -28.97 16.20
N ILE C 50 -49.31 -28.08 16.94
CA ILE C 50 -50.01 -27.26 17.93
C ILE C 50 -50.26 -25.87 17.38
N GLY C 51 -49.19 -25.15 17.06
CA GLY C 51 -49.34 -23.83 16.49
C GLY C 51 -48.00 -23.17 16.30
N TYR C 52 -48.04 -22.04 15.58
CA TYR C 52 -46.86 -21.26 15.27
C TYR C 52 -47.09 -19.79 15.63
N VAL C 53 -45.98 -19.10 15.87
CA VAL C 53 -45.95 -17.69 16.20
C VAL C 53 -44.93 -17.01 15.30
N HIS C 54 -45.13 -15.72 15.05
CA HIS C 54 -44.30 -14.93 14.16
C HIS C 54 -44.03 -13.58 14.82
N HIS C 55 -42.92 -12.94 14.42
CA HIS C 55 -42.49 -11.71 15.07
C HIS C 55 -43.39 -10.53 14.77
N SER C 56 -44.25 -10.64 13.76
CA SER C 56 -45.19 -9.57 13.44
C SER C 56 -46.45 -9.63 14.28
N GLY C 57 -46.44 -10.38 15.38
CA GLY C 57 -47.61 -10.49 16.22
C GLY C 57 -48.69 -11.40 15.70
N GLU C 58 -48.38 -12.20 14.68
CA GLU C 58 -49.35 -13.11 14.08
C GLU C 58 -49.17 -14.51 14.66
N THR C 59 -50.27 -15.15 15.01
CA THR C 59 -50.25 -16.48 15.60
C THR C 59 -51.24 -17.36 14.87
N LYS C 60 -51.01 -18.67 14.93
CA LYS C 60 -51.96 -19.63 14.35
C LYS C 60 -51.91 -20.90 15.17
N TYR C 61 -53.08 -21.47 15.44
CA TYR C 61 -53.18 -22.68 16.24
C TYR C 61 -54.05 -23.71 15.52
N ASN C 62 -53.86 -24.97 15.90
CA ASN C 62 -54.65 -26.05 15.34
C ASN C 62 -56.11 -25.89 15.77
N PRO C 63 -57.07 -26.21 14.89
CA PRO C 63 -58.48 -26.15 15.30
C PRO C 63 -58.82 -27.08 16.46
N SER C 64 -58.17 -28.23 16.57
CA SER C 64 -58.46 -29.14 17.67
C SER C 64 -58.14 -28.51 19.01
N LEU C 65 -56.95 -27.90 19.12
CA LEU C 65 -56.57 -27.14 20.31
C LEU C 65 -56.75 -25.65 19.98
N LYS C 66 -58.00 -25.20 20.08
CA LYS C 66 -58.36 -23.87 19.59
C LYS C 66 -58.31 -22.81 20.70
N SER C 67 -59.11 -22.99 21.75
CA SER C 67 -59.22 -22.00 22.80
C SER C 67 -58.37 -22.33 24.02
N ARG C 68 -57.54 -23.36 23.96
CA ARG C 68 -56.72 -23.78 25.09
C ARG C 68 -55.24 -23.48 24.88
N VAL C 69 -54.89 -22.71 23.86
CA VAL C 69 -53.49 -22.49 23.48
C VAL C 69 -53.20 -21.01 23.43
N THR C 70 -52.02 -20.64 23.96
CA THR C 70 -51.53 -19.27 23.84
C THR C 70 -50.05 -19.32 23.52
N MET C 71 -49.65 -18.58 22.49
CA MET C 71 -48.26 -18.53 22.04
C MET C 71 -47.75 -17.10 22.14
N SER C 72 -46.56 -16.94 22.72
CA SER C 72 -45.98 -15.61 22.83
C SER C 72 -44.50 -15.71 22.53
N MET C 73 -43.89 -14.55 22.23
CA MET C 73 -42.46 -14.52 21.97
C MET C 73 -41.86 -13.27 22.59
N ASP C 74 -40.57 -13.36 22.91
CA ASP C 74 -39.80 -12.25 23.45
C ASP C 74 -38.53 -12.10 22.63
N ALA C 75 -38.39 -10.96 21.96
CA ALA C 75 -37.24 -10.73 21.09
C ALA C 75 -35.99 -10.38 21.90
N SER C 76 -36.16 -9.68 23.01
CA SER C 76 -35.01 -9.29 23.82
C SER C 76 -34.30 -10.52 24.38
N LYS C 77 -35.06 -11.52 24.81
CA LYS C 77 -34.49 -12.75 25.34
C LYS C 77 -34.30 -13.82 24.27
N ASN C 78 -34.76 -13.57 23.04
CA ASN C 78 -34.71 -14.56 21.96
C ASN C 78 -35.37 -15.87 22.39
N GLN C 79 -36.62 -15.77 22.83
CA GLN C 79 -37.34 -16.94 23.31
C GLN C 79 -38.78 -16.90 22.81
N PHE C 80 -39.45 -18.05 22.87
CA PHE C 80 -40.88 -18.07 22.64
C PHE C 80 -41.50 -19.16 23.52
N SER C 81 -42.69 -18.86 24.05
CA SER C 81 -43.31 -19.67 25.07
C SER C 81 -44.71 -20.10 24.64
N LEU C 82 -45.11 -21.26 25.16
CA LEU C 82 -46.38 -21.90 24.90
C LEU C 82 -47.11 -22.16 26.22
N ARG C 83 -48.41 -21.88 26.24
CA ARG C 83 -49.25 -22.11 27.41
C ARG C 83 -50.49 -22.88 27.00
N LEU C 84 -50.77 -23.96 27.72
CA LEU C 84 -51.92 -24.83 27.46
C LEU C 84 -52.83 -24.82 28.67
N ARG C 85 -54.09 -24.44 28.46
CA ARG C 85 -55.06 -24.33 29.54
C ARG C 85 -55.93 -25.58 29.63
N SER C 86 -56.51 -25.79 30.81
CA SER C 86 -57.47 -26.87 31.06
C SER C 86 -56.92 -28.22 30.62
N VAL C 87 -55.80 -28.58 31.22
CA VAL C 87 -55.04 -29.76 30.82
C VAL C 87 -55.72 -31.01 31.36
N THR C 88 -55.92 -32.00 30.51
CA THR C 88 -56.48 -33.29 30.87
C THR C 88 -55.41 -34.38 30.73
N ALA C 89 -55.83 -35.62 30.96
CA ALA C 89 -54.91 -36.74 30.92
C ALA C 89 -54.47 -37.11 29.51
N ALA C 90 -55.10 -36.54 28.48
CA ALA C 90 -54.74 -36.85 27.10
C ALA C 90 -53.57 -36.00 26.60
N ASP C 91 -53.03 -35.11 27.42
CA ASP C 91 -51.94 -34.23 27.03
C ASP C 91 -50.58 -34.75 27.48
N THR C 92 -50.50 -35.99 27.95
CA THR C 92 -49.21 -36.58 28.32
C THR C 92 -48.45 -36.92 27.05
N ALA C 93 -47.37 -36.19 26.78
CA ALA C 93 -46.71 -36.32 25.49
C ALA C 93 -45.31 -35.73 25.54
N VAL C 94 -44.56 -35.96 24.46
CA VAL C 94 -43.26 -35.33 24.26
C VAL C 94 -43.44 -34.12 23.37
N TYR C 95 -43.01 -32.96 23.86
CA TYR C 95 -43.19 -31.69 23.16
C TYR C 95 -41.88 -31.26 22.53
N TYR C 96 -41.97 -30.74 21.29
CA TYR C 96 -40.83 -30.27 20.53
C TYR C 96 -41.10 -28.83 20.08
N CYS C 97 -40.07 -28.00 20.13
CA CYS C 97 -40.11 -26.67 19.55
C CYS C 97 -39.27 -26.70 18.27
N ALA C 98 -39.86 -26.23 17.17
CA ALA C 98 -39.23 -26.34 15.86
C ALA C 98 -39.36 -25.03 15.11
N ARG C 99 -38.59 -24.91 14.05
CA ARG C 99 -38.61 -23.74 13.18
C ARG C 99 -39.14 -24.11 11.81
N ASP C 100 -40.07 -23.32 11.29
CA ASP C 100 -40.55 -23.45 9.93
C ASP C 100 -40.01 -22.30 9.11
N LEU C 101 -39.39 -22.62 7.97
CA LEU C 101 -38.77 -21.63 7.11
C LEU C 101 -39.66 -21.45 5.88
N VAL C 102 -40.34 -20.31 5.82
CA VAL C 102 -41.18 -19.95 4.68
C VAL C 102 -40.63 -18.64 4.12
N GLU C 103 -39.89 -18.74 3.03
CA GLU C 103 -39.23 -17.59 2.45
C GLU C 103 -40.15 -16.90 1.44
N GLY C 104 -39.70 -15.75 0.95
CA GLY C 104 -40.52 -14.96 0.04
C GLY C 104 -39.77 -14.52 -1.19
N GLY C 105 -40.36 -13.57 -1.92
CA GLY C 105 -39.84 -13.09 -3.18
C GLY C 105 -40.89 -13.20 -4.26
N TYR C 106 -40.44 -13.27 -5.51
CA TYR C 106 -41.38 -13.47 -6.60
C TYR C 106 -41.95 -14.89 -6.58
N ILE C 107 -41.13 -15.87 -6.23
CA ILE C 107 -41.55 -17.26 -6.14
C ILE C 107 -41.41 -17.71 -4.69
N PRO C 108 -42.49 -17.72 -3.93
CA PRO C 108 -42.41 -18.18 -2.53
C PRO C 108 -42.03 -19.65 -2.47
N PHE C 109 -41.31 -20.00 -1.40
CA PHE C 109 -40.84 -21.37 -1.25
C PHE C 109 -40.80 -21.72 0.24
N SER C 110 -41.32 -22.88 0.58
CA SER C 110 -41.32 -23.38 1.95
C SER C 110 -40.41 -24.59 2.05
N TYR C 111 -39.67 -24.69 3.16
CA TYR C 111 -38.72 -25.77 3.37
C TYR C 111 -39.16 -26.77 4.42
N GLY C 112 -40.30 -26.55 5.07
CA GLY C 112 -40.74 -27.43 6.13
C GLY C 112 -40.05 -27.12 7.44
N LEU C 113 -40.20 -28.04 8.38
CA LEU C 113 -39.60 -27.89 9.71
C LEU C 113 -38.11 -28.17 9.60
N ASP C 114 -37.31 -27.11 9.65
CA ASP C 114 -35.88 -27.22 9.40
C ASP C 114 -35.09 -27.62 10.64
N VAL C 115 -35.30 -26.92 11.76
CA VAL C 115 -34.54 -27.13 12.99
C VAL C 115 -35.49 -27.60 14.06
N TRP C 116 -35.13 -28.71 14.72
CA TRP C 116 -35.89 -29.30 15.80
C TRP C 116 -35.11 -29.21 17.11
N GLY C 117 -35.84 -29.24 18.22
CA GLY C 117 -35.24 -29.25 19.53
C GLY C 117 -35.39 -30.61 20.20
N LEU C 118 -34.60 -30.81 21.26
CA LEU C 118 -34.66 -32.03 22.05
C LEU C 118 -35.95 -32.02 22.86
N GLY C 119 -36.88 -32.90 22.49
CA GLY C 119 -38.21 -32.82 23.06
C GLY C 119 -38.21 -33.12 24.55
N THR C 120 -39.12 -32.48 25.27
CA THR C 120 -39.27 -32.69 26.71
C THR C 120 -40.55 -33.46 26.99
N THR C 121 -40.49 -34.31 28.01
CA THR C 121 -41.62 -35.15 28.38
C THR C 121 -42.50 -34.43 29.37
N VAL C 122 -43.81 -34.46 29.13
CA VAL C 122 -44.79 -33.86 30.04
C VAL C 122 -45.80 -34.93 30.40
N THR C 123 -45.92 -35.20 31.70
CA THR C 123 -46.83 -36.20 32.25
C THR C 123 -47.89 -35.48 33.07
N VAL C 124 -49.15 -35.86 32.87
CA VAL C 124 -50.25 -35.19 33.52
C VAL C 124 -50.97 -36.11 34.49
N ASP D 1 -58.29 -30.27 6.40
CA ASP D 1 -57.06 -30.96 6.73
C ASP D 1 -56.76 -32.07 5.73
N ILE D 2 -55.51 -32.15 5.28
CA ILE D 2 -55.07 -33.15 4.33
C ILE D 2 -54.49 -34.31 5.13
N GLN D 3 -55.28 -35.37 5.29
CA GLN D 3 -54.82 -36.52 6.04
C GLN D 3 -53.78 -37.29 5.24
N LEU D 4 -52.70 -37.71 5.91
CA LEU D 4 -51.63 -38.46 5.28
C LEU D 4 -51.64 -39.89 5.83
N THR D 5 -51.54 -40.86 4.93
CA THR D 5 -51.58 -42.27 5.30
C THR D 5 -50.32 -42.98 4.78
N GLN D 6 -49.77 -43.84 5.62
CA GLN D 6 -48.58 -44.61 5.29
C GLN D 6 -48.98 -46.07 5.10
N SER D 7 -48.55 -46.66 3.98
CA SER D 7 -48.97 -48.02 3.67
C SER D 7 -48.18 -49.09 4.44
N PRO D 8 -46.84 -49.05 4.51
CA PRO D 8 -46.14 -50.12 5.21
C PRO D 8 -45.91 -49.81 6.68
N SER D 9 -45.92 -50.86 7.49
CA SER D 9 -45.70 -50.71 8.92
C SER D 9 -44.95 -51.93 9.44
N SER D 10 -44.01 -51.68 10.36
CA SER D 10 -43.22 -52.74 10.98
C SER D 10 -42.53 -53.61 9.93
N LEU D 11 -42.02 -52.97 8.89
CA LEU D 11 -41.36 -53.70 7.80
C LEU D 11 -40.01 -54.22 8.26
N SER D 12 -39.71 -55.46 7.90
CA SER D 12 -38.43 -56.09 8.20
C SER D 12 -37.75 -56.48 6.90
N ALA D 13 -36.45 -56.20 6.79
CA ALA D 13 -35.71 -56.45 5.57
C ALA D 13 -34.30 -56.89 5.91
N SER D 14 -33.59 -57.38 4.91
CA SER D 14 -32.24 -57.89 5.07
C SER D 14 -31.24 -56.73 5.11
N VAL D 15 -29.95 -57.06 5.10
CA VAL D 15 -28.89 -56.06 5.11
C VAL D 15 -28.33 -56.00 3.69
N GLY D 16 -28.89 -55.12 2.88
CA GLY D 16 -28.45 -54.98 1.50
C GLY D 16 -29.55 -55.17 0.47
N ASP D 17 -30.80 -55.07 0.90
CA ASP D 17 -31.94 -55.21 0.00
C ASP D 17 -32.63 -53.85 -0.17
N ARG D 18 -33.68 -53.85 -0.99
CA ARG D 18 -34.36 -52.63 -1.39
C ARG D 18 -35.69 -52.52 -0.65
N VAL D 19 -35.97 -51.34 -0.10
CA VAL D 19 -37.20 -51.09 0.65
C VAL D 19 -37.87 -49.82 0.14
N THR D 20 -39.18 -49.76 0.32
CA THR D 20 -39.99 -48.66 -0.15
C THR D 20 -41.07 -48.32 0.89
N ILE D 21 -41.28 -47.02 1.09
CA ILE D 21 -42.33 -46.51 1.96
C ILE D 21 -43.19 -45.55 1.16
N THR D 22 -44.51 -45.69 1.26
CA THR D 22 -45.44 -44.92 0.45
C THR D 22 -46.29 -44.03 1.35
N CYS D 23 -46.40 -42.75 0.98
CA CYS D 23 -47.20 -41.76 1.69
C CYS D 23 -48.26 -41.24 0.73
N ARG D 24 -49.53 -41.40 1.09
CA ARG D 24 -50.64 -40.97 0.28
C ARG D 24 -51.42 -39.87 0.98
N ALA D 25 -51.88 -38.89 0.19
CA ALA D 25 -52.56 -37.71 0.71
C ALA D 25 -54.01 -37.71 0.27
N SER D 26 -54.89 -37.27 1.17
CA SER D 26 -56.32 -37.23 0.84
C SER D 26 -56.63 -36.15 -0.17
N GLN D 27 -55.88 -35.05 -0.15
CA GLN D 27 -56.09 -33.93 -1.05
C GLN D 27 -54.83 -33.68 -1.87
N GLY D 28 -55.03 -33.17 -3.07
CA GLY D 28 -53.91 -32.93 -3.96
C GLY D 28 -52.93 -31.92 -3.37
N ILE D 29 -51.65 -32.28 -3.41
CA ILE D 29 -50.57 -31.42 -2.92
C ILE D 29 -49.41 -31.53 -3.90
N ARG D 30 -48.88 -30.38 -4.32
CA ARG D 30 -47.86 -30.32 -5.35
C ARG D 30 -46.48 -30.24 -4.69
N ASN D 31 -45.76 -31.36 -4.71
CA ASN D 31 -44.37 -31.51 -4.25
C ASN D 31 -44.06 -30.67 -3.01
N ASP D 32 -44.94 -30.78 -2.02
CA ASP D 32 -44.78 -30.10 -0.74
C ASP D 32 -44.77 -31.11 0.40
N LEU D 33 -43.96 -32.16 0.24
CA LEU D 33 -43.87 -33.25 1.20
C LEU D 33 -42.42 -33.44 1.60
N GLY D 34 -42.19 -33.66 2.89
CA GLY D 34 -40.86 -33.91 3.41
C GLY D 34 -40.78 -35.26 4.10
N TRP D 35 -39.60 -35.86 4.09
CA TRP D 35 -39.35 -37.15 4.70
C TRP D 35 -38.34 -36.99 5.84
N TYR D 36 -38.73 -37.46 7.03
CA TYR D 36 -37.97 -37.34 8.26
C TYR D 36 -37.70 -38.72 8.83
N GLN D 37 -36.57 -38.84 9.52
CA GLN D 37 -36.14 -40.08 10.18
C GLN D 37 -35.98 -39.82 11.66
N GLN D 38 -36.51 -40.72 12.49
CA GLN D 38 -36.47 -40.58 13.94
C GLN D 38 -35.96 -41.89 14.53
N LYS D 39 -34.77 -41.83 15.14
CA LYS D 39 -34.27 -42.95 15.92
C LYS D 39 -34.95 -42.96 17.29
N PRO D 40 -35.06 -44.13 17.92
CA PRO D 40 -35.73 -44.21 19.23
C PRO D 40 -35.05 -43.31 20.25
N GLY D 41 -35.84 -42.43 20.86
CA GLY D 41 -35.34 -41.54 21.90
C GLY D 41 -34.60 -40.32 21.42
N LYS D 42 -34.64 -40.01 20.12
CA LYS D 42 -33.92 -38.88 19.56
C LYS D 42 -34.87 -37.98 18.77
N ALA D 43 -34.42 -36.75 18.55
CA ALA D 43 -35.19 -35.81 17.75
C ALA D 43 -35.13 -36.17 16.28
N PRO D 44 -36.20 -35.90 15.53
CA PRO D 44 -36.19 -36.25 14.10
C PRO D 44 -35.20 -35.40 13.31
N GLU D 45 -34.63 -36.01 12.29
CA GLU D 45 -33.73 -35.34 11.37
C GLU D 45 -34.35 -35.30 9.99
N ARG D 46 -34.23 -34.16 9.32
CA ARG D 46 -34.84 -33.99 8.02
C ARG D 46 -33.97 -34.64 6.95
N LEU D 47 -34.54 -35.61 6.23
CA LEU D 47 -33.85 -36.28 5.14
C LEU D 47 -34.11 -35.59 3.81
N ILE D 48 -35.39 -35.42 3.46
CA ILE D 48 -35.77 -34.83 2.17
C ILE D 48 -36.79 -33.75 2.42
N TYR D 49 -36.64 -32.60 1.76
CA TYR D 49 -37.57 -31.50 2.00
C TYR D 49 -38.53 -31.26 0.84
N ALA D 50 -38.04 -31.26 -0.40
CA ALA D 50 -38.92 -31.24 -1.56
C ALA D 50 -39.36 -32.66 -1.86
N ALA D 51 -39.94 -32.88 -3.03
CA ALA D 51 -40.28 -34.25 -3.41
C ALA D 51 -39.02 -35.10 -3.62
N SER D 52 -38.04 -34.57 -4.34
CA SER D 52 -36.90 -35.37 -4.77
C SER D 52 -35.60 -34.58 -4.59
N SER D 53 -35.45 -33.89 -3.47
CA SER D 53 -34.25 -33.11 -3.20
C SER D 53 -33.66 -33.55 -1.87
N SER D 54 -32.43 -34.03 -1.90
CA SER D 54 -31.77 -34.60 -0.74
C SER D 54 -30.81 -33.60 -0.11
N LEU D 55 -30.85 -33.51 1.22
CA LEU D 55 -30.01 -32.59 1.94
C LEU D 55 -28.56 -33.07 1.95
N PRO D 56 -27.61 -32.15 2.11
CA PRO D 56 -26.22 -32.56 2.27
C PRO D 56 -26.04 -33.37 3.55
N GLY D 57 -25.14 -34.35 3.49
CA GLY D 57 -24.90 -35.24 4.62
C GLY D 57 -25.78 -36.46 4.65
N VAL D 58 -26.88 -36.46 3.90
CA VAL D 58 -27.73 -37.65 3.80
C VAL D 58 -27.04 -38.67 2.89
N PRO D 59 -26.93 -39.93 3.30
CA PRO D 59 -26.30 -40.93 2.45
C PRO D 59 -27.08 -41.13 1.15
N SER D 60 -26.36 -41.55 0.11
CA SER D 60 -26.94 -41.68 -1.21
C SER D 60 -27.98 -42.79 -1.30
N ARG D 61 -28.08 -43.63 -0.28
CA ARG D 61 -29.06 -44.73 -0.30
C ARG D 61 -30.49 -44.20 -0.37
N PHE D 62 -30.80 -43.13 0.35
CA PHE D 62 -32.16 -42.61 0.39
C PHE D 62 -32.48 -41.85 -0.89
N ARG D 63 -33.72 -42.03 -1.36
CA ARG D 63 -34.20 -41.24 -2.48
C ARG D 63 -35.71 -41.06 -2.34
N GLY D 64 -36.23 -39.99 -2.92
CA GLY D 64 -37.64 -39.71 -2.82
C GLY D 64 -38.20 -39.31 -4.18
N SER D 65 -39.46 -39.68 -4.41
CA SER D 65 -40.08 -39.38 -5.69
C SER D 65 -41.59 -39.46 -5.56
N GLY D 66 -42.27 -38.55 -6.24
CA GLY D 66 -43.72 -38.57 -6.25
C GLY D 66 -44.27 -37.19 -6.54
N SER D 67 -45.60 -37.12 -6.58
CA SER D 67 -46.31 -35.88 -6.83
C SER D 67 -47.78 -36.09 -6.52
N GLY D 68 -48.54 -35.00 -6.59
CA GLY D 68 -49.98 -35.06 -6.44
C GLY D 68 -50.42 -35.66 -5.12
N THR D 69 -50.95 -36.88 -5.18
CA THR D 69 -51.41 -37.58 -3.99
C THR D 69 -50.66 -38.88 -3.74
N GLU D 70 -49.47 -39.05 -4.31
CA GLU D 70 -48.69 -40.27 -4.11
C GLU D 70 -47.21 -39.91 -4.01
N PHE D 71 -46.56 -40.35 -2.93
CA PHE D 71 -45.15 -40.08 -2.73
C PHE D 71 -44.48 -41.34 -2.19
N THR D 72 -43.18 -41.47 -2.45
CA THR D 72 -42.47 -42.68 -2.07
C THR D 72 -41.04 -42.33 -1.67
N LEU D 73 -40.56 -43.05 -0.67
CA LEU D 73 -39.17 -43.01 -0.23
C LEU D 73 -38.58 -44.41 -0.45
N THR D 74 -37.50 -44.48 -1.22
CA THR D 74 -36.88 -45.73 -1.59
C THR D 74 -35.44 -45.77 -1.07
N ILE D 75 -35.08 -46.90 -0.46
CA ILE D 75 -33.72 -47.16 -0.02
C ILE D 75 -33.22 -48.38 -0.76
N SER D 76 -32.15 -48.21 -1.54
CA SER D 76 -31.63 -49.30 -2.36
C SER D 76 -30.90 -50.33 -1.50
N SER D 77 -30.11 -49.87 -0.52
CA SER D 77 -29.34 -50.75 0.35
C SER D 77 -29.56 -50.33 1.79
N LEU D 78 -29.83 -51.30 2.66
CA LEU D 78 -30.12 -51.05 4.07
C LEU D 78 -28.90 -51.44 4.91
N GLN D 79 -28.29 -50.46 5.54
CA GLN D 79 -27.21 -50.71 6.48
C GLN D 79 -27.79 -50.96 7.87
N PRO D 80 -27.05 -51.66 8.73
CA PRO D 80 -27.55 -51.89 10.10
C PRO D 80 -27.72 -50.61 10.90
N GLU D 81 -27.06 -49.52 10.52
CA GLU D 81 -27.24 -48.25 11.22
C GLU D 81 -28.58 -47.61 10.92
N ASP D 82 -29.20 -47.94 9.79
CA ASP D 82 -30.47 -47.34 9.38
C ASP D 82 -31.61 -48.26 9.76
N SER D 83 -31.97 -48.23 11.05
CA SER D 83 -33.10 -48.99 11.57
C SER D 83 -33.82 -48.09 12.58
N ALA D 84 -34.83 -47.37 12.10
CA ALA D 84 -35.53 -46.39 12.91
C ALA D 84 -36.90 -46.17 12.30
N THR D 85 -37.60 -45.13 12.75
CA THR D 85 -38.92 -44.78 12.23
C THR D 85 -38.78 -43.71 11.16
N TYR D 86 -39.66 -43.76 10.16
CA TYR D 86 -39.65 -42.81 9.07
C TYR D 86 -41.06 -42.26 8.89
N PHE D 87 -41.18 -40.94 8.70
CA PHE D 87 -42.50 -40.35 8.53
C PHE D 87 -42.46 -39.18 7.54
N CYS D 88 -43.64 -38.83 7.05
CA CYS D 88 -43.81 -37.81 6.03
C CYS D 88 -44.58 -36.61 6.60
N LEU D 89 -44.24 -35.43 6.10
CA LEU D 89 -44.82 -34.17 6.56
C LEU D 89 -45.32 -33.37 5.37
N GLN D 90 -46.45 -32.71 5.56
CA GLN D 90 -47.08 -31.87 4.55
C GLN D 90 -46.99 -30.41 4.98
N TYR D 91 -46.55 -29.55 4.07
CA TYR D 91 -46.46 -28.13 4.34
C TYR D 91 -47.08 -27.32 3.21
N HIS D 92 -48.19 -27.83 2.65
CA HIS D 92 -48.96 -27.08 1.67
C HIS D 92 -49.92 -26.10 2.34
N ASN D 93 -50.75 -26.59 3.25
CA ASN D 93 -51.62 -25.75 4.05
C ASN D 93 -51.10 -25.68 5.47
N TYR D 94 -51.47 -24.61 6.17
CA TYR D 94 -50.86 -24.31 7.47
C TYR D 94 -51.06 -25.38 8.53
N PRO D 95 -52.24 -26.01 8.69
CA PRO D 95 -52.30 -27.18 9.57
C PRO D 95 -51.32 -28.26 9.10
N ARG D 96 -50.28 -28.50 9.90
CA ARG D 96 -49.16 -29.34 9.48
C ARG D 96 -49.43 -30.78 9.92
N THR D 97 -50.17 -31.50 9.08
CA THR D 97 -50.50 -32.88 9.38
C THR D 97 -49.31 -33.79 9.04
N PHE D 98 -48.84 -34.53 10.03
CA PHE D 98 -47.80 -35.52 9.81
C PHE D 98 -48.43 -36.83 9.34
N GLY D 99 -47.62 -37.88 9.24
CA GLY D 99 -48.13 -39.20 8.97
C GLY D 99 -47.62 -40.19 10.00
N PRO D 100 -48.42 -41.21 10.28
CA PRO D 100 -47.97 -42.24 11.23
C PRO D 100 -46.70 -42.90 10.74
N GLY D 101 -45.81 -43.21 11.69
CA GLY D 101 -44.50 -43.68 11.34
C GLY D 101 -44.51 -45.09 10.77
N THR D 102 -43.44 -45.42 10.07
CA THR D 102 -43.19 -46.76 9.56
C THR D 102 -41.93 -47.30 10.21
N LYS D 103 -42.03 -48.47 10.84
CA LYS D 103 -40.93 -49.04 11.59
C LYS D 103 -40.13 -49.98 10.70
N VAL D 104 -38.81 -49.86 10.75
CA VAL D 104 -37.93 -50.68 9.95
C VAL D 104 -37.09 -51.59 10.85
N GLU E 1 8.89 -14.89 -31.36
CA GLU E 1 8.29 -15.31 -32.62
C GLU E 1 8.76 -16.71 -32.98
N VAL E 2 7.94 -17.43 -33.75
CA VAL E 2 8.24 -18.82 -34.09
C VAL E 2 9.27 -18.88 -35.20
N GLN E 3 10.32 -19.65 -34.99
CA GLN E 3 11.36 -19.88 -35.98
C GLN E 3 11.57 -21.38 -36.17
N LEU E 4 12.00 -21.76 -37.37
CA LEU E 4 12.19 -23.15 -37.73
C LEU E 4 13.58 -23.34 -38.32
N LEU E 5 14.24 -24.44 -37.94
CA LEU E 5 15.57 -24.74 -38.44
C LEU E 5 15.67 -26.18 -38.88
N GLU E 6 16.23 -26.41 -40.05
CA GLU E 6 16.28 -27.74 -40.65
C GLU E 6 17.67 -28.35 -40.49
N SER E 7 17.71 -29.68 -40.50
CA SER E 7 18.96 -30.41 -40.35
C SER E 7 18.81 -31.80 -40.93
N GLY E 8 19.83 -32.25 -41.66
CA GLY E 8 19.84 -33.59 -42.20
C GLY E 8 20.94 -33.80 -43.21
N PRO E 9 21.06 -35.04 -43.71
CA PRO E 9 22.07 -35.33 -44.74
C PRO E 9 21.89 -34.49 -45.99
N GLY E 10 22.99 -34.05 -46.58
CA GLY E 10 22.94 -33.26 -47.81
C GLY E 10 23.08 -34.10 -49.06
N LEU E 11 23.50 -35.36 -48.91
CA LEU E 11 23.67 -36.26 -50.03
C LEU E 11 23.07 -37.62 -49.67
N VAL E 12 22.25 -38.15 -50.57
CA VAL E 12 21.60 -39.44 -50.39
C VAL E 12 21.86 -40.30 -51.62
N LYS E 13 22.41 -41.49 -51.41
CA LYS E 13 22.63 -42.40 -52.51
C LYS E 13 21.30 -42.95 -53.03
N PRO E 14 21.23 -43.31 -54.31
CA PRO E 14 19.98 -43.81 -54.88
C PRO E 14 19.50 -45.08 -54.20
N SER E 15 18.18 -45.27 -54.20
CA SER E 15 17.47 -46.40 -53.60
C SER E 15 17.59 -46.43 -52.08
N GLU E 16 18.04 -45.36 -51.46
CA GLU E 16 18.12 -45.25 -50.02
C GLU E 16 16.96 -44.40 -49.50
N THR E 17 16.98 -44.10 -48.20
CA THR E 17 15.92 -43.34 -47.55
C THR E 17 16.49 -42.00 -47.07
N LEU E 18 15.86 -40.91 -47.48
CA LEU E 18 16.23 -39.57 -47.04
C LEU E 18 15.51 -39.23 -45.75
N SER E 19 16.25 -38.61 -44.82
CA SER E 19 15.68 -38.23 -43.53
C SER E 19 16.07 -36.79 -43.21
N LEU E 20 15.06 -35.99 -42.85
CA LEU E 20 15.29 -34.60 -42.46
C LEU E 20 14.53 -34.30 -41.18
N THR E 21 15.00 -33.33 -40.41
CA THR E 21 14.36 -32.95 -39.17
C THR E 21 14.31 -31.43 -39.05
N CYS E 22 13.14 -30.90 -38.74
CA CYS E 22 12.95 -29.47 -38.52
C CYS E 22 12.62 -29.23 -37.06
N SER E 23 13.29 -28.26 -36.46
CA SER E 23 13.16 -27.95 -35.04
C SER E 23 12.52 -26.57 -34.88
N LEU E 24 11.62 -26.48 -33.90
CA LEU E 24 10.80 -25.31 -33.65
C LEU E 24 11.33 -24.57 -32.43
N SER E 25 11.54 -23.26 -32.57
CA SER E 25 12.04 -22.44 -31.48
C SER E 25 11.14 -21.23 -31.32
N GLY E 26 10.77 -20.92 -30.08
CA GLY E 26 9.90 -19.79 -29.80
C GLY E 26 8.44 -20.14 -29.63
N GLY E 27 8.09 -21.43 -29.70
CA GLY E 27 6.72 -21.84 -29.56
C GLY E 27 6.65 -23.31 -29.18
N PHE E 28 5.42 -23.82 -29.14
CA PHE E 28 5.16 -25.20 -28.77
C PHE E 28 4.50 -25.93 -29.91
N VAL E 29 4.97 -27.15 -30.18
CA VAL E 29 4.45 -27.96 -31.27
C VAL E 29 3.05 -28.51 -30.96
N THR E 30 2.67 -28.54 -29.68
CA THR E 30 1.43 -29.20 -29.26
C THR E 30 0.23 -28.26 -29.27
N ARG E 31 0.20 -27.27 -30.15
CA ARG E 31 -0.92 -26.36 -30.26
C ARG E 31 -1.87 -26.84 -31.35
N ASN E 32 -3.16 -26.62 -31.13
CA ASN E 32 -4.18 -27.18 -32.02
C ASN E 32 -4.23 -26.50 -33.37
N SER E 33 -3.62 -25.32 -33.52
CA SER E 33 -3.69 -24.56 -34.76
C SER E 33 -2.44 -24.68 -35.61
N TYR E 34 -1.49 -25.52 -35.22
CA TYR E 34 -0.22 -25.65 -35.93
C TYR E 34 -0.27 -26.92 -36.79
N TYR E 35 -0.01 -26.78 -38.07
CA TYR E 35 0.12 -27.92 -38.98
C TYR E 35 1.53 -27.85 -39.56
N LEU E 36 2.38 -28.78 -39.17
CA LEU E 36 3.80 -28.72 -39.50
C LEU E 36 4.02 -29.42 -40.84
N SER E 37 4.40 -28.66 -41.86
CA SER E 37 4.36 -29.16 -43.23
C SER E 37 5.74 -29.07 -43.88
N TRP E 38 5.91 -29.85 -44.94
CA TRP E 38 7.15 -29.88 -45.70
C TRP E 38 6.86 -29.53 -47.15
N VAL E 39 7.75 -28.73 -47.76
CA VAL E 39 7.60 -28.25 -49.12
C VAL E 39 8.90 -28.50 -49.86
N ARG E 40 8.81 -28.82 -51.15
CA ARG E 40 9.97 -29.16 -51.95
C ARG E 40 9.98 -28.32 -53.23
N GLN E 41 11.15 -27.81 -53.60
CA GLN E 41 11.33 -27.06 -54.84
C GLN E 41 12.47 -27.66 -55.65
N PRO E 42 12.17 -28.37 -56.74
CA PRO E 42 13.24 -28.79 -57.65
C PRO E 42 13.83 -27.58 -58.36
N PRO E 43 15.08 -27.67 -58.81
CA PRO E 43 15.69 -26.52 -59.48
C PRO E 43 15.00 -26.22 -60.81
N GLY E 44 14.66 -24.95 -61.01
CA GLY E 44 13.98 -24.51 -62.21
C GLY E 44 12.47 -24.61 -62.18
N LYS E 45 11.95 -25.73 -61.67
CA LYS E 45 10.52 -25.95 -61.61
C LYS E 45 9.95 -25.19 -60.39
N GLY E 46 8.66 -25.37 -60.14
CA GLY E 46 7.99 -24.68 -59.06
C GLY E 46 8.13 -25.41 -57.74
N MET E 47 7.29 -25.02 -56.78
CA MET E 47 7.30 -25.58 -55.44
C MET E 47 6.20 -26.61 -55.31
N GLU E 48 6.46 -27.66 -54.53
CA GLU E 48 5.56 -28.78 -54.38
C GLU E 48 5.30 -29.05 -52.91
N TRP E 49 4.06 -29.42 -52.59
CA TRP E 49 3.66 -29.68 -51.22
C TRP E 49 3.79 -31.16 -50.92
N ILE E 50 4.54 -31.50 -49.87
CA ILE E 50 4.81 -32.89 -49.52
C ILE E 50 3.74 -33.41 -48.57
N GLY E 51 3.60 -32.78 -47.42
CA GLY E 51 2.59 -33.21 -46.47
C GLY E 51 2.70 -32.45 -45.17
N TYR E 52 1.67 -32.62 -44.34
CA TYR E 52 1.59 -31.98 -43.04
C TYR E 52 1.36 -33.01 -41.96
N VAL E 53 1.82 -32.69 -40.75
CA VAL E 53 1.65 -33.50 -39.56
C VAL E 53 1.05 -32.62 -38.47
N HIS E 54 0.34 -33.28 -37.54
CA HIS E 54 -0.35 -32.61 -36.45
C HIS E 54 -0.12 -33.39 -35.16
N HIS E 55 -0.26 -32.69 -34.03
CA HIS E 55 0.01 -33.30 -32.73
C HIS E 55 -1.09 -34.28 -32.32
N SER E 56 -2.30 -34.14 -32.84
CA SER E 56 -3.35 -35.11 -32.54
C SER E 56 -3.08 -36.47 -33.17
N GLY E 57 -2.13 -36.55 -34.10
CA GLY E 57 -1.77 -37.78 -34.76
C GLY E 57 -2.13 -37.84 -36.22
N GLU E 58 -3.03 -36.98 -36.69
CA GLU E 58 -3.42 -37.00 -38.09
C GLU E 58 -2.30 -36.49 -38.98
N THR E 59 -2.11 -37.15 -40.11
CA THR E 59 -1.10 -36.78 -41.09
C THR E 59 -1.74 -36.78 -42.47
N LYS E 60 -1.28 -35.88 -43.34
CA LYS E 60 -1.74 -35.86 -44.72
C LYS E 60 -0.54 -35.72 -45.64
N TYR E 61 -0.59 -36.43 -46.77
CA TYR E 61 0.49 -36.39 -47.75
C TYR E 61 -0.09 -36.18 -49.14
N ASN E 62 0.74 -35.64 -50.03
CA ASN E 62 0.32 -35.45 -51.42
C ASN E 62 0.14 -36.81 -52.10
N PRO E 63 -0.88 -36.96 -52.94
CA PRO E 63 -1.02 -38.21 -53.70
C PRO E 63 0.11 -38.46 -54.67
N SER E 64 0.85 -37.43 -55.10
CA SER E 64 1.95 -37.63 -56.03
C SER E 64 3.02 -38.52 -55.43
N LEU E 65 3.34 -38.34 -54.16
CA LEU E 65 4.24 -39.24 -53.44
C LEU E 65 3.36 -40.32 -52.81
N LYS E 66 3.33 -41.49 -53.44
CA LYS E 66 2.32 -42.50 -53.15
C LYS E 66 2.36 -42.98 -51.71
N SER E 67 3.41 -43.72 -51.35
CA SER E 67 3.55 -44.21 -49.99
C SER E 67 4.98 -44.09 -49.50
N ARG E 68 5.77 -43.22 -50.12
CA ARG E 68 7.18 -43.04 -49.77
C ARG E 68 7.39 -41.96 -48.73
N VAL E 69 6.33 -41.38 -48.18
CA VAL E 69 6.42 -40.28 -47.23
C VAL E 69 5.99 -40.77 -45.86
N THR E 70 6.82 -40.52 -44.85
CA THR E 70 6.44 -40.75 -43.47
C THR E 70 6.90 -39.58 -42.63
N MET E 71 5.96 -38.89 -41.99
CA MET E 71 6.26 -37.73 -41.17
C MET E 71 5.86 -38.02 -39.74
N SER E 72 6.75 -37.70 -38.80
CA SER E 72 6.48 -37.97 -37.39
C SER E 72 7.07 -36.87 -36.53
N MET E 73 6.38 -36.55 -35.43
CA MET E 73 6.77 -35.43 -34.59
C MET E 73 7.09 -35.91 -33.18
N ASP E 74 7.93 -35.14 -32.49
CA ASP E 74 8.31 -35.39 -31.11
C ASP E 74 8.08 -34.11 -30.31
N ALA E 75 7.16 -34.19 -29.34
CA ALA E 75 6.83 -33.03 -28.52
C ALA E 75 7.88 -32.75 -27.46
N SER E 76 8.48 -33.81 -26.89
CA SER E 76 9.46 -33.62 -25.83
C SER E 76 10.71 -32.90 -26.34
N LYS E 77 10.99 -33.00 -27.63
CA LYS E 77 12.13 -32.31 -28.22
C LYS E 77 11.72 -31.14 -29.09
N ASN E 78 10.42 -30.93 -29.30
CA ASN E 78 9.91 -29.88 -30.19
C ASN E 78 10.51 -30.01 -31.58
N GLN E 79 10.25 -31.15 -32.22
CA GLN E 79 10.82 -31.43 -33.53
C GLN E 79 9.81 -32.19 -34.37
N PHE E 80 9.99 -32.14 -35.69
CA PHE E 80 9.23 -33.00 -36.58
C PHE E 80 10.10 -33.39 -37.76
N SER E 81 10.01 -34.65 -38.16
CA SER E 81 10.93 -35.24 -39.11
C SER E 81 10.17 -35.88 -40.25
N LEU E 82 10.84 -35.91 -41.41
CA LEU E 82 10.31 -36.45 -42.66
C LEU E 82 11.25 -37.52 -43.20
N ARG E 83 10.66 -38.62 -43.68
CA ARG E 83 11.40 -39.73 -44.26
C ARG E 83 10.83 -40.04 -45.64
N LEU E 84 11.72 -40.10 -46.63
CA LEU E 84 11.39 -40.40 -48.02
C LEU E 84 12.04 -41.72 -48.40
N ARG E 85 11.23 -42.65 -48.90
CA ARG E 85 11.72 -43.98 -49.27
C ARG E 85 11.80 -44.12 -50.79
N SER E 86 12.61 -45.09 -51.22
CA SER E 86 12.78 -45.44 -52.64
C SER E 86 13.15 -44.20 -53.46
N VAL E 87 14.21 -43.54 -53.03
CA VAL E 87 14.59 -42.25 -53.56
C VAL E 87 15.19 -42.43 -54.95
N THR E 88 14.76 -41.61 -55.90
CA THR E 88 15.25 -41.60 -57.27
C THR E 88 15.96 -40.29 -57.56
N ALA E 89 16.34 -40.12 -58.82
CA ALA E 89 17.08 -38.93 -59.24
C ALA E 89 16.20 -37.70 -59.40
N ALA E 90 14.88 -37.85 -59.37
CA ALA E 90 13.97 -36.72 -59.51
C ALA E 90 13.73 -35.99 -58.20
N ASP E 91 14.29 -36.48 -57.09
CA ASP E 91 14.11 -35.87 -55.79
C ASP E 91 15.26 -34.96 -55.40
N THR E 92 16.02 -34.45 -56.37
CA THR E 92 17.08 -33.49 -56.11
C THR E 92 16.47 -32.10 -56.03
N ALA E 93 16.42 -31.52 -54.83
CA ALA E 93 15.63 -30.31 -54.65
C ALA E 93 16.02 -29.62 -53.36
N VAL E 94 15.50 -28.41 -53.18
CA VAL E 94 15.62 -27.67 -51.94
C VAL E 94 14.38 -27.93 -51.11
N TYR E 95 14.57 -28.36 -49.87
CA TYR E 95 13.48 -28.72 -48.97
C TYR E 95 13.31 -27.65 -47.92
N TYR E 96 12.06 -27.29 -47.65
CA TYR E 96 11.69 -26.31 -46.63
C TYR E 96 10.71 -26.93 -45.66
N CYS E 97 10.80 -26.52 -44.40
CA CYS E 97 9.80 -26.85 -43.39
C CYS E 97 9.05 -25.58 -43.02
N ALA E 98 7.72 -25.66 -43.03
CA ALA E 98 6.87 -24.49 -42.84
C ALA E 98 5.77 -24.81 -41.84
N ARG E 99 5.16 -23.74 -41.35
CA ARG E 99 4.02 -23.84 -40.44
C ARG E 99 2.77 -23.35 -41.15
N ASP E 100 1.70 -24.14 -41.09
CA ASP E 100 0.40 -23.74 -41.58
C ASP E 100 -0.48 -23.44 -40.37
N LEU E 101 -1.08 -22.26 -40.35
CA LEU E 101 -1.87 -21.80 -39.21
C LEU E 101 -3.34 -21.85 -39.61
N VAL E 102 -4.03 -22.91 -39.19
CA VAL E 102 -5.46 -23.06 -39.39
C VAL E 102 -6.11 -22.99 -38.02
N GLU E 103 -6.95 -21.97 -37.81
CA GLU E 103 -7.54 -21.72 -36.51
C GLU E 103 -9.01 -22.11 -36.52
N GLY E 104 -9.62 -22.09 -35.34
CA GLY E 104 -10.98 -22.54 -35.19
C GLY E 104 -11.89 -21.53 -34.53
N GLY E 105 -13.04 -21.99 -34.05
CA GLY E 105 -14.05 -21.11 -33.50
C GLY E 105 -15.34 -21.22 -34.29
N TYR E 106 -16.22 -20.24 -34.17
CA TYR E 106 -17.45 -20.27 -34.96
C TYR E 106 -17.15 -20.05 -36.43
N ILE E 107 -16.19 -19.19 -36.75
CA ILE E 107 -15.81 -18.89 -38.12
C ILE E 107 -14.37 -19.34 -38.30
N PRO E 108 -14.14 -20.53 -38.86
CA PRO E 108 -12.77 -20.99 -39.08
C PRO E 108 -12.02 -20.09 -40.05
N PHE E 109 -10.72 -19.95 -39.82
CA PHE E 109 -9.87 -19.10 -40.64
C PHE E 109 -8.53 -19.77 -40.87
N SER E 110 -8.03 -19.65 -42.10
CA SER E 110 -6.72 -20.18 -42.48
C SER E 110 -5.85 -19.04 -42.97
N TYR E 111 -4.58 -19.06 -42.56
CA TYR E 111 -3.65 -17.98 -42.88
C TYR E 111 -2.59 -18.37 -43.89
N GLY E 112 -2.54 -19.63 -44.32
CA GLY E 112 -1.49 -20.07 -45.21
C GLY E 112 -0.22 -20.40 -44.46
N LEU E 113 0.86 -20.53 -45.23
CA LEU E 113 2.17 -20.86 -44.66
C LEU E 113 2.78 -19.58 -44.10
N ASP E 114 2.75 -19.44 -42.78
CA ASP E 114 3.14 -18.20 -42.13
C ASP E 114 4.64 -18.12 -41.86
N VAL E 115 5.21 -19.20 -41.33
CA VAL E 115 6.62 -19.24 -40.96
C VAL E 115 7.32 -20.28 -41.83
N TRP E 116 8.38 -19.86 -42.51
CA TRP E 116 9.21 -20.72 -43.35
C TRP E 116 10.57 -20.94 -42.69
N GLY E 117 11.24 -22.00 -43.13
CA GLY E 117 12.59 -22.26 -42.67
C GLY E 117 13.60 -22.16 -43.80
N LEU E 118 14.87 -21.92 -43.46
CA LEU E 118 15.91 -21.86 -44.48
C LEU E 118 16.05 -23.21 -45.16
N GLY E 119 15.92 -23.21 -46.48
CA GLY E 119 15.89 -24.46 -47.21
C GLY E 119 17.22 -25.18 -47.20
N THR E 120 17.16 -26.51 -47.30
CA THR E 120 18.34 -27.35 -47.36
C THR E 120 18.38 -28.05 -48.70
N THR E 121 19.54 -28.03 -49.35
CA THR E 121 19.70 -28.68 -50.64
C THR E 121 19.94 -30.17 -50.45
N VAL E 122 19.24 -31.00 -51.22
CA VAL E 122 19.43 -32.43 -51.21
C VAL E 122 19.65 -32.89 -52.64
N THR E 123 20.77 -33.57 -52.87
CA THR E 123 21.15 -34.07 -54.18
C THR E 123 21.18 -35.60 -54.15
N VAL E 124 21.00 -36.20 -55.32
CA VAL E 124 20.95 -37.65 -55.45
C VAL E 124 21.95 -38.07 -56.52
N SER E 125 22.84 -38.98 -56.16
CA SER E 125 23.86 -39.47 -57.08
C SER E 125 24.49 -40.76 -56.57
N ASN F 8 -27.69 -17.81 -47.83
CA ASN F 8 -27.09 -16.57 -48.28
C ASN F 8 -28.02 -15.39 -48.02
N SER F 9 -28.54 -15.31 -46.79
CA SER F 9 -29.37 -14.19 -46.38
C SER F 9 -28.99 -13.61 -45.03
N THR F 10 -28.02 -14.19 -44.34
CA THR F 10 -27.54 -13.71 -43.05
C THR F 10 -26.03 -13.50 -43.11
N ALA F 11 -25.45 -13.08 -41.99
CA ALA F 11 -24.01 -12.92 -41.89
C ALA F 11 -23.60 -13.13 -40.44
N THR F 12 -22.32 -13.43 -40.24
CA THR F 12 -21.77 -13.67 -38.91
C THR F 12 -20.55 -12.78 -38.69
N LEU F 13 -20.54 -12.09 -37.54
CA LEU F 13 -19.48 -11.14 -37.20
C LEU F 13 -19.00 -11.43 -35.79
N CYS F 14 -17.78 -11.92 -35.64
CA CYS F 14 -17.23 -12.28 -34.35
C CYS F 14 -16.19 -11.25 -33.93
N LEU F 15 -16.10 -11.03 -32.62
CA LEU F 15 -15.11 -10.14 -32.03
C LEU F 15 -14.10 -10.95 -31.25
N GLY F 16 -12.85 -10.51 -31.27
CA GLY F 16 -11.83 -11.25 -30.56
C GLY F 16 -10.60 -10.42 -30.32
N HIS F 17 -9.64 -11.02 -29.63
CA HIS F 17 -8.37 -10.40 -29.31
C HIS F 17 -7.24 -11.25 -29.89
N HIS F 18 -6.01 -10.86 -29.59
CA HIS F 18 -4.83 -11.50 -30.14
C HIS F 18 -4.10 -12.30 -29.08
N ALA F 19 -3.46 -13.39 -29.51
CA ALA F 19 -2.68 -14.26 -28.65
C ALA F 19 -1.24 -14.33 -29.17
N VAL F 20 -0.40 -14.98 -28.39
CA VAL F 20 1.02 -15.13 -28.73
C VAL F 20 1.45 -16.57 -28.51
N PRO F 21 2.44 -17.07 -29.25
CA PRO F 21 2.89 -18.45 -29.06
C PRO F 21 3.42 -18.72 -27.66
N ASN F 22 4.40 -17.93 -27.22
CA ASN F 22 4.90 -18.02 -25.86
C ASN F 22 4.21 -16.97 -24.99
N GLY F 23 4.38 -17.08 -23.68
CA GLY F 23 3.69 -16.19 -22.77
C GLY F 23 4.42 -16.14 -21.44
N THR F 24 4.03 -15.15 -20.63
CA THR F 24 4.70 -14.88 -19.37
C THR F 24 3.70 -14.97 -18.22
N ILE F 25 4.08 -15.67 -17.16
CA ILE F 25 3.23 -15.87 -15.99
C ILE F 25 3.46 -14.71 -15.02
N VAL F 26 2.37 -14.08 -14.59
CA VAL F 26 2.42 -12.98 -13.65
C VAL F 26 1.43 -13.24 -12.52
N LYS F 27 1.48 -12.38 -11.51
CA LYS F 27 0.71 -12.51 -10.28
C LYS F 27 -0.22 -11.32 -10.11
N THR F 28 -1.44 -11.59 -9.65
CA THR F 28 -2.39 -10.53 -9.30
C THR F 28 -2.89 -10.75 -7.88
N ILE F 29 -3.94 -10.03 -7.48
CA ILE F 29 -4.50 -10.21 -6.15
C ILE F 29 -5.37 -11.46 -6.10
N THR F 30 -6.36 -11.56 -6.99
CA THR F 30 -7.25 -12.70 -7.00
C THR F 30 -6.60 -13.93 -7.62
N ASN F 31 -5.62 -13.76 -8.50
CA ASN F 31 -4.96 -14.86 -9.18
C ASN F 31 -3.46 -14.83 -8.90
N ASP F 32 -2.90 -16.00 -8.62
CA ASP F 32 -1.46 -16.13 -8.38
C ASP F 32 -0.70 -16.66 -9.59
N ARG F 33 -1.39 -17.11 -10.62
CA ARG F 33 -0.76 -17.60 -11.85
C ARG F 33 -1.67 -17.21 -13.01
N ILE F 34 -1.39 -16.08 -13.65
CA ILE F 34 -2.14 -15.64 -14.81
C ILE F 34 -1.17 -15.39 -15.96
N GLU F 35 -1.45 -15.98 -17.11
CA GLU F 35 -0.55 -15.92 -18.25
C GLU F 35 -0.93 -14.75 -19.14
N VAL F 36 0.05 -13.88 -19.41
CA VAL F 36 -0.16 -12.68 -20.22
C VAL F 36 0.78 -12.73 -21.42
N THR F 37 0.49 -11.85 -22.37
CA THR F 37 1.21 -11.83 -23.64
C THR F 37 2.61 -11.28 -23.50
N ASN F 38 2.80 -10.28 -22.64
CA ASN F 38 4.08 -9.59 -22.55
C ASN F 38 4.21 -9.01 -21.15
N ALA F 39 5.41 -9.10 -20.58
CA ALA F 39 5.68 -8.61 -19.25
C ALA F 39 7.05 -7.96 -19.20
N THR F 40 7.23 -7.06 -18.24
CA THR F 40 8.46 -6.30 -18.08
C THR F 40 9.02 -6.55 -16.69
N GLU F 41 10.33 -6.78 -16.61
CA GLU F 41 10.97 -7.04 -15.33
C GLU F 41 11.27 -5.72 -14.62
N LEU F 42 10.91 -5.64 -13.34
CA LEU F 42 11.07 -4.43 -12.55
C LEU F 42 12.20 -4.54 -11.53
N VAL F 43 12.99 -5.62 -11.56
CA VAL F 43 14.08 -5.84 -10.63
C VAL F 43 15.35 -6.07 -11.44
N GLN F 44 16.41 -5.32 -11.12
CA GLN F 44 17.69 -5.45 -11.79
C GLN F 44 18.59 -6.37 -10.98
N ASN F 45 19.18 -7.36 -11.65
CA ASN F 45 19.97 -8.38 -10.96
C ASN F 45 21.34 -8.61 -11.59
N SER F 46 21.82 -7.69 -12.43
CA SER F 46 23.10 -7.87 -13.09
C SER F 46 23.85 -6.55 -13.13
N SER F 47 25.16 -6.61 -12.93
CA SER F 47 26.05 -5.46 -13.04
C SER F 47 27.05 -5.70 -14.16
N ILE F 48 27.95 -4.74 -14.34
CA ILE F 48 28.97 -4.84 -15.37
C ILE F 48 30.31 -5.36 -14.83
N GLY F 49 30.52 -5.31 -13.52
CA GLY F 49 31.79 -5.68 -12.94
C GLY F 49 32.82 -4.57 -12.88
N GLU F 50 32.50 -3.38 -13.40
CA GLU F 50 33.40 -2.25 -13.38
C GLU F 50 32.65 -1.01 -12.90
N ILE F 51 33.38 -0.11 -12.25
CA ILE F 51 32.82 1.13 -11.73
C ILE F 51 33.08 2.24 -12.74
N CYS F 52 32.01 2.83 -13.25
CA CYS F 52 32.11 3.89 -14.24
C CYS F 52 32.47 5.19 -13.53
N GLY F 53 33.46 5.90 -14.06
CA GLY F 53 33.95 7.10 -13.40
C GLY F 53 33.67 8.40 -14.10
N SER F 54 32.78 8.39 -15.08
CA SER F 54 32.54 9.60 -15.87
C SER F 54 31.64 10.60 -15.15
N PRO F 55 30.43 10.23 -14.71
CA PRO F 55 29.58 11.26 -14.07
C PRO F 55 30.09 11.71 -12.71
N HIS F 56 30.57 10.78 -11.89
CA HIS F 56 31.06 11.07 -10.55
C HIS F 56 32.57 10.94 -10.53
N GLN F 57 33.23 11.90 -9.89
CA GLN F 57 34.68 11.82 -9.70
C GLN F 57 35.01 10.73 -8.68
N ILE F 58 35.84 9.78 -9.09
CA ILE F 58 36.12 8.59 -8.29
C ILE F 58 37.60 8.54 -8.00
N LEU F 59 37.95 8.34 -6.73
CA LEU F 59 39.33 8.26 -6.29
C LEU F 59 39.62 6.84 -5.82
N ASP F 60 40.46 6.14 -6.54
CA ASP F 60 40.86 4.79 -6.15
C ASP F 60 41.87 4.86 -5.01
N GLY F 61 41.86 3.83 -4.17
CA GLY F 61 42.75 3.82 -3.02
C GLY F 61 43.96 2.93 -3.19
N GLY F 62 43.76 1.73 -3.72
CA GLY F 62 44.87 0.79 -3.86
C GLY F 62 45.42 0.42 -2.51
N ASN F 63 46.74 0.57 -2.36
CA ASN F 63 47.42 0.28 -1.11
C ASN F 63 47.31 1.46 -0.14
N CYS F 64 46.11 1.94 0.11
CA CYS F 64 45.94 3.16 0.88
C CYS F 64 44.53 3.21 1.46
N THR F 65 44.44 3.39 2.77
CA THR F 65 43.18 3.66 3.45
C THR F 65 42.97 5.17 3.52
N LEU F 66 41.72 5.58 3.73
CA LEU F 66 41.41 7.01 3.78
C LEU F 66 42.11 7.67 4.95
N ILE F 67 42.13 7.01 6.11
CA ILE F 67 42.82 7.59 7.27
C ILE F 67 44.33 7.66 7.03
N ASP F 68 44.89 6.64 6.38
CA ASP F 68 46.31 6.65 6.05
C ASP F 68 46.64 7.78 5.08
N ALA F 69 45.78 8.00 4.10
CA ALA F 69 45.98 9.13 3.19
C ALA F 69 45.85 10.45 3.93
N LEU F 70 44.93 10.53 4.88
CA LEU F 70 44.75 11.74 5.67
C LEU F 70 46.01 12.05 6.48
N LEU F 71 46.59 11.03 7.12
CA LEU F 71 47.78 11.23 7.92
C LEU F 71 49.05 11.36 7.07
N GLY F 72 49.11 10.66 5.94
CA GLY F 72 50.23 10.81 5.04
C GLY F 72 51.35 9.80 5.18
N ASP F 73 51.02 8.51 5.17
CA ASP F 73 52.03 7.49 5.17
C ASP F 73 52.68 7.41 3.79
N PRO F 74 53.87 6.78 3.69
CA PRO F 74 54.63 6.88 2.42
C PRO F 74 53.87 6.47 1.18
N GLN F 75 53.05 5.41 1.24
CA GLN F 75 52.35 4.97 0.05
C GLN F 75 51.25 5.94 -0.39
N CYS F 76 50.75 6.77 0.52
CA CYS F 76 49.67 7.69 0.23
C CYS F 76 50.16 9.10 -0.12
N ASP F 77 51.37 9.20 -0.67
CA ASP F 77 51.92 10.51 -1.02
C ASP F 77 51.30 11.09 -2.29
N GLY F 78 50.59 10.28 -3.07
CA GLY F 78 49.94 10.74 -4.26
C GLY F 78 48.53 11.25 -4.08
N PHE F 79 48.00 11.19 -2.87
CA PHE F 79 46.64 11.63 -2.58
C PHE F 79 46.59 13.00 -1.94
N GLN F 80 47.69 13.75 -2.00
CA GLN F 80 47.74 15.05 -1.35
C GLN F 80 46.90 16.07 -2.12
N ASN F 81 46.04 16.78 -1.39
CA ASN F 81 45.21 17.84 -1.97
C ASN F 81 44.34 17.34 -3.11
N LYS F 82 43.73 16.18 -2.93
CA LYS F 82 42.87 15.57 -3.93
C LYS F 82 41.42 15.58 -3.46
N GLU F 83 40.51 15.80 -4.40
CA GLU F 83 39.08 15.80 -4.13
C GLU F 83 38.44 14.58 -4.77
N TRP F 84 37.23 14.26 -4.32
CA TRP F 84 36.54 13.07 -4.82
C TRP F 84 35.05 13.21 -4.56
N ASP F 85 34.29 12.35 -5.24
CA ASP F 85 32.88 12.14 -4.93
C ASP F 85 32.61 10.74 -4.38
N LEU F 86 33.55 9.81 -4.53
CA LEU F 86 33.42 8.48 -3.97
C LEU F 86 34.81 7.88 -3.82
N PHE F 87 35.22 7.63 -2.58
CA PHE F 87 36.51 7.04 -2.28
C PHE F 87 36.35 5.52 -2.19
N VAL F 88 36.98 4.81 -3.11
CA VAL F 88 36.88 3.35 -3.17
C VAL F 88 38.03 2.75 -2.37
N GLU F 89 37.70 1.96 -1.36
CA GLU F 89 38.68 1.32 -0.50
C GLU F 89 38.79 -0.15 -0.86
N ARG F 90 40.02 -0.63 -1.01
CA ARG F 90 40.26 -1.99 -1.46
C ARG F 90 40.61 -2.89 -0.28
N SER F 91 40.44 -4.19 -0.49
CA SER F 91 40.69 -5.17 0.56
C SER F 91 42.15 -5.50 0.75
N ARG F 92 43.02 -5.06 -0.16
CA ARG F 92 44.46 -5.24 0.00
C ARG F 92 45.10 -4.04 0.68
N ALA F 93 44.30 -3.14 1.25
CA ALA F 93 44.85 -1.96 1.91
C ALA F 93 45.64 -2.37 3.14
N ASN F 94 46.80 -1.74 3.33
CA ASN F 94 47.67 -2.04 4.45
C ASN F 94 48.44 -0.79 4.82
N SER F 95 49.00 -0.80 6.01
CA SER F 95 49.76 0.32 6.53
C SER F 95 51.25 0.01 6.51
N ASN F 96 52.05 1.05 6.30
CA ASN F 96 53.51 0.90 6.30
C ASN F 96 54.20 2.01 7.09
N CYS F 97 53.54 2.57 8.10
CA CYS F 97 54.13 3.60 8.94
C CYS F 97 53.96 3.24 10.40
N TYR F 98 54.22 4.20 11.29
CA TYR F 98 54.16 3.95 12.72
C TYR F 98 52.78 3.41 13.12
N PRO F 99 52.72 2.40 13.97
CA PRO F 99 51.43 1.86 14.39
C PRO F 99 50.60 2.93 15.09
N TYR F 100 49.29 2.90 14.85
CA TYR F 100 48.40 3.89 15.43
C TYR F 100 47.04 3.26 15.71
N ASP F 101 46.35 3.84 16.68
CA ASP F 101 44.99 3.41 17.05
C ASP F 101 44.15 4.67 17.11
N VAL F 102 43.02 4.69 16.42
CA VAL F 102 42.15 5.85 16.36
C VAL F 102 40.87 5.52 17.14
N PRO F 103 40.69 6.03 18.35
CA PRO F 103 39.38 5.93 19.00
C PRO F 103 38.34 6.66 18.19
N ASP F 104 37.15 6.07 18.10
CA ASP F 104 36.10 6.54 17.21
C ASP F 104 36.61 6.61 15.77
N TYR F 105 37.17 5.50 15.30
CA TYR F 105 37.69 5.43 13.94
C TYR F 105 36.58 5.65 12.92
N ALA F 106 35.42 5.04 13.15
CA ALA F 106 34.31 5.18 12.21
C ALA F 106 33.84 6.62 12.10
N SER F 107 33.79 7.33 13.24
CA SER F 107 33.33 8.71 13.22
C SER F 107 34.24 9.59 12.37
N LEU F 108 35.56 9.49 12.56
CA LEU F 108 36.48 10.30 11.78
C LEU F 108 36.45 9.90 10.31
N ARG F 109 36.37 8.60 10.04
CA ARG F 109 36.31 8.14 8.65
C ARG F 109 35.08 8.70 7.95
N SER F 110 33.92 8.65 8.60
CA SER F 110 32.70 9.19 8.03
C SER F 110 32.79 10.70 7.85
N LEU F 111 33.37 11.41 8.83
CA LEU F 111 33.51 12.86 8.72
C LEU F 111 34.37 13.24 7.52
N VAL F 112 35.52 12.57 7.35
CA VAL F 112 36.41 12.91 6.24
C VAL F 112 35.78 12.51 4.92
N ALA F 113 35.08 11.37 4.87
CA ALA F 113 34.45 10.95 3.63
C ALA F 113 33.35 11.93 3.22
N SER F 114 32.58 12.44 4.18
CA SER F 114 31.55 13.41 3.85
C SER F 114 32.15 14.77 3.47
N SER F 115 33.31 15.12 4.04
CA SER F 115 33.94 16.38 3.67
C SER F 115 34.30 16.42 2.20
N GLY F 116 35.04 15.42 1.73
CA GLY F 116 35.29 15.25 0.32
C GLY F 116 36.55 15.88 -0.23
N THR F 117 37.50 16.28 0.62
CA THR F 117 38.73 16.87 0.12
C THR F 117 39.83 16.74 1.17
N LEU F 118 41.00 16.31 0.72
CA LEU F 118 42.21 16.37 1.54
C LEU F 118 43.02 17.63 1.27
N GLU F 119 42.38 18.79 1.31
CA GLU F 119 43.05 20.05 1.06
C GLU F 119 43.66 20.55 2.36
N PHE F 120 44.97 20.76 2.35
CA PHE F 120 45.74 21.03 3.56
C PHE F 120 46.46 22.34 3.41
N LYS F 121 46.39 23.18 4.43
CA LYS F 121 47.12 24.45 4.48
C LYS F 121 48.09 24.41 5.65
N ASN F 122 49.37 24.65 5.36
CA ASN F 122 50.38 24.70 6.40
C ASN F 122 50.21 25.92 7.27
N GLU F 123 50.41 25.75 8.58
CA GLU F 123 50.34 26.83 9.53
C GLU F 123 51.59 26.80 10.39
N SER F 124 52.13 27.99 10.69
CA SER F 124 53.40 28.11 11.41
C SER F 124 53.12 28.17 12.91
N PHE F 125 53.08 27.01 13.54
CA PHE F 125 52.93 26.94 14.99
C PHE F 125 54.23 27.33 15.67
N ASN F 126 54.11 27.96 16.83
CA ASN F 126 55.27 28.50 17.54
C ASN F 126 55.68 27.55 18.66
N TRP F 127 56.35 26.46 18.27
CA TRP F 127 56.93 25.53 19.22
C TRP F 127 58.31 26.02 19.63
N THR F 128 58.64 25.82 20.91
CA THR F 128 59.90 26.31 21.45
C THR F 128 60.65 25.19 22.17
N GLY F 129 61.97 25.20 22.04
CA GLY F 129 62.85 24.33 22.81
C GLY F 129 62.62 22.85 22.65
N VAL F 130 62.33 22.40 21.43
CA VAL F 130 62.08 20.99 21.17
C VAL F 130 62.59 20.64 19.79
N LYS F 131 63.05 19.40 19.64
CA LYS F 131 63.28 18.84 18.31
C LYS F 131 61.95 18.73 17.59
N GLN F 132 61.91 19.18 16.33
CA GLN F 132 60.64 19.31 15.64
C GLN F 132 60.25 18.04 14.91
N ASN F 133 61.07 17.59 13.98
CA ASN F 133 60.74 16.47 13.10
C ASN F 133 61.50 15.22 13.55
N GLY F 134 60.77 14.25 14.08
CA GLY F 134 61.32 12.96 14.43
C GLY F 134 61.04 11.94 13.37
N THR F 135 61.83 10.86 13.37
CA THR F 135 61.73 9.83 12.36
C THR F 135 61.68 8.46 13.01
N SER F 136 61.13 7.49 12.28
CA SER F 136 61.06 6.11 12.74
C SER F 136 61.56 5.19 11.65
N SER F 137 62.10 4.04 12.07
CA SER F 137 62.64 3.07 11.12
C SER F 137 61.55 2.33 10.37
N ALA F 138 60.34 2.26 10.92
CA ALA F 138 59.25 1.59 10.22
C ALA F 138 58.72 2.41 9.05
N CYS F 139 58.66 3.73 9.22
CA CYS F 139 58.16 4.62 8.18
C CYS F 139 59.34 5.00 7.29
N ILE F 140 59.47 4.33 6.16
CA ILE F 140 60.60 4.50 5.25
C ILE F 140 60.11 5.24 4.01
N ARG F 141 60.72 6.40 3.74
CA ARG F 141 60.42 7.19 2.56
C ARG F 141 61.66 7.21 1.68
N GLY F 142 61.52 6.72 0.45
CA GLY F 142 62.68 6.55 -0.41
C GLY F 142 63.60 5.48 0.16
N SER F 143 64.73 5.90 0.71
CA SER F 143 65.63 4.99 1.40
C SER F 143 65.92 5.39 2.84
N SER F 144 65.44 6.55 3.28
CA SER F 144 65.71 7.05 4.63
C SER F 144 64.47 6.94 5.49
N SER F 145 64.67 7.04 6.80
CA SER F 145 63.57 6.99 7.74
C SER F 145 62.71 8.24 7.62
N SER F 146 61.44 8.09 7.97
CA SER F 146 60.50 9.20 7.86
C SER F 146 59.43 9.03 8.93
N PHE F 147 58.31 9.74 8.75
CA PHE F 147 57.16 9.68 9.64
C PHE F 147 55.93 10.07 8.82
N PHE F 148 54.82 10.34 9.51
CA PHE F 148 53.65 10.87 8.84
C PHE F 148 53.94 12.28 8.33
N SER F 149 53.42 12.59 7.14
CA SER F 149 53.71 13.87 6.52
C SER F 149 52.94 15.01 7.16
N ARG F 150 51.70 14.76 7.60
CA ARG F 150 50.84 15.79 8.14
C ARG F 150 50.87 15.86 9.66
N LEU F 151 51.76 15.12 10.30
CA LEU F 151 51.89 15.07 11.75
C LEU F 151 53.33 15.34 12.13
N ASN F 152 53.54 16.00 13.27
CA ASN F 152 54.86 16.38 13.74
C ASN F 152 55.14 15.69 15.06
N TRP F 153 56.35 15.18 15.23
CA TRP F 153 56.73 14.46 16.44
C TRP F 153 57.82 15.23 17.17
N LEU F 154 57.44 15.89 18.27
CA LEU F 154 58.34 16.70 19.06
C LEU F 154 58.84 15.86 20.23
N THR F 155 60.13 15.53 20.24
CA THR F 155 60.64 14.67 21.29
C THR F 155 61.27 15.44 22.44
N SER F 156 62.39 16.11 22.20
CA SER F 156 63.14 16.79 23.25
C SER F 156 64.39 17.41 22.63
N LEU F 157 65.04 18.28 23.38
CA LEU F 157 66.33 18.85 23.00
C LEU F 157 67.18 19.01 24.26
N ASN F 158 68.36 18.38 24.24
CA ASN F 158 69.31 18.46 25.35
C ASN F 158 68.68 18.02 26.67
N ASN F 159 67.91 16.93 26.61
CA ASN F 159 67.25 16.36 27.79
C ASN F 159 66.35 17.38 28.48
N ILE F 160 65.66 18.20 27.69
CA ILE F 160 64.78 19.23 28.20
C ILE F 160 63.55 19.33 27.30
N TYR F 161 62.37 19.32 27.92
CA TYR F 161 61.10 19.47 27.20
C TYR F 161 60.31 20.57 27.90
N PRO F 162 60.46 21.83 27.48
CA PRO F 162 59.67 22.90 28.08
C PRO F 162 58.19 22.72 27.77
N ALA F 163 57.36 23.19 28.69
CA ALA F 163 55.92 23.14 28.49
C ALA F 163 55.52 24.02 27.32
N GLN F 164 54.55 23.55 26.54
CA GLN F 164 54.14 24.22 25.31
C GLN F 164 52.74 24.78 25.48
N ASN F 165 52.58 26.06 25.15
CA ASN F 165 51.30 26.77 25.18
C ASN F 165 51.18 27.57 23.89
N VAL F 166 50.35 27.09 22.96
CA VAL F 166 50.24 27.72 21.65
C VAL F 166 48.78 28.01 21.35
N THR F 167 48.57 29.02 20.51
CA THR F 167 47.23 29.44 20.11
C THR F 167 47.21 29.69 18.61
N MET F 168 46.03 29.51 18.04
CA MET F 168 45.81 29.80 16.62
C MET F 168 44.39 30.30 16.41
N PRO F 169 44.21 31.54 15.98
CA PRO F 169 42.88 32.06 15.71
C PRO F 169 42.36 31.62 14.34
N ASN F 170 41.05 31.71 14.19
CA ASN F 170 40.38 31.42 12.92
C ASN F 170 39.86 32.75 12.36
N LYS F 171 40.70 33.43 11.61
CA LYS F 171 40.35 34.70 10.99
C LYS F 171 39.67 34.53 9.64
N GLU F 172 39.50 33.31 9.17
CA GLU F 172 38.87 33.04 7.90
C GLU F 172 37.36 32.87 8.09
N GLN F 173 36.68 32.42 7.04
CA GLN F 173 35.22 32.28 7.06
C GLN F 173 34.79 30.83 6.83
N PHE F 174 35.65 29.89 7.19
CA PHE F 174 35.32 28.47 7.07
C PHE F 174 35.88 27.71 8.26
N ASP F 175 35.32 26.52 8.48
CA ASP F 175 35.75 25.68 9.59
C ASP F 175 37.11 25.05 9.29
N LYS F 176 37.85 24.77 10.34
CA LYS F 176 39.18 24.19 10.23
C LYS F 176 39.26 22.91 11.05
N LEU F 177 39.87 21.88 10.50
CA LEU F 177 40.00 20.58 11.15
C LEU F 177 41.46 20.32 11.46
N TYR F 178 41.75 20.05 12.74
CA TYR F 178 43.10 19.77 13.19
C TYR F 178 43.19 18.33 13.66
N ILE F 179 44.17 17.60 13.14
CA ILE F 179 44.41 16.21 13.52
C ILE F 179 45.70 16.17 14.31
N TRP F 180 45.63 15.65 15.54
CA TRP F 180 46.81 15.55 16.39
C TRP F 180 46.83 14.19 17.07
N GLY F 181 47.74 13.98 18.01
CA GLY F 181 47.80 12.68 18.62
C GLY F 181 48.59 12.66 19.92
N VAL F 182 48.60 11.47 20.52
CA VAL F 182 49.34 11.17 21.75
C VAL F 182 50.24 9.98 21.48
N HIS F 183 51.39 9.96 22.15
CA HIS F 183 52.33 8.86 22.04
C HIS F 183 52.24 7.98 23.29
N HIS F 184 52.04 6.68 23.09
CA HIS F 184 52.00 5.72 24.17
C HIS F 184 53.28 4.90 24.14
N PRO F 185 54.27 5.23 24.97
CA PRO F 185 55.51 4.46 24.98
C PRO F 185 55.33 3.11 25.65
N ASP F 186 56.34 2.26 25.49
CA ASP F 186 56.28 0.91 26.03
C ASP F 186 56.76 0.83 27.47
N THR F 187 57.77 1.61 27.86
CA THR F 187 58.30 1.56 29.22
C THR F 187 58.58 2.98 29.69
N ASP F 188 58.85 3.09 30.99
CA ASP F 188 59.18 4.39 31.58
C ASP F 188 60.52 4.91 31.10
N LYS F 189 61.48 4.01 30.86
CA LYS F 189 62.78 4.42 30.34
C LYS F 189 62.63 5.09 28.99
N ASN F 190 61.80 4.52 28.12
CA ASN F 190 61.54 5.13 26.81
C ASN F 190 60.88 6.50 26.97
N GLN F 191 59.93 6.61 27.90
CA GLN F 191 59.25 7.89 28.11
C GLN F 191 60.23 8.97 28.57
N ILE F 192 61.13 8.62 29.50
CA ILE F 192 62.11 9.59 29.96
C ILE F 192 63.08 9.94 28.83
N SER F 193 63.54 8.95 28.07
CA SER F 193 64.48 9.20 26.99
C SER F 193 63.85 9.96 25.83
N LEU F 194 62.53 9.99 25.73
CA LEU F 194 61.87 10.65 24.62
C LEU F 194 61.23 11.99 24.98
N PHE F 195 60.82 12.20 26.24
CA PHE F 195 60.10 13.42 26.60
C PHE F 195 60.58 14.07 27.90
N ALA F 196 61.59 13.53 28.57
CA ALA F 196 62.26 14.09 29.74
C ALA F 196 61.38 14.12 30.99
N GLN F 197 60.13 13.69 30.90
CA GLN F 197 59.23 13.64 32.05
C GLN F 197 58.72 12.22 32.24
N SER F 198 58.14 11.96 33.41
CA SER F 198 57.57 10.66 33.73
C SER F 198 56.09 10.55 33.39
N SER F 199 55.47 11.65 32.93
CA SER F 199 54.07 11.63 32.55
C SER F 199 53.81 12.78 31.60
N GLY F 200 52.72 12.67 30.85
CA GLY F 200 52.33 13.69 29.90
C GLY F 200 50.90 14.13 30.15
N ARG F 201 50.60 15.36 29.72
CA ARG F 201 49.27 15.93 29.85
C ARG F 201 49.02 16.79 28.62
N ILE F 202 48.04 16.42 27.79
CA ILE F 202 47.68 17.23 26.63
C ILE F 202 46.29 17.79 26.84
N THR F 203 46.14 19.09 26.60
CA THR F 203 44.85 19.77 26.65
C THR F 203 44.69 20.58 25.37
N VAL F 204 43.77 20.16 24.50
CA VAL F 204 43.43 20.90 23.30
C VAL F 204 42.04 21.47 23.50
N SER F 205 41.94 22.80 23.45
CA SER F 205 40.73 23.49 23.87
C SER F 205 40.29 24.50 22.80
N THR F 206 39.00 24.55 22.56
CA THR F 206 38.37 25.64 21.83
C THR F 206 37.52 26.44 22.83
N LYS F 207 36.87 27.49 22.33
CA LYS F 207 35.94 28.22 23.17
C LYS F 207 34.66 27.45 23.46
N ARG F 208 34.42 26.34 22.77
CA ARG F 208 33.23 25.54 22.97
C ARG F 208 33.50 24.09 23.40
N SER F 209 34.75 23.64 23.36
CA SER F 209 35.05 22.25 23.65
C SER F 209 36.44 22.13 24.26
N GLN F 210 36.66 21.04 24.97
CA GLN F 210 37.96 20.73 25.55
C GLN F 210 38.22 19.23 25.44
N GLN F 211 39.49 18.88 25.28
CA GLN F 211 39.91 17.49 25.21
C GLN F 211 41.20 17.35 26.01
N ALA F 212 41.17 16.54 27.05
CA ALA F 212 42.33 16.29 27.90
C ALA F 212 42.69 14.81 27.83
N VAL F 213 43.95 14.54 27.50
CA VAL F 213 44.43 13.18 27.30
C VAL F 213 45.70 12.95 28.11
N ILE F 214 45.79 11.78 28.72
CA ILE F 214 46.95 11.34 29.49
C ILE F 214 47.49 10.07 28.83
N PRO F 215 48.78 10.00 28.51
CA PRO F 215 49.32 8.81 27.87
C PRO F 215 49.31 7.59 28.79
N ASN F 216 49.25 6.42 28.17
CA ASN F 216 49.30 5.15 28.87
C ASN F 216 50.57 4.40 28.47
N ILE F 217 51.33 3.94 29.45
CA ILE F 217 52.62 3.28 29.23
C ILE F 217 52.45 1.78 29.48
N GLY F 218 52.84 0.99 28.50
CA GLY F 218 52.77 -0.45 28.61
C GLY F 218 53.23 -1.10 27.33
N SER F 219 53.46 -2.40 27.40
CA SER F 219 53.98 -3.15 26.26
C SER F 219 52.84 -3.67 25.40
N ARG F 220 52.92 -3.39 24.11
CA ARG F 220 51.99 -3.87 23.10
C ARG F 220 52.72 -4.78 22.13
N PRO F 221 52.01 -5.67 21.44
CA PRO F 221 52.67 -6.54 20.46
C PRO F 221 53.34 -5.73 19.37
N ARG F 222 54.50 -6.20 18.92
CA ARG F 222 55.33 -5.46 17.99
C ARG F 222 54.76 -5.52 16.59
N ILE F 223 54.57 -4.34 15.99
CA ILE F 223 54.26 -4.22 14.56
C ILE F 223 55.41 -3.46 13.93
N ARG F 224 56.11 -4.11 13.01
CA ARG F 224 57.32 -3.57 12.40
C ARG F 224 58.35 -3.18 13.47
N ASP F 225 58.50 -4.05 14.47
CA ASP F 225 59.51 -3.90 15.52
C ASP F 225 59.32 -2.62 16.32
N ILE F 226 58.08 -2.35 16.71
CA ILE F 226 57.78 -1.21 17.58
C ILE F 226 56.76 -1.61 18.64
N PRO F 227 57.11 -1.56 19.93
CA PRO F 227 56.15 -1.86 20.99
C PRO F 227 55.38 -0.67 21.52
N SER F 228 55.47 0.49 20.89
CA SER F 228 54.76 1.70 21.29
C SER F 228 53.68 2.02 20.28
N ARG F 229 52.71 2.84 20.69
CA ARG F 229 51.58 3.17 19.83
C ARG F 229 51.36 4.67 19.78
N ILE F 230 50.43 5.08 18.91
CA ILE F 230 50.04 6.48 18.76
C ILE F 230 48.52 6.53 18.67
N SER F 231 47.90 7.36 19.50
CA SER F 231 46.47 7.59 19.46
C SER F 231 46.19 8.88 18.70
N ILE F 232 45.16 8.86 17.86
CA ILE F 232 44.85 9.97 16.96
C ILE F 232 43.56 10.63 17.40
N TYR F 233 43.59 11.95 17.55
CA TYR F 233 42.41 12.74 17.90
C TYR F 233 42.26 13.88 16.89
N TRP F 234 41.07 14.47 16.88
CA TRP F 234 40.78 15.57 15.97
C TRP F 234 39.92 16.62 16.68
N THR F 235 40.01 17.85 16.18
CA THR F 235 39.23 18.96 16.72
C THR F 235 38.81 19.87 15.57
N ILE F 236 37.69 20.57 15.76
CA ILE F 236 37.13 21.46 14.75
C ILE F 236 37.02 22.86 15.34
N VAL F 237 37.51 23.84 14.59
CA VAL F 237 37.49 25.24 15.00
C VAL F 237 36.62 26.01 14.02
N LYS F 238 35.59 26.67 14.54
CA LYS F 238 34.65 27.47 13.79
C LYS F 238 35.14 28.91 13.67
N PRO F 239 34.59 29.69 12.74
CA PRO F 239 35.01 31.09 12.61
C PRO F 239 34.80 31.86 13.90
N GLY F 240 35.78 32.68 14.24
CA GLY F 240 35.77 33.43 15.48
C GLY F 240 36.31 32.68 16.68
N ASP F 241 36.57 31.38 16.54
CA ASP F 241 37.09 30.58 17.63
C ASP F 241 38.62 30.56 17.60
N ILE F 242 39.21 30.05 18.68
CA ILE F 242 40.65 29.96 18.82
C ILE F 242 41.01 28.57 19.30
N LEU F 243 42.05 27.99 18.72
CA LEU F 243 42.54 26.68 19.10
C LEU F 243 43.73 26.87 20.04
N LEU F 244 43.65 26.27 21.23
CA LEU F 244 44.69 26.38 22.23
C LEU F 244 45.22 24.97 22.51
N ILE F 245 46.53 24.80 22.38
CA ILE F 245 47.19 23.53 22.68
C ILE F 245 48.13 23.76 23.84
N ASN F 246 47.92 23.01 24.92
CA ASN F 246 48.76 23.10 26.12
C ASN F 246 49.24 21.70 26.44
N SER F 247 50.55 21.48 26.31
CA SER F 247 51.13 20.16 26.45
C SER F 247 52.36 20.20 27.33
N THR F 248 52.57 19.11 28.07
CA THR F 248 53.79 18.90 28.83
C THR F 248 54.60 17.72 28.30
N GLY F 249 54.01 16.88 27.46
CA GLY F 249 54.74 15.80 26.83
C GLY F 249 53.80 14.94 26.00
N ASN F 250 54.42 14.02 25.26
CA ASN F 250 53.70 12.99 24.50
C ASN F 250 52.73 13.59 23.49
N LEU F 251 53.12 14.71 22.88
CA LEU F 251 52.28 15.43 21.94
C LEU F 251 52.74 15.16 20.52
N ILE F 252 51.83 14.71 19.67
CA ILE F 252 52.03 14.65 18.23
C ILE F 252 51.31 15.86 17.65
N ALA F 253 52.08 16.87 17.27
CA ALA F 253 51.52 18.16 16.90
C ALA F 253 50.96 18.13 15.48
N PRO F 254 50.00 19.01 15.18
CA PRO F 254 49.55 19.18 13.80
C PRO F 254 50.43 20.15 13.04
N ARG F 255 50.60 19.88 11.75
CA ARG F 255 51.39 20.72 10.87
C ARG F 255 50.56 21.75 10.12
N GLY F 256 49.25 21.73 10.26
CA GLY F 256 48.38 22.64 9.53
C GLY F 256 46.94 22.24 9.71
N TYR F 257 46.08 22.74 8.82
CA TYR F 257 44.66 22.48 8.93
C TYR F 257 44.06 22.03 7.60
N PHE F 258 43.05 21.18 7.70
CA PHE F 258 42.26 20.75 6.56
C PHE F 258 41.03 21.63 6.42
N LYS F 259 40.30 21.43 5.32
CA LYS F 259 39.08 22.16 5.06
C LYS F 259 37.90 21.21 5.15
N ILE F 260 36.86 21.64 5.86
CA ILE F 260 35.64 20.85 6.05
C ILE F 260 34.54 21.49 5.21
N ARG F 261 33.95 20.71 4.32
CA ARG F 261 32.83 21.16 3.51
C ARG F 261 31.66 20.21 3.68
N SER F 262 30.49 20.68 3.23
CA SER F 262 29.28 19.87 3.18
C SER F 262 28.89 19.66 1.73
N GLY F 263 28.72 18.41 1.34
CA GLY F 263 28.40 18.11 -0.04
C GLY F 263 27.78 16.75 -0.26
N LYS F 264 28.18 16.08 -1.34
CA LYS F 264 27.62 14.80 -1.73
C LYS F 264 28.70 13.73 -1.89
N SER F 265 29.71 13.77 -1.02
CA SER F 265 30.81 12.83 -1.06
C SER F 265 30.60 11.71 -0.05
N SER F 266 31.13 10.54 -0.35
CA SER F 266 30.95 9.38 0.51
C SER F 266 32.13 8.43 0.32
N ILE F 267 32.03 7.24 0.90
CA ILE F 267 33.05 6.21 0.84
C ILE F 267 32.41 4.90 0.42
N MET F 268 33.26 3.97 -0.06
CA MET F 268 32.76 2.70 -0.56
C MET F 268 33.88 1.67 -0.50
N ARG F 269 33.52 0.45 -0.13
CA ARG F 269 34.45 -0.67 -0.10
C ARG F 269 34.15 -1.58 -1.29
N SER F 270 35.14 -1.76 -2.17
CA SER F 270 34.93 -2.56 -3.37
C SER F 270 36.27 -3.08 -3.87
N ASP F 271 36.21 -4.11 -4.69
CA ASP F 271 37.37 -4.73 -5.32
C ASP F 271 37.15 -4.85 -6.82
N ALA F 272 36.48 -3.86 -7.42
CA ALA F 272 36.17 -3.88 -8.84
C ALA F 272 36.99 -2.83 -9.57
N PRO F 273 37.39 -3.11 -10.80
CA PRO F 273 38.20 -2.13 -11.55
C PRO F 273 37.36 -0.93 -11.99
N ILE F 274 38.06 0.14 -12.33
CA ILE F 274 37.45 1.41 -12.72
C ILE F 274 37.42 1.48 -14.24
N GLY F 275 36.24 1.77 -14.81
CA GLY F 275 36.05 1.81 -16.23
C GLY F 275 36.02 3.22 -16.79
N LYS F 276 35.66 3.32 -18.06
CA LYS F 276 35.57 4.59 -18.77
C LYS F 276 34.18 4.86 -19.32
N CYS F 277 33.16 4.22 -18.76
CA CYS F 277 31.79 4.36 -19.24
C CYS F 277 31.04 5.39 -18.39
N LYS F 278 29.74 5.53 -18.65
CA LYS F 278 28.88 6.47 -17.95
C LYS F 278 27.81 5.73 -17.19
N SER F 279 27.66 6.06 -15.90
CA SER F 279 26.59 5.48 -15.08
C SER F 279 26.42 6.28 -13.79
N GLU F 280 25.17 6.47 -13.36
CA GLU F 280 24.87 7.30 -12.20
C GLU F 280 24.75 6.52 -10.90
N CYS F 281 24.75 5.19 -10.96
CA CYS F 281 24.59 4.36 -9.77
C CYS F 281 25.83 3.50 -9.59
N ILE F 282 26.37 3.46 -8.38
CA ILE F 282 27.56 2.68 -8.08
C ILE F 282 27.27 1.74 -6.91
N THR F 283 27.59 0.46 -7.09
CA THR F 283 27.47 -0.58 -6.09
C THR F 283 28.82 -1.25 -5.90
N PRO F 284 29.07 -1.89 -4.75
CA PRO F 284 30.39 -2.50 -4.52
C PRO F 284 30.76 -3.56 -5.53
N ASN F 285 29.78 -4.24 -6.13
CA ASN F 285 30.04 -5.28 -7.11
C ASN F 285 30.00 -4.75 -8.54
N GLY F 286 29.94 -3.44 -8.72
CA GLY F 286 29.91 -2.85 -10.05
C GLY F 286 28.75 -1.90 -10.26
N SER F 287 28.84 -1.05 -11.27
CA SER F 287 27.78 -0.10 -11.57
C SER F 287 26.60 -0.79 -12.26
N ILE F 288 25.40 -0.31 -11.98
CA ILE F 288 24.19 -0.92 -12.51
C ILE F 288 23.31 0.14 -13.16
N PRO F 289 22.52 -0.22 -14.17
CA PRO F 289 21.57 0.74 -14.75
C PRO F 289 20.49 1.13 -13.75
N ASN F 290 19.98 2.35 -13.89
CA ASN F 290 18.99 2.90 -12.97
C ASN F 290 17.64 3.12 -13.63
N ASP F 291 17.36 2.42 -14.73
CA ASP F 291 16.06 2.57 -15.38
C ASP F 291 14.96 1.86 -14.58
N LYS F 292 15.24 0.67 -14.09
CA LYS F 292 14.27 -0.10 -13.32
C LYS F 292 14.17 0.46 -11.90
N PRO F 293 12.99 0.36 -11.28
CA PRO F 293 12.80 0.96 -9.95
C PRO F 293 13.33 0.12 -8.80
N PHE F 294 13.65 -1.15 -9.01
CA PHE F 294 14.11 -2.03 -7.95
C PHE F 294 15.36 -2.76 -8.40
N GLN F 295 16.19 -3.13 -7.42
CA GLN F 295 17.41 -3.87 -7.68
C GLN F 295 17.63 -4.91 -6.60
N ASN F 296 18.33 -5.98 -6.96
CA ASN F 296 18.62 -7.08 -6.06
C ASN F 296 20.14 -7.32 -6.05
N VAL F 297 20.90 -6.33 -6.50
CA VAL F 297 22.35 -6.49 -6.64
C VAL F 297 23.03 -6.37 -5.28
N ASN F 298 22.88 -5.21 -4.63
CA ASN F 298 23.51 -4.98 -3.34
C ASN F 298 22.72 -3.92 -2.59
N ARG F 299 22.91 -3.88 -1.28
CA ARG F 299 22.25 -2.88 -0.44
C ARG F 299 23.06 -1.59 -0.31
N ILE F 300 24.37 -1.65 -0.50
CA ILE F 300 25.20 -0.45 -0.48
C ILE F 300 25.16 0.19 -1.86
N THR F 301 24.74 1.45 -1.92
CA THR F 301 24.57 2.14 -3.18
C THR F 301 25.03 3.59 -3.04
N TYR F 302 25.47 4.15 -4.16
CA TYR F 302 25.80 5.58 -4.24
C TYR F 302 25.20 6.14 -5.51
N GLY F 303 24.48 7.26 -5.38
CA GLY F 303 23.95 7.96 -6.53
C GLY F 303 22.46 7.87 -6.64
N ALA F 304 21.98 7.93 -7.88
CA ALA F 304 20.55 7.77 -8.19
C ALA F 304 20.27 6.30 -8.44
N CYS F 305 20.22 5.55 -7.35
CA CYS F 305 20.14 4.10 -7.45
C CYS F 305 18.72 3.62 -7.17
N PRO F 306 18.34 2.48 -7.75
CA PRO F 306 17.04 1.89 -7.43
C PRO F 306 17.03 1.33 -6.01
N ARG F 307 15.81 1.12 -5.50
CA ARG F 307 15.64 0.57 -4.16
C ARG F 307 16.01 -0.91 -4.14
N TYR F 308 16.43 -1.38 -2.97
CA TYR F 308 16.86 -2.77 -2.81
C TYR F 308 15.72 -3.59 -2.24
N VAL F 309 15.44 -4.73 -2.89
CA VAL F 309 14.44 -5.67 -2.44
C VAL F 309 15.06 -7.06 -2.45
N LYS F 310 14.51 -7.95 -1.62
CA LYS F 310 15.01 -9.31 -1.49
C LYS F 310 14.40 -10.26 -2.51
N GLN F 311 13.65 -9.76 -3.48
CA GLN F 311 13.00 -10.57 -4.49
C GLN F 311 13.86 -10.65 -5.75
N SER F 312 13.98 -11.84 -6.31
CA SER F 312 14.79 -12.02 -7.50
C SER F 312 14.11 -11.46 -8.75
N THR F 313 12.80 -11.67 -8.87
CA THR F 313 12.07 -11.24 -10.06
C THR F 313 10.73 -10.63 -9.66
N LEU F 314 10.31 -9.63 -10.44
CA LEU F 314 9.00 -9.01 -10.30
C LEU F 314 8.57 -8.57 -11.69
N LYS F 315 7.53 -9.20 -12.21
CA LYS F 315 7.10 -8.97 -13.59
C LYS F 315 5.81 -8.16 -13.60
N LEU F 316 5.79 -7.10 -14.41
CA LEU F 316 4.64 -6.22 -14.55
C LEU F 316 4.00 -6.48 -15.91
N ALA F 317 2.68 -6.66 -15.91
CA ALA F 317 1.96 -7.01 -17.13
C ALA F 317 1.85 -5.79 -18.04
N THR F 318 2.37 -5.91 -19.25
CA THR F 318 2.23 -4.88 -20.28
C THR F 318 1.35 -5.34 -21.43
N GLY F 319 0.55 -6.38 -21.21
CA GLY F 319 -0.33 -6.89 -22.24
C GLY F 319 -1.53 -7.57 -21.61
N MET F 320 -2.41 -8.09 -22.45
CA MET F 320 -3.61 -8.77 -21.99
C MET F 320 -3.32 -10.23 -21.70
N ARG F 321 -4.36 -10.96 -21.30
CA ARG F 321 -4.21 -12.36 -20.98
C ARG F 321 -4.08 -13.20 -22.24
N ASN F 322 -3.30 -14.28 -22.14
CA ASN F 322 -3.04 -15.16 -23.25
C ASN F 322 -3.92 -16.39 -23.14
N VAL F 323 -4.83 -16.56 -24.09
CA VAL F 323 -5.71 -17.73 -24.13
C VAL F 323 -5.45 -18.45 -25.45
N PRO F 324 -4.49 -19.38 -25.49
CA PRO F 324 -4.22 -20.11 -26.74
C PRO F 324 -5.28 -21.15 -27.00
N GLU F 325 -5.32 -21.61 -28.25
CA GLU F 325 -6.28 -22.61 -28.68
C GLU F 325 -6.08 -23.93 -27.96
N GLU F 340 -13.85 -17.20 -26.90
CA GLU F 340 -13.35 -17.88 -25.71
C GLU F 340 -11.85 -18.10 -25.80
N ASN F 341 -11.27 -17.82 -26.96
CA ASN F 341 -9.84 -17.97 -27.18
C ASN F 341 -9.34 -16.80 -28.01
N GLY F 342 -8.03 -16.57 -27.94
CA GLY F 342 -7.41 -15.52 -28.72
C GLY F 342 -7.01 -15.98 -30.10
N TRP F 343 -6.76 -15.00 -30.97
CA TRP F 343 -6.39 -15.25 -32.36
C TRP F 343 -4.90 -15.00 -32.52
N GLU F 344 -4.16 -16.04 -32.91
CA GLU F 344 -2.72 -15.93 -33.09
C GLU F 344 -2.34 -15.30 -34.42
N GLY F 345 -3.29 -15.13 -35.34
CA GLY F 345 -3.02 -14.53 -36.63
C GLY F 345 -3.18 -13.04 -36.70
N MET F 346 -3.77 -12.42 -35.69
CA MET F 346 -3.88 -10.97 -35.65
C MET F 346 -2.51 -10.37 -35.36
N VAL F 347 -1.83 -9.91 -36.41
CA VAL F 347 -0.54 -9.27 -36.29
C VAL F 347 -0.62 -7.77 -36.52
N ASP F 348 -1.83 -7.24 -36.65
CA ASP F 348 -2.04 -5.83 -36.96
C ASP F 348 -2.71 -5.05 -35.83
N GLY F 349 -3.16 -5.73 -34.77
CA GLY F 349 -3.80 -5.03 -33.68
C GLY F 349 -4.01 -5.96 -32.51
N TRP F 350 -4.61 -5.40 -31.45
CA TRP F 350 -4.92 -6.15 -30.24
C TRP F 350 -6.34 -6.68 -30.21
N TYR F 351 -7.29 -5.95 -30.79
CA TYR F 351 -8.69 -6.35 -30.85
C TYR F 351 -9.15 -6.29 -32.30
N GLY F 352 -10.11 -7.14 -32.67
CA GLY F 352 -10.50 -7.16 -34.06
C GLY F 352 -11.74 -7.97 -34.35
N PHE F 353 -12.09 -7.97 -35.64
CA PHE F 353 -13.28 -8.60 -36.17
C PHE F 353 -12.92 -9.75 -37.09
N ARG F 354 -13.79 -10.75 -37.12
CA ARG F 354 -13.72 -11.86 -38.07
C ARG F 354 -15.12 -12.08 -38.63
N TRP F 355 -15.26 -11.98 -39.94
CA TRP F 355 -16.59 -11.99 -40.54
C TRP F 355 -16.69 -13.07 -41.61
N GLN F 356 -17.90 -13.60 -41.75
CA GLN F 356 -18.22 -14.56 -42.80
C GLN F 356 -19.46 -14.06 -43.54
N ASN F 357 -19.25 -13.49 -44.72
CA ASN F 357 -20.33 -12.99 -45.57
C ASN F 357 -20.33 -13.75 -46.89
N SER F 358 -21.20 -13.29 -47.80
CA SER F 358 -21.37 -13.98 -49.08
C SER F 358 -20.09 -13.95 -49.91
N GLU F 359 -19.38 -12.82 -49.89
CA GLU F 359 -18.18 -12.71 -50.72
C GLU F 359 -17.04 -13.59 -50.20
N GLY F 360 -17.04 -13.90 -48.92
CA GLY F 360 -16.03 -14.78 -48.37
C GLY F 360 -15.84 -14.57 -46.89
N ARG F 361 -14.67 -14.98 -46.41
CA ARG F 361 -14.30 -14.89 -45.01
C ARG F 361 -13.17 -13.90 -44.86
N GLY F 362 -13.17 -13.16 -43.75
CA GLY F 362 -12.16 -12.13 -43.58
C GLY F 362 -11.90 -11.83 -42.12
N GLN F 363 -10.82 -11.10 -41.88
CA GLN F 363 -10.37 -10.74 -40.54
C GLN F 363 -9.67 -9.40 -40.61
N ALA F 364 -9.90 -8.57 -39.59
CA ALA F 364 -9.29 -7.24 -39.55
C ALA F 364 -9.15 -6.82 -38.09
N ALA F 365 -8.39 -5.74 -37.89
CA ALA F 365 -8.09 -5.23 -36.55
C ALA F 365 -8.67 -3.83 -36.37
N ASP F 366 -8.92 -3.47 -35.12
CA ASP F 366 -9.44 -2.16 -34.76
C ASP F 366 -8.32 -1.36 -34.10
N LEU F 367 -8.16 -0.12 -34.55
CA LEU F 367 -7.01 0.69 -34.14
C LEU F 367 -7.27 1.53 -32.91
N LYS F 368 -8.50 2.04 -32.74
CA LYS F 368 -8.78 2.97 -31.64
C LYS F 368 -8.62 2.29 -30.29
N SER F 369 -9.25 1.12 -30.11
CA SER F 369 -9.17 0.42 -28.84
C SER F 369 -7.75 -0.04 -28.53
N THR F 370 -7.06 -0.55 -29.55
CA THR F 370 -5.67 -0.96 -29.38
C THR F 370 -4.82 0.21 -28.92
N GLN F 371 -4.98 1.37 -29.57
CA GLN F 371 -4.19 2.54 -29.20
C GLN F 371 -4.54 3.04 -27.81
N ALA F 372 -5.80 2.97 -27.42
CA ALA F 372 -6.18 3.39 -26.06
C ALA F 372 -5.52 2.51 -25.02
N ALA F 373 -5.57 1.19 -25.21
CA ALA F 373 -4.91 0.29 -24.26
C ALA F 373 -3.41 0.51 -24.22
N ILE F 374 -2.80 0.69 -25.38
CA ILE F 374 -1.35 0.92 -25.44
C ILE F 374 -0.99 2.22 -24.72
N ASP F 375 -1.81 3.26 -24.91
CA ASP F 375 -1.55 4.53 -24.25
C ASP F 375 -1.65 4.42 -22.74
N GLN F 376 -2.65 3.70 -22.23
CA GLN F 376 -2.76 3.53 -20.79
C GLN F 376 -1.57 2.76 -20.22
N ILE F 377 -1.17 1.67 -20.89
CA ILE F 377 -0.03 0.89 -20.41
C ILE F 377 1.24 1.73 -20.45
N ASN F 378 1.42 2.52 -21.51
CA ASN F 378 2.61 3.36 -21.62
C ASN F 378 2.62 4.43 -20.53
N GLY F 379 1.45 4.97 -20.18
CA GLY F 379 1.39 5.91 -19.08
C GLY F 379 1.79 5.29 -17.77
N ILE F 380 1.32 4.07 -17.49
CA ILE F 380 1.73 3.38 -16.27
C ILE F 380 3.24 3.17 -16.26
N LEU F 381 3.80 2.71 -17.38
CA LEU F 381 5.24 2.48 -17.44
C LEU F 381 6.03 3.76 -17.27
N ASN F 382 5.55 4.87 -17.83
CA ASN F 382 6.21 6.16 -17.64
C ASN F 382 6.16 6.59 -16.18
N ARG F 383 5.04 6.32 -15.48
CA ARG F 383 5.00 6.62 -14.05
C ARG F 383 5.99 5.78 -13.27
N LEU F 384 6.23 4.54 -13.70
CA LEU F 384 7.13 3.65 -12.95
C LEU F 384 8.58 3.76 -13.39
N ILE F 385 8.87 3.56 -14.67
CA ILE F 385 10.25 3.43 -15.14
C ILE F 385 10.88 4.80 -15.29
N GLY F 386 12.09 4.95 -14.75
CA GLY F 386 12.88 6.16 -14.94
C GLY F 386 12.89 7.12 -13.78
N LYS F 387 12.10 6.87 -12.74
CA LYS F 387 11.97 7.79 -11.61
C LYS F 387 12.79 7.22 -10.45
N THR F 388 13.89 7.89 -10.10
CA THR F 388 14.78 7.42 -9.07
C THR F 388 15.20 8.58 -8.17
N ASN F 389 15.57 8.24 -6.94
CA ASN F 389 15.99 9.20 -5.93
C ASN F 389 17.50 9.10 -5.69
N GLU F 390 18.09 10.20 -5.26
CA GLU F 390 19.53 10.29 -5.07
C GLU F 390 19.86 10.12 -3.60
N LYS F 391 20.72 9.14 -3.29
CA LYS F 391 21.25 8.94 -1.95
C LYS F 391 22.77 8.90 -2.04
N PHE F 392 23.43 9.79 -1.29
CA PHE F 392 24.88 9.96 -1.37
C PHE F 392 25.61 9.32 -0.20
N HIS F 393 25.34 9.76 1.02
CA HIS F 393 26.02 9.25 2.21
C HIS F 393 25.00 8.65 3.15
N GLN F 394 25.29 7.45 3.64
CA GLN F 394 24.40 6.71 4.50
C GLN F 394 25.23 6.02 5.58
N ILE F 395 24.62 5.08 6.29
CA ILE F 395 25.29 4.36 7.34
C ILE F 395 25.96 3.11 6.74
N GLU F 396 26.91 2.56 7.49
CA GLU F 396 27.58 1.34 7.06
C GLU F 396 26.63 0.15 7.16
N LYS F 397 26.73 -0.76 6.19
CA LYS F 397 25.87 -1.93 6.13
C LYS F 397 26.61 -3.25 6.30
N GLU F 398 27.93 -3.26 6.17
CA GLU F 398 28.73 -4.46 6.37
C GLU F 398 29.76 -4.21 7.46
N PHE F 399 29.91 -5.19 8.35
CA PHE F 399 30.80 -5.08 9.49
C PHE F 399 31.76 -6.25 9.53
N SER F 400 32.95 -6.01 10.08
CA SER F 400 33.98 -7.04 10.19
C SER F 400 34.30 -7.43 11.62
N GLU F 401 33.93 -6.61 12.60
CA GLU F 401 34.14 -6.90 14.01
C GLU F 401 32.81 -6.78 14.74
N VAL F 402 32.72 -7.45 15.89
CA VAL F 402 31.54 -7.36 16.73
C VAL F 402 31.79 -6.30 17.80
N GLU F 403 30.83 -5.38 17.95
CA GLU F 403 30.95 -4.27 18.88
C GLU F 403 29.85 -4.26 19.91
N GLY F 404 28.58 -4.28 19.50
CA GLY F 404 27.50 -4.27 20.46
C GLY F 404 26.24 -3.53 20.05
N ARG F 405 25.82 -2.58 20.88
CA ARG F 405 24.49 -2.00 20.78
C ARG F 405 24.30 -1.17 19.53
N VAL F 406 25.27 -0.31 19.20
CA VAL F 406 25.11 0.53 18.03
C VAL F 406 25.13 -0.29 16.74
N GLN F 407 25.94 -1.36 16.69
CA GLN F 407 26.05 -2.15 15.48
C GLN F 407 24.77 -2.91 15.17
N ASP F 408 24.18 -3.57 16.17
CA ASP F 408 22.95 -4.27 15.89
C ASP F 408 21.76 -3.33 15.81
N LEU F 409 21.85 -2.12 16.38
CA LEU F 409 20.83 -1.12 16.07
C LEU F 409 20.87 -0.74 14.59
N GLU F 410 22.07 -0.53 14.04
CA GLU F 410 22.19 -0.26 12.61
C GLU F 410 21.66 -1.41 11.77
N LYS F 411 22.02 -2.64 12.14
CA LYS F 411 21.55 -3.82 11.42
C LYS F 411 20.03 -3.92 11.45
N TYR F 412 19.44 -3.68 12.62
CA TYR F 412 17.99 -3.71 12.76
C TYR F 412 17.31 -2.67 11.89
N VAL F 413 17.85 -1.45 11.85
CA VAL F 413 17.26 -0.40 11.02
C VAL F 413 17.30 -0.80 9.56
N GLU F 414 18.45 -1.30 9.09
CA GLU F 414 18.56 -1.67 7.68
C GLU F 414 17.64 -2.82 7.33
N ASP F 415 17.54 -3.82 8.20
CA ASP F 415 16.66 -4.96 7.93
C ASP F 415 15.21 -4.53 7.88
N THR F 416 14.79 -3.65 8.79
CA THR F 416 13.42 -3.15 8.77
C THR F 416 13.12 -2.42 7.45
N LYS F 417 14.05 -1.57 7.02
CA LYS F 417 13.85 -0.86 5.76
C LYS F 417 13.73 -1.82 4.59
N ILE F 418 14.60 -2.83 4.53
CA ILE F 418 14.58 -3.77 3.42
C ILE F 418 13.26 -4.54 3.38
N ASP F 419 12.80 -5.02 4.54
CA ASP F 419 11.55 -5.77 4.58
C ASP F 419 10.36 -4.92 4.16
N LEU F 420 10.30 -3.67 4.64
CA LEU F 420 9.19 -2.80 4.27
C LEU F 420 9.17 -2.52 2.78
N TRP F 421 10.34 -2.27 2.19
CA TRP F 421 10.37 -1.97 0.76
C TRP F 421 10.05 -3.20 -0.08
N SER F 422 10.46 -4.39 0.36
CA SER F 422 10.07 -5.60 -0.36
C SER F 422 8.56 -5.80 -0.35
N TYR F 423 7.93 -5.59 0.82
CA TYR F 423 6.47 -5.67 0.89
C TYR F 423 5.82 -4.67 -0.04
N ASN F 424 6.32 -3.43 -0.06
CA ASN F 424 5.75 -2.41 -0.93
C ASN F 424 5.86 -2.80 -2.39
N ALA F 425 7.02 -3.33 -2.80
CA ALA F 425 7.21 -3.73 -4.20
C ALA F 425 6.23 -4.83 -4.59
N GLU F 426 6.10 -5.86 -3.75
CA GLU F 426 5.18 -6.95 -4.07
C GLU F 426 3.74 -6.46 -4.21
N LEU F 427 3.29 -5.66 -3.25
CA LEU F 427 1.90 -5.19 -3.29
C LEU F 427 1.66 -4.29 -4.49
N LEU F 428 2.61 -3.41 -4.81
CA LEU F 428 2.43 -2.51 -5.96
C LEU F 428 2.34 -3.29 -7.26
N VAL F 429 3.21 -4.29 -7.44
CA VAL F 429 3.16 -5.08 -8.66
C VAL F 429 1.82 -5.80 -8.78
N ALA F 430 1.35 -6.39 -7.67
CA ALA F 430 0.06 -7.08 -7.72
C ALA F 430 -1.07 -6.13 -8.08
N LEU F 431 -1.10 -4.95 -7.47
CA LEU F 431 -2.16 -3.97 -7.74
C LEU F 431 -2.17 -3.55 -9.21
N ILE F 432 -0.99 -3.20 -9.74
CA ILE F 432 -0.95 -2.68 -11.10
C ILE F 432 -1.27 -3.78 -12.10
N ASN F 433 -0.83 -5.01 -11.84
CA ASN F 433 -1.19 -6.11 -12.73
C ASN F 433 -2.70 -6.35 -12.74
N GLN F 434 -3.32 -6.31 -11.56
CA GLN F 434 -4.77 -6.50 -11.49
C GLN F 434 -5.50 -5.44 -12.29
N HIS F 435 -5.11 -4.17 -12.13
CA HIS F 435 -5.81 -3.12 -12.86
C HIS F 435 -5.53 -3.16 -14.35
N THR F 436 -4.33 -3.57 -14.76
CA THR F 436 -4.04 -3.70 -16.19
C THR F 436 -4.89 -4.79 -16.83
N ILE F 437 -5.01 -5.94 -16.16
CA ILE F 437 -5.86 -7.01 -16.68
C ILE F 437 -7.31 -6.53 -16.77
N ASP F 438 -7.77 -5.83 -15.74
CA ASP F 438 -9.15 -5.33 -15.74
C ASP F 438 -9.39 -4.38 -16.91
N LEU F 439 -8.47 -3.46 -17.16
CA LEU F 439 -8.67 -2.51 -18.26
C LEU F 439 -8.61 -3.21 -19.62
N THR F 440 -7.72 -4.19 -19.77
CA THR F 440 -7.64 -4.89 -21.05
C THR F 440 -8.93 -5.67 -21.34
N ASP F 441 -9.55 -6.27 -20.32
CA ASP F 441 -10.83 -6.90 -20.55
C ASP F 441 -11.94 -5.87 -20.78
N SER F 442 -11.87 -4.73 -20.09
CA SER F 442 -12.89 -3.71 -20.27
C SER F 442 -12.89 -3.14 -21.68
N GLU F 443 -11.73 -3.09 -22.33
CA GLU F 443 -11.70 -2.63 -23.72
C GLU F 443 -12.47 -3.56 -24.64
N MET F 444 -12.30 -4.88 -24.46
CA MET F 444 -13.06 -5.83 -25.26
C MET F 444 -14.55 -5.72 -24.99
N ASN F 445 -14.92 -5.59 -23.72
CA ASN F 445 -16.35 -5.42 -23.40
C ASN F 445 -16.91 -4.15 -24.01
N LYS F 446 -16.13 -3.07 -24.01
CA LYS F 446 -16.58 -1.82 -24.60
C LYS F 446 -16.81 -1.96 -26.09
N LEU F 447 -15.88 -2.60 -26.80
CA LEU F 447 -16.06 -2.81 -28.23
C LEU F 447 -17.27 -3.69 -28.52
N PHE F 448 -17.45 -4.75 -27.73
CA PHE F 448 -18.62 -5.62 -27.91
C PHE F 448 -19.91 -4.85 -27.72
N GLU F 449 -20.00 -4.05 -26.66
CA GLU F 449 -21.24 -3.32 -26.39
C GLU F 449 -21.49 -2.24 -27.43
N LYS F 450 -20.45 -1.57 -27.91
CA LYS F 450 -20.65 -0.56 -28.95
C LYS F 450 -21.14 -1.20 -30.25
N THR F 451 -20.57 -2.34 -30.62
CA THR F 451 -21.05 -3.03 -31.82
C THR F 451 -22.47 -3.54 -31.63
N LYS F 452 -22.82 -3.98 -30.42
CA LYS F 452 -24.18 -4.40 -30.14
C LYS F 452 -25.16 -3.24 -30.27
N LYS F 453 -24.80 -2.07 -29.75
CA LYS F 453 -25.67 -0.91 -29.84
C LYS F 453 -25.78 -0.39 -31.26
N GLN F 454 -24.75 -0.58 -32.09
CA GLN F 454 -24.82 -0.13 -33.47
C GLN F 454 -25.87 -0.90 -34.25
N LEU F 455 -25.97 -2.21 -34.04
CA LEU F 455 -26.98 -3.05 -34.69
C LEU F 455 -28.12 -3.22 -33.71
N ARG F 456 -29.17 -2.42 -33.88
CA ARG F 456 -30.22 -2.34 -32.88
C ARG F 456 -31.10 -3.59 -32.87
N GLU F 457 -31.81 -3.84 -33.96
CA GLU F 457 -32.68 -5.01 -34.07
C GLU F 457 -32.33 -5.88 -35.26
N ASN F 458 -31.25 -5.57 -35.97
CA ASN F 458 -30.83 -6.34 -37.13
C ASN F 458 -29.85 -7.44 -36.80
N ALA F 459 -29.46 -7.58 -35.53
CA ALA F 459 -28.50 -8.60 -35.14
C ALA F 459 -28.93 -9.23 -33.82
N GLU F 460 -28.55 -10.49 -33.64
CA GLU F 460 -28.77 -11.21 -32.40
C GLU F 460 -27.44 -11.69 -31.84
N ASP F 461 -27.32 -11.66 -30.52
CA ASP F 461 -26.07 -12.00 -29.83
C ASP F 461 -26.06 -13.48 -29.50
N MET F 462 -25.34 -14.26 -30.30
CA MET F 462 -25.00 -15.61 -29.88
C MET F 462 -23.99 -15.54 -28.74
N GLY F 463 -24.10 -16.49 -27.80
CA GLY F 463 -23.34 -16.39 -26.57
C GLY F 463 -21.84 -16.44 -26.73
N ASN F 464 -21.35 -16.87 -27.89
CA ASN F 464 -19.92 -17.09 -28.09
C ASN F 464 -19.17 -15.84 -28.54
N GLY F 465 -19.74 -14.66 -28.27
CA GLY F 465 -19.10 -13.43 -28.69
C GLY F 465 -19.31 -13.04 -30.13
N CYS F 466 -20.19 -13.75 -30.84
CA CYS F 466 -20.45 -13.49 -32.25
C CYS F 466 -21.87 -13.01 -32.44
N PHE F 467 -22.05 -12.07 -33.38
CA PHE F 467 -23.35 -11.55 -33.75
C PHE F 467 -23.81 -12.20 -35.04
N LYS F 468 -25.09 -12.59 -35.07
CA LYS F 468 -25.75 -13.06 -36.28
C LYS F 468 -26.59 -11.92 -36.82
N ILE F 469 -26.20 -11.40 -37.98
CA ILE F 469 -26.89 -10.28 -38.61
C ILE F 469 -27.88 -10.85 -39.61
N TYR F 470 -29.14 -10.44 -39.50
CA TYR F 470 -30.24 -11.08 -40.21
C TYR F 470 -30.59 -10.42 -41.53
N HIS F 471 -29.60 -9.83 -42.22
CA HIS F 471 -29.82 -9.26 -43.54
C HIS F 471 -28.61 -9.57 -44.41
N LYS F 472 -28.64 -9.07 -45.64
CA LYS F 472 -27.57 -9.32 -46.60
C LYS F 472 -26.42 -8.37 -46.32
N CYS F 473 -25.28 -8.91 -45.91
CA CYS F 473 -24.11 -8.12 -45.57
C CYS F 473 -23.01 -8.42 -46.58
N ASP F 474 -22.49 -7.37 -47.21
CA ASP F 474 -21.32 -7.48 -48.05
C ASP F 474 -20.12 -6.84 -47.34
N ASN F 475 -18.99 -6.78 -48.04
CA ASN F 475 -17.79 -6.19 -47.46
C ASN F 475 -17.98 -4.71 -47.18
N ALA F 476 -18.78 -4.02 -48.01
CA ALA F 476 -19.05 -2.60 -47.79
C ALA F 476 -19.78 -2.37 -46.47
N CYS F 477 -20.78 -3.21 -46.17
CA CYS F 477 -21.53 -3.01 -44.93
C CYS F 477 -20.70 -3.37 -43.70
N ILE F 478 -19.87 -4.41 -43.80
CA ILE F 478 -18.98 -4.74 -42.70
C ILE F 478 -17.99 -3.61 -42.47
N GLY F 479 -17.45 -3.04 -43.54
CA GLY F 479 -16.59 -1.88 -43.40
C GLY F 479 -17.32 -0.68 -42.82
N SER F 480 -18.62 -0.57 -43.10
CA SER F 480 -19.41 0.49 -42.49
C SER F 480 -19.57 0.28 -40.99
N ILE F 481 -19.80 -0.96 -40.56
CA ILE F 481 -19.87 -1.26 -39.14
C ILE F 481 -18.55 -0.95 -38.46
N ARG F 482 -17.43 -1.34 -39.09
CA ARG F 482 -16.12 -1.04 -38.52
C ARG F 482 -15.82 0.46 -38.57
N ASN F 483 -16.42 1.18 -39.50
CA ASN F 483 -16.22 2.61 -39.68
C ASN F 483 -17.04 3.46 -38.73
N GLU F 484 -17.96 2.86 -37.97
CA GLU F 484 -18.90 3.58 -37.12
C GLU F 484 -19.81 4.50 -37.93
N THR F 485 -20.09 4.12 -39.18
CA THR F 485 -21.01 4.86 -40.03
C THR F 485 -22.09 3.93 -40.58
N TYR F 486 -22.69 3.13 -39.70
CA TYR F 486 -23.66 2.12 -40.10
C TYR F 486 -25.06 2.62 -39.77
N ASP F 487 -25.89 2.79 -40.80
CA ASP F 487 -27.27 3.25 -40.64
C ASP F 487 -28.18 2.04 -40.58
N HIS F 488 -28.84 1.85 -39.45
CA HIS F 488 -29.65 0.66 -39.23
C HIS F 488 -31.05 0.78 -39.83
N ASN F 489 -31.43 1.95 -40.33
CA ASN F 489 -32.78 2.12 -40.86
C ASN F 489 -32.93 1.59 -42.28
N VAL F 490 -31.83 1.39 -42.99
CA VAL F 490 -31.90 0.85 -44.35
C VAL F 490 -32.30 -0.61 -44.33
N TYR F 491 -31.72 -1.39 -43.41
CA TYR F 491 -31.89 -2.83 -43.39
C TYR F 491 -32.93 -3.30 -42.40
N ARG F 492 -33.68 -2.37 -41.78
CA ARG F 492 -34.53 -2.74 -40.65
C ARG F 492 -35.66 -3.65 -41.07
N ASP F 493 -36.32 -3.36 -42.18
CA ASP F 493 -37.47 -4.17 -42.59
C ASP F 493 -37.05 -5.58 -42.94
N GLU F 494 -35.98 -5.74 -43.72
CA GLU F 494 -35.51 -7.07 -44.08
C GLU F 494 -35.05 -7.84 -42.86
N ALA F 495 -34.33 -7.19 -41.95
CA ALA F 495 -33.84 -7.86 -40.76
C ALA F 495 -34.99 -8.31 -39.87
N LEU F 496 -36.01 -7.46 -39.69
CA LEU F 496 -37.17 -7.85 -38.88
C LEU F 496 -37.94 -8.98 -39.55
N ASN F 497 -38.07 -8.94 -40.88
CA ASN F 497 -38.78 -10.01 -41.58
C ASN F 497 -38.06 -11.33 -41.41
N ASN F 498 -36.73 -11.33 -41.50
CA ASN F 498 -35.98 -12.57 -41.36
C ASN F 498 -35.94 -13.06 -39.91
N ARG F 499 -35.84 -12.14 -38.96
CA ARG F 499 -35.63 -12.52 -37.57
C ARG F 499 -36.87 -13.19 -36.97
N PHE F 500 -38.04 -12.58 -37.17
CA PHE F 500 -39.27 -13.12 -36.63
C PHE F 500 -40.04 -13.89 -37.68
N ASN G 8 -46.03 13.05 -33.01
CA ASN G 8 -46.54 13.07 -31.64
C ASN G 8 -46.99 11.68 -31.21
N SER G 9 -46.15 10.67 -31.51
CA SER G 9 -46.42 9.30 -31.09
C SER G 9 -45.18 8.63 -30.50
N THR G 10 -44.19 9.40 -30.07
CA THR G 10 -42.94 8.87 -29.55
C THR G 10 -42.30 9.92 -28.65
N ALA G 11 -41.73 9.47 -27.54
CA ALA G 11 -41.05 10.36 -26.61
C ALA G 11 -39.57 10.01 -26.53
N THR G 12 -38.77 10.96 -26.05
CA THR G 12 -37.34 10.75 -25.90
C THR G 12 -36.93 11.03 -24.47
N LEU G 13 -36.17 10.13 -23.87
CA LEU G 13 -35.75 10.26 -22.48
C LEU G 13 -34.26 9.99 -22.36
N CYS G 14 -33.49 11.00 -21.97
CA CYS G 14 -32.04 10.87 -21.90
C CYS G 14 -31.58 11.00 -20.46
N LEU G 15 -30.52 10.26 -20.14
CA LEU G 15 -29.91 10.29 -18.82
C LEU G 15 -28.58 11.02 -18.89
N GLY G 16 -28.22 11.68 -17.80
CA GLY G 16 -26.97 12.43 -17.82
C GLY G 16 -26.56 12.83 -16.42
N HIS G 17 -25.40 13.48 -16.36
CA HIS G 17 -24.82 13.96 -15.11
C HIS G 17 -24.55 15.45 -15.20
N HIS G 18 -23.91 15.98 -14.17
CA HIS G 18 -23.71 17.41 -14.02
C HIS G 18 -22.23 17.75 -14.18
N ALA G 19 -21.98 18.92 -14.77
CA ALA G 19 -20.64 19.45 -14.94
C ALA G 19 -20.51 20.78 -14.21
N VAL G 20 -19.29 21.28 -14.14
CA VAL G 20 -19.02 22.56 -13.48
C VAL G 20 -18.16 23.41 -14.41
N PRO G 21 -18.22 24.75 -14.29
CA PRO G 21 -17.39 25.60 -15.17
C PRO G 21 -15.90 25.37 -15.00
N ASN G 22 -15.39 25.50 -13.78
CA ASN G 22 -14.01 25.19 -13.48
C ASN G 22 -13.91 23.74 -12.96
N GLY G 23 -12.69 23.22 -12.88
CA GLY G 23 -12.49 21.85 -12.49
C GLY G 23 -11.09 21.57 -11.97
N THR G 24 -10.92 20.47 -11.24
CA THR G 24 -9.64 20.16 -10.60
C THR G 24 -9.06 18.87 -11.17
N ILE G 25 -7.76 18.90 -11.44
CA ILE G 25 -7.05 17.78 -12.05
C ILE G 25 -6.48 16.91 -10.93
N VAL G 26 -6.75 15.61 -10.98
CA VAL G 26 -6.29 14.65 -9.99
C VAL G 26 -5.64 13.47 -10.72
N LYS G 27 -5.06 12.58 -9.91
CA LYS G 27 -4.29 11.44 -10.37
C LYS G 27 -4.93 10.15 -9.89
N THR G 28 -4.96 9.14 -10.76
CA THR G 28 -5.40 7.80 -10.42
C THR G 28 -4.31 6.80 -10.79
N ILE G 29 -4.61 5.51 -10.59
CA ILE G 29 -3.65 4.47 -10.92
C ILE G 29 -3.48 4.35 -12.44
N THR G 30 -4.59 4.39 -13.18
CA THR G 30 -4.55 4.26 -14.62
C THR G 30 -4.30 5.59 -15.32
N ASN G 31 -4.95 6.65 -14.87
CA ASN G 31 -4.83 7.97 -15.48
C ASN G 31 -4.07 8.90 -14.56
N ASP G 32 -3.08 9.60 -15.12
CA ASP G 32 -2.29 10.57 -14.37
C ASP G 32 -2.80 12.00 -14.49
N ARG G 33 -3.81 12.23 -15.33
CA ARG G 33 -4.42 13.56 -15.51
C ARG G 33 -5.90 13.35 -15.78
N ILE G 34 -6.72 13.39 -14.74
CA ILE G 34 -8.16 13.24 -14.90
C ILE G 34 -8.85 14.41 -14.18
N GLU G 35 -9.76 15.06 -14.88
CA GLU G 35 -10.41 16.27 -14.39
C GLU G 35 -11.73 15.90 -13.71
N VAL G 36 -11.91 16.40 -12.48
CA VAL G 36 -13.09 16.10 -11.68
C VAL G 36 -13.70 17.40 -11.21
N THR G 37 -14.95 17.30 -10.75
CA THR G 37 -15.73 18.48 -10.40
C THR G 37 -15.19 19.14 -9.13
N ASN G 38 -14.85 18.36 -8.12
CA ASN G 38 -14.47 18.91 -6.83
C ASN G 38 -13.45 18.00 -6.19
N ALA G 39 -12.45 18.60 -5.53
CA ALA G 39 -11.39 17.85 -4.89
C ALA G 39 -10.92 18.61 -3.66
N THR G 40 -10.34 17.88 -2.71
CA THR G 40 -9.88 18.45 -1.45
C THR G 40 -8.41 18.15 -1.24
N GLU G 41 -7.68 19.14 -0.73
CA GLU G 41 -6.27 18.96 -0.43
C GLU G 41 -6.08 18.17 0.85
N LEU G 42 -5.08 17.29 0.86
CA LEU G 42 -4.78 16.45 2.01
C LEU G 42 -3.43 16.78 2.63
N VAL G 43 -2.77 17.84 2.19
CA VAL G 43 -1.48 18.27 2.73
C VAL G 43 -1.61 19.70 3.21
N GLN G 44 -1.24 19.94 4.47
CA GLN G 44 -1.26 21.27 5.04
C GLN G 44 0.10 21.93 4.85
N ASN G 45 0.10 23.14 4.29
CA ASN G 45 1.33 23.84 3.95
C ASN G 45 1.38 25.26 4.51
N SER G 46 0.57 25.57 5.53
CA SER G 46 0.53 26.91 6.09
C SER G 46 0.51 26.83 7.61
N SER G 47 1.04 27.88 8.24
CA SER G 47 1.05 28.00 9.69
C SER G 47 0.63 29.40 10.07
N ILE G 48 0.10 29.54 11.29
CA ILE G 48 -0.34 30.85 11.76
C ILE G 48 0.81 31.78 12.04
N GLY G 49 2.01 31.24 12.28
CA GLY G 49 3.15 32.04 12.65
C GLY G 49 3.31 32.29 14.13
N GLU G 50 2.40 31.77 14.95
CA GLU G 50 2.48 31.89 16.40
C GLU G 50 2.19 30.53 17.02
N ILE G 51 2.74 30.31 18.21
CA ILE G 51 2.58 29.05 18.92
C ILE G 51 1.40 29.19 19.87
N CYS G 52 0.33 28.45 19.60
CA CYS G 52 -0.87 28.51 20.42
C CYS G 52 -0.60 27.89 21.78
N GLY G 53 -1.01 28.58 22.85
CA GLY G 53 -0.72 28.13 24.19
C GLY G 53 -1.87 27.67 25.05
N SER G 54 -3.04 27.43 24.48
CA SER G 54 -4.19 27.10 25.31
C SER G 54 -4.19 25.65 25.79
N PRO G 55 -4.13 24.64 24.90
CA PRO G 55 -4.27 23.26 25.39
C PRO G 55 -3.04 22.74 26.11
N HIS G 56 -1.84 23.14 25.67
CA HIS G 56 -0.59 22.64 26.23
C HIS G 56 0.09 23.75 27.02
N GLN G 57 0.65 23.40 28.16
CA GLN G 57 1.39 24.34 28.98
C GLN G 57 2.75 24.60 28.35
N ILE G 58 3.03 25.85 28.02
CA ILE G 58 4.21 26.23 27.25
C ILE G 58 5.06 27.19 28.06
N LEU G 59 6.33 26.87 28.22
CA LEU G 59 7.29 27.69 28.95
C LEU G 59 8.27 28.28 27.96
N ASP G 60 8.34 29.61 27.92
CA ASP G 60 9.19 30.31 26.98
C ASP G 60 10.51 30.65 27.65
N GLY G 61 11.61 30.17 27.07
CA GLY G 61 12.92 30.49 27.59
C GLY G 61 13.68 31.46 26.69
N GLY G 62 13.73 32.72 27.10
CA GLY G 62 14.51 33.74 26.40
C GLY G 62 15.73 34.09 27.23
N ASN G 63 16.89 34.19 26.57
CA ASN G 63 18.19 34.36 27.21
C ASN G 63 18.52 33.21 28.16
N CYS G 64 17.79 32.11 28.09
CA CYS G 64 17.90 31.05 29.08
C CYS G 64 17.74 29.70 28.39
N THR G 65 18.79 28.90 28.40
CA THR G 65 18.71 27.52 27.96
C THR G 65 18.18 26.65 29.09
N LEU G 66 17.70 25.45 28.74
CA LEU G 66 17.15 24.55 29.75
C LEU G 66 18.21 24.14 30.76
N ILE G 67 19.42 23.84 30.31
CA ILE G 67 20.49 23.47 31.23
C ILE G 67 20.88 24.65 32.11
N ASP G 68 20.87 25.86 31.54
CA ASP G 68 21.15 27.05 32.33
C ASP G 68 20.07 27.27 33.39
N ALA G 69 18.80 27.04 33.03
CA ALA G 69 17.72 27.13 34.02
C ALA G 69 17.87 26.09 35.10
N LEU G 70 18.26 24.87 34.73
CA LEU G 70 18.45 23.80 35.70
C LEU G 70 19.58 24.13 36.66
N LEU G 71 20.68 24.68 36.14
CA LEU G 71 21.85 24.94 36.98
C LEU G 71 21.68 26.17 37.86
N GLY G 72 20.86 27.13 37.45
CA GLY G 72 20.68 28.32 38.24
C GLY G 72 21.38 29.55 37.71
N ASP G 73 21.28 29.80 36.41
CA ASP G 73 21.88 30.97 35.81
C ASP G 73 21.30 32.24 36.44
N PRO G 74 22.10 33.31 36.56
CA PRO G 74 21.56 34.57 37.09
C PRO G 74 20.35 35.08 36.32
N GLN G 75 20.34 34.92 34.99
CA GLN G 75 19.20 35.32 34.19
C GLN G 75 18.07 34.29 34.21
N CYS G 76 18.29 33.12 34.80
CA CYS G 76 17.34 32.04 34.80
C CYS G 76 16.63 31.89 36.14
N ASP G 77 16.58 32.98 36.92
CA ASP G 77 16.01 32.91 38.26
C ASP G 77 14.48 32.86 38.26
N GLY G 78 13.84 33.15 37.13
CA GLY G 78 12.40 33.11 37.04
C GLY G 78 11.81 31.76 36.70
N PHE G 79 12.66 30.76 36.40
CA PHE G 79 12.20 29.44 36.01
C PHE G 79 12.25 28.44 37.16
N GLN G 80 12.41 28.91 38.39
CA GLN G 80 12.53 28.01 39.53
C GLN G 80 11.18 27.36 39.83
N ASN G 81 11.21 26.04 40.06
CA ASN G 81 10.04 25.26 40.46
C ASN G 81 8.89 25.45 39.47
N LYS G 82 9.19 25.29 38.19
CA LYS G 82 8.22 25.49 37.13
C LYS G 82 8.01 24.20 36.35
N GLU G 83 6.79 24.02 35.86
CA GLU G 83 6.41 22.85 35.09
C GLU G 83 6.01 23.27 33.68
N TRP G 84 6.02 22.31 32.76
CA TRP G 84 5.73 22.62 31.38
C TRP G 84 5.33 21.35 30.65
N ASP G 85 4.75 21.54 29.46
CA ASP G 85 4.56 20.47 28.50
C ASP G 85 5.41 20.64 27.25
N LEU G 86 5.95 21.83 27.02
CA LEU G 86 6.84 22.08 25.90
C LEU G 86 7.73 23.27 26.25
N PHE G 87 9.04 23.05 26.27
CA PHE G 87 10.01 24.10 26.53
C PHE G 87 10.51 24.63 25.20
N VAL G 88 10.34 25.93 24.97
CA VAL G 88 10.72 26.56 23.72
C VAL G 88 12.04 27.29 23.92
N GLU G 89 13.08 26.83 23.24
CA GLU G 89 14.41 27.44 23.30
C GLU G 89 14.57 28.39 22.13
N ARG G 90 15.09 29.58 22.40
CA ARG G 90 15.26 30.60 21.38
C ARG G 90 16.69 30.61 20.86
N SER G 91 16.87 31.27 19.71
CA SER G 91 18.19 31.36 19.11
C SER G 91 19.06 32.45 19.73
N ARG G 92 18.49 33.29 20.58
CA ARG G 92 19.24 34.32 21.28
C ARG G 92 19.70 33.85 22.65
N ALA G 93 19.50 32.58 22.98
CA ALA G 93 19.88 32.07 24.29
C ALA G 93 21.39 32.15 24.47
N ASN G 94 21.82 32.61 25.65
CA ASN G 94 23.23 32.74 25.97
C ASN G 94 23.42 32.45 27.45
N SER G 95 24.67 32.31 27.85
CA SER G 95 25.04 32.01 29.23
C SER G 95 25.82 33.18 29.81
N ASN G 96 25.53 33.52 31.06
CA ASN G 96 26.19 34.61 31.76
C ASN G 96 26.64 34.17 33.15
N CYS G 97 27.27 33.01 33.23
CA CYS G 97 27.81 32.50 34.48
C CYS G 97 29.13 31.82 34.20
N TYR G 98 29.60 31.02 35.15
CA TYR G 98 30.87 30.32 35.01
C TYR G 98 30.80 29.38 33.81
N PRO G 99 31.83 29.34 32.97
CA PRO G 99 31.83 28.43 31.82
C PRO G 99 31.73 26.98 32.27
N TYR G 100 30.99 26.18 31.52
CA TYR G 100 30.78 24.78 31.85
C TYR G 100 30.80 23.94 30.59
N ASP G 101 30.92 22.63 30.79
CA ASP G 101 31.00 21.69 29.67
C ASP G 101 30.39 20.37 30.15
N VAL G 102 29.17 20.09 29.71
CA VAL G 102 28.52 18.81 30.01
C VAL G 102 29.09 17.75 29.09
N PRO G 103 29.68 16.68 29.63
CA PRO G 103 30.27 15.65 28.75
C PRO G 103 29.27 15.03 27.79
N ASP G 104 28.02 14.82 28.21
CA ASP G 104 26.97 14.31 27.34
C ASP G 104 25.78 15.24 27.51
N TYR G 105 25.77 16.32 26.73
CA TYR G 105 24.79 17.38 26.89
C TYR G 105 23.41 16.92 26.42
N ALA G 106 23.35 16.19 25.32
CA ALA G 106 22.07 15.82 24.73
C ALA G 106 21.29 14.89 25.64
N SER G 107 21.97 13.95 26.30
CA SER G 107 21.27 13.01 27.18
C SER G 107 20.63 13.74 28.35
N LEU G 108 21.37 14.65 28.99
CA LEU G 108 20.80 15.40 30.10
C LEU G 108 19.65 16.29 29.64
N ARG G 109 19.81 16.94 28.48
CA ARG G 109 18.74 17.78 27.97
C ARG G 109 17.48 16.97 27.72
N SER G 110 17.63 15.80 27.09
CA SER G 110 16.47 14.95 26.82
C SER G 110 15.83 14.45 28.11
N LEU G 111 16.65 14.05 29.08
CA LEU G 111 16.12 13.55 30.35
C LEU G 111 15.33 14.62 31.08
N VAL G 112 15.87 15.84 31.17
CA VAL G 112 15.16 16.90 31.87
C VAL G 112 13.91 17.32 31.10
N ALA G 113 13.99 17.32 29.76
CA ALA G 113 12.82 17.68 28.97
C ALA G 113 11.70 16.66 29.15
N SER G 114 12.05 15.38 29.21
CA SER G 114 11.02 14.35 29.40
C SER G 114 10.48 14.38 30.83
N SER G 115 11.30 14.76 31.81
CA SER G 115 10.82 14.84 33.18
C SER G 115 9.69 15.86 33.31
N GLY G 116 9.84 17.02 32.70
CA GLY G 116 8.78 18.00 32.68
C GLY G 116 8.61 18.82 33.93
N THR G 117 9.65 18.97 34.74
CA THR G 117 9.56 19.77 35.96
C THR G 117 10.94 20.25 36.35
N LEU G 118 10.96 21.31 37.15
CA LEU G 118 12.19 21.83 37.75
C LEU G 118 12.05 21.93 39.27
N GLU G 119 11.21 21.08 39.85
CA GLU G 119 10.99 21.10 41.29
C GLU G 119 12.26 20.69 42.01
N PHE G 120 12.64 21.46 43.03
CA PHE G 120 13.87 21.24 43.77
C PHE G 120 13.55 21.17 45.25
N LYS G 121 14.05 20.13 45.93
CA LYS G 121 13.94 20.03 47.37
C LYS G 121 15.34 20.13 47.97
N ASN G 122 15.51 21.06 48.89
CA ASN G 122 16.81 21.30 49.51
C ASN G 122 17.10 20.25 50.58
N GLU G 123 18.28 19.64 50.50
CA GLU G 123 18.75 18.71 51.51
C GLU G 123 19.89 19.35 52.29
N SER G 124 20.13 18.82 53.48
CA SER G 124 21.14 19.36 54.39
C SER G 124 22.31 18.37 54.44
N PHE G 125 23.24 18.52 53.49
CA PHE G 125 24.47 17.75 53.53
C PHE G 125 25.38 18.28 54.63
N ASN G 126 26.25 17.41 55.13
CA ASN G 126 27.09 17.79 56.27
C ASN G 126 28.18 18.76 55.84
N TRP G 127 29.09 18.32 54.97
CA TRP G 127 30.14 19.15 54.39
C TRP G 127 30.95 19.86 55.49
N THR G 128 31.67 19.06 56.26
CA THR G 128 32.43 19.59 57.37
C THR G 128 33.80 20.11 56.92
N GLY G 129 34.29 21.13 57.64
CA GLY G 129 35.67 21.56 57.54
C GLY G 129 36.03 22.35 56.31
N VAL G 130 35.06 22.83 55.53
CA VAL G 130 35.34 23.53 54.29
C VAL G 130 34.54 24.84 54.26
N LYS G 131 34.87 25.67 53.29
CA LYS G 131 34.13 26.90 53.02
C LYS G 131 33.12 26.66 51.91
N GLN G 132 31.85 26.95 52.19
CA GLN G 132 30.78 26.69 51.25
C GLN G 132 30.52 27.94 50.41
N ASN G 133 29.47 27.91 49.60
CA ASN G 133 29.06 29.03 48.74
C ASN G 133 30.21 29.35 47.79
N GLY G 134 30.88 30.49 47.89
CA GLY G 134 31.92 30.81 46.93
C GLY G 134 31.33 31.51 45.72
N THR G 135 31.95 32.61 45.29
CA THR G 135 31.38 33.49 44.27
C THR G 135 32.42 33.75 43.20
N SER G 136 31.96 33.91 41.96
CA SER G 136 32.83 34.28 40.85
C SER G 136 32.39 35.61 40.26
N SER G 137 33.36 36.34 39.70
CA SER G 137 33.09 37.63 39.08
C SER G 137 32.32 37.52 37.78
N ALA G 138 32.27 36.34 37.17
CA ALA G 138 31.51 36.19 35.93
C ALA G 138 30.02 36.20 36.19
N CYS G 139 29.57 35.55 37.26
CA CYS G 139 28.15 35.52 37.62
C CYS G 139 27.86 36.69 38.55
N ILE G 140 27.10 37.65 38.07
CA ILE G 140 26.73 38.85 38.83
C ILE G 140 25.23 38.82 39.05
N ARG G 141 24.82 38.66 40.30
CA ARG G 141 23.41 38.69 40.68
C ARG G 141 23.12 40.04 41.31
N GLY G 142 22.28 40.84 40.66
CA GLY G 142 22.09 42.21 41.08
C GLY G 142 23.32 43.03 40.76
N SER G 143 24.07 43.40 41.81
CA SER G 143 25.33 44.11 41.63
C SER G 143 26.52 43.37 42.22
N SER G 144 26.30 42.31 42.99
CA SER G 144 27.38 41.56 43.63
C SER G 144 27.66 40.27 42.88
N SER G 145 28.87 39.75 43.09
CA SER G 145 29.25 38.50 42.46
C SER G 145 28.46 37.34 43.05
N SER G 146 28.25 36.30 42.24
CA SER G 146 27.42 35.18 42.65
C SER G 146 27.93 33.92 41.97
N PHE G 147 27.09 32.89 41.94
CA PHE G 147 27.40 31.62 41.32
C PHE G 147 26.08 30.96 40.92
N PHE G 148 26.15 29.70 40.48
CA PHE G 148 24.94 28.95 40.21
C PHE G 148 24.15 28.78 41.50
N SER G 149 22.81 28.89 41.38
CA SER G 149 21.97 28.84 42.57
C SER G 149 21.82 27.43 43.12
N ARG G 150 21.84 26.42 42.26
CA ARG G 150 21.57 25.04 42.67
C ARG G 150 22.84 24.22 42.83
N LEU G 151 24.01 24.84 42.76
CA LEU G 151 25.29 24.15 42.89
C LEU G 151 26.14 24.88 43.91
N ASN G 152 26.86 24.13 44.73
CA ASN G 152 27.66 24.68 45.83
C ASN G 152 29.15 24.50 45.52
N TRP G 153 29.89 25.60 45.54
CA TRP G 153 31.31 25.58 45.25
C TRP G 153 32.07 25.48 46.57
N LEU G 154 32.70 24.35 46.81
CA LEU G 154 33.44 24.11 48.05
C LEU G 154 34.89 24.51 47.88
N THR G 155 35.40 25.30 48.82
CA THR G 155 36.74 25.83 48.78
C THR G 155 37.40 25.65 50.14
N SER G 156 38.71 25.43 50.13
CA SER G 156 39.44 25.17 51.36
C SER G 156 39.34 26.35 52.32
N LEU G 157 39.32 26.03 53.61
CA LEU G 157 39.30 27.02 54.68
C LEU G 157 40.58 26.92 55.49
N ASN G 158 41.24 28.06 55.69
CA ASN G 158 42.51 28.13 56.42
C ASN G 158 43.55 27.20 55.81
N ASN G 159 43.60 27.16 54.47
CA ASN G 159 44.56 26.34 53.72
C ASN G 159 44.44 24.87 54.06
N ILE G 160 43.23 24.40 54.39
CA ILE G 160 42.98 23.00 54.71
C ILE G 160 41.70 22.58 54.01
N TYR G 161 41.73 21.44 53.34
CA TYR G 161 40.57 20.83 52.68
C TYR G 161 40.47 19.40 53.17
N PRO G 162 39.79 19.15 54.29
CA PRO G 162 39.62 17.78 54.76
C PRO G 162 38.83 16.94 53.76
N ALA G 163 39.16 15.66 53.71
CA ALA G 163 38.46 14.73 52.82
C ALA G 163 37.00 14.59 53.24
N GLN G 164 36.12 14.50 52.26
CA GLN G 164 34.69 14.46 52.51
C GLN G 164 34.14 13.06 52.31
N ASN G 165 33.16 12.70 53.14
CA ASN G 165 32.48 11.42 53.04
C ASN G 165 31.05 11.64 53.51
N VAL G 166 30.14 11.83 52.55
CA VAL G 166 28.76 12.15 52.85
C VAL G 166 27.84 11.11 52.26
N THR G 167 26.73 10.87 52.94
CA THR G 167 25.75 9.88 52.53
C THR G 167 24.35 10.48 52.63
N MET G 168 23.49 10.09 51.70
CA MET G 168 22.11 10.53 51.73
C MET G 168 21.19 9.38 51.33
N PRO G 169 20.33 8.92 52.22
CA PRO G 169 19.41 7.84 51.88
C PRO G 169 18.14 8.38 51.22
N ASN G 170 17.47 7.48 50.51
CA ASN G 170 16.21 7.79 49.83
C ASN G 170 15.10 7.06 50.57
N LYS G 171 14.50 7.74 51.55
CA LYS G 171 13.41 7.20 52.32
C LYS G 171 12.04 7.52 51.72
N GLU G 172 12.01 8.24 50.59
CA GLU G 172 10.77 8.58 49.93
C GLU G 172 10.38 7.44 48.98
N GLN G 173 9.41 7.70 48.11
CA GLN G 173 8.91 6.70 47.18
C GLN G 173 8.94 7.22 45.75
N PHE G 174 10.00 7.94 45.39
CA PHE G 174 10.18 8.40 44.02
C PHE G 174 11.67 8.56 43.74
N ASP G 175 12.00 8.60 42.46
CA ASP G 175 13.38 8.75 42.03
C ASP G 175 13.88 10.16 42.31
N LYS G 176 15.19 10.26 42.60
CA LYS G 176 15.82 11.53 42.93
C LYS G 176 16.99 11.76 42.00
N LEU G 177 17.13 12.97 41.49
CA LEU G 177 18.18 13.32 40.53
C LEU G 177 19.10 14.36 41.17
N TYR G 178 20.40 14.07 41.15
CA TYR G 178 21.41 14.95 41.72
C TYR G 178 22.32 15.45 40.60
N ILE G 179 22.49 16.77 40.54
CA ILE G 179 23.35 17.41 39.55
C ILE G 179 24.54 17.99 40.29
N TRP G 180 25.74 17.46 40.01
CA TRP G 180 26.96 17.90 40.65
C TRP G 180 27.99 18.22 39.57
N GLY G 181 29.20 18.54 40.00
CA GLY G 181 30.21 18.92 39.02
C GLY G 181 31.62 18.77 39.54
N VAL G 182 32.56 19.02 38.62
CA VAL G 182 33.99 18.94 38.88
C VAL G 182 34.64 20.21 38.34
N HIS G 183 35.61 20.74 39.07
CA HIS G 183 36.30 21.96 38.66
C HIS G 183 37.60 21.62 37.96
N HIS G 184 37.84 22.28 36.82
CA HIS G 184 39.06 22.11 36.03
C HIS G 184 39.82 23.41 36.04
N PRO G 185 40.83 23.56 36.90
CA PRO G 185 41.60 24.80 36.96
C PRO G 185 42.55 24.92 35.77
N ASP G 186 43.17 26.10 35.67
CA ASP G 186 44.12 26.38 34.60
C ASP G 186 45.55 25.99 34.96
N THR G 187 45.97 26.25 36.20
CA THR G 187 47.35 26.02 36.61
C THR G 187 47.37 25.25 37.93
N ASP G 188 48.53 24.68 38.23
CA ASP G 188 48.70 23.96 39.50
C ASP G 188 48.65 24.92 40.68
N LYS G 189 49.16 26.13 40.51
CA LYS G 189 49.10 27.12 41.58
C LYS G 189 47.66 27.45 41.94
N ASN G 190 46.80 27.56 40.92
CA ASN G 190 45.38 27.78 41.19
C ASN G 190 44.77 26.62 41.95
N GLN G 191 45.11 25.39 41.56
CA GLN G 191 44.56 24.22 42.25
C GLN G 191 44.97 24.20 43.70
N ILE G 192 46.24 24.53 43.99
CA ILE G 192 46.66 24.59 45.39
C ILE G 192 45.96 25.73 46.11
N SER G 193 45.72 26.86 45.43
CA SER G 193 45.12 28.01 46.08
C SER G 193 43.67 27.77 46.46
N LEU G 194 42.91 27.01 45.65
CA LEU G 194 41.51 26.72 45.99
C LEU G 194 41.26 25.39 46.67
N PHE G 195 42.19 24.43 46.60
CA PHE G 195 41.93 23.11 47.19
C PHE G 195 43.07 22.52 48.00
N ALA G 196 44.23 23.18 48.09
CA ALA G 196 45.34 22.80 48.96
C ALA G 196 45.96 21.46 48.63
N GLN G 197 45.54 20.80 47.55
CA GLN G 197 46.13 19.53 47.14
C GLN G 197 46.39 19.55 45.64
N SER G 198 47.43 18.82 45.23
CA SER G 198 47.86 18.86 43.84
C SER G 198 46.83 18.21 42.92
N SER G 199 46.29 17.05 43.31
CA SER G 199 45.35 16.32 42.48
C SER G 199 44.11 15.98 43.31
N GLY G 200 42.94 16.10 42.67
CA GLY G 200 41.68 15.77 43.29
C GLY G 200 41.11 14.48 42.74
N ARG G 201 40.22 13.85 43.50
CA ARG G 201 39.52 12.64 43.10
C ARG G 201 38.07 12.77 43.54
N ILE G 202 37.13 12.38 42.68
CA ILE G 202 35.71 12.43 43.02
C ILE G 202 35.10 11.07 42.77
N THR G 203 34.36 10.56 43.75
CA THR G 203 33.67 9.28 43.63
C THR G 203 32.23 9.45 44.12
N VAL G 204 31.28 9.35 43.20
CA VAL G 204 29.86 9.41 43.52
C VAL G 204 29.24 8.07 43.16
N SER G 205 28.64 7.40 44.14
CA SER G 205 28.20 6.03 43.94
C SER G 205 26.87 5.76 44.63
N THR G 206 26.03 5.00 43.95
CA THR G 206 24.86 4.38 44.55
C THR G 206 25.16 2.90 44.79
N LYS G 207 24.14 2.13 45.15
CA LYS G 207 24.30 0.69 45.26
C LYS G 207 24.26 -0.01 43.91
N ARG G 208 23.95 0.70 42.83
CA ARG G 208 23.92 0.13 41.50
C ARG G 208 24.92 0.73 40.52
N SER G 209 25.37 1.96 40.75
CA SER G 209 26.24 2.64 39.79
C SER G 209 27.33 3.40 40.53
N GLN G 210 28.43 3.65 39.82
CA GLN G 210 29.54 4.40 40.35
C GLN G 210 30.10 5.32 39.27
N GLN G 211 30.60 6.48 39.68
CA GLN G 211 31.25 7.42 38.78
C GLN G 211 32.46 8.00 39.49
N ALA G 212 33.64 7.82 38.90
CA ALA G 212 34.89 8.36 39.42
C ALA G 212 35.48 9.33 38.41
N VAL G 213 35.86 10.51 38.87
CA VAL G 213 36.31 11.58 38.00
C VAL G 213 37.60 12.17 38.55
N ILE G 214 38.54 12.44 37.67
CA ILE G 214 39.82 13.07 37.99
C ILE G 214 39.88 14.41 37.26
N PRO G 215 40.13 15.51 37.96
CA PRO G 215 40.20 16.80 37.28
C PRO G 215 41.39 16.90 36.33
N ASN G 216 41.23 17.74 35.30
CA ASN G 216 42.27 18.02 34.33
C ASN G 216 42.68 19.48 34.44
N ILE G 217 43.98 19.72 34.59
CA ILE G 217 44.52 21.06 34.78
C ILE G 217 45.19 21.51 33.48
N GLY G 218 44.84 22.69 33.01
CA GLY G 218 45.42 23.25 31.80
C GLY G 218 44.76 24.53 31.37
N SER G 219 45.45 25.34 30.57
CA SER G 219 44.93 26.62 30.14
C SER G 219 43.94 26.45 29.01
N ARG G 220 42.85 27.19 29.06
CA ARG G 220 41.78 27.16 28.09
C ARG G 220 41.37 28.58 27.73
N PRO G 221 40.77 28.78 26.56
CA PRO G 221 40.41 30.15 26.15
C PRO G 221 39.49 30.83 27.16
N ARG G 222 39.69 32.14 27.29
CA ARG G 222 39.01 32.92 28.33
C ARG G 222 37.60 33.28 27.88
N ILE G 223 36.61 32.79 28.62
CA ILE G 223 35.22 33.22 28.47
C ILE G 223 34.87 34.01 29.73
N ARG G 224 34.53 35.28 29.54
CA ARG G 224 34.30 36.20 30.65
C ARG G 224 35.51 36.26 31.59
N ASP G 225 36.70 36.30 31.00
CA ASP G 225 37.96 36.44 31.73
C ASP G 225 38.16 35.32 32.75
N ILE G 226 37.91 34.08 32.33
CA ILE G 226 38.15 32.92 33.18
C ILE G 226 38.77 31.80 32.36
N PRO G 227 39.97 31.34 32.71
CA PRO G 227 40.61 30.23 31.99
C PRO G 227 40.32 28.85 32.55
N SER G 228 39.37 28.71 33.48
CA SER G 228 39.03 27.44 34.09
C SER G 228 37.62 27.03 33.69
N ARG G 229 37.30 25.77 33.92
CA ARG G 229 36.00 25.23 33.49
C ARG G 229 35.36 24.40 34.60
N ILE G 230 34.12 24.01 34.36
CA ILE G 230 33.35 23.14 35.25
C ILE G 230 32.68 22.08 34.39
N SER G 231 32.79 20.83 34.80
CA SER G 231 32.15 19.71 34.10
C SER G 231 30.97 19.22 34.93
N ILE G 232 29.82 19.07 34.29
CA ILE G 232 28.57 18.76 34.98
C ILE G 232 28.26 17.28 34.82
N TYR G 233 27.94 16.63 35.94
CA TYR G 233 27.55 15.22 35.95
C TYR G 233 26.24 15.08 36.73
N TRP G 234 25.55 13.96 36.51
CA TRP G 234 24.28 13.71 37.16
C TRP G 234 24.18 12.27 37.62
N THR G 235 23.40 12.04 38.67
CA THR G 235 23.19 10.72 39.24
C THR G 235 21.72 10.54 39.60
N ILE G 236 21.21 9.32 39.47
CA ILE G 236 19.82 8.99 39.79
C ILE G 236 19.81 7.97 40.92
N VAL G 237 19.03 8.26 41.95
CA VAL G 237 18.89 7.40 43.13
C VAL G 237 17.44 6.94 43.20
N LYS G 238 17.24 5.63 43.19
CA LYS G 238 15.94 5.00 43.25
C LYS G 238 15.55 4.75 44.70
N PRO G 239 14.26 4.49 44.97
CA PRO G 239 13.84 4.25 46.36
C PRO G 239 14.59 3.09 46.98
N GLY G 240 14.96 3.26 48.25
CA GLY G 240 15.74 2.27 48.96
C GLY G 240 17.23 2.37 48.73
N ASP G 241 17.70 3.27 47.88
CA ASP G 241 19.11 3.41 47.55
C ASP G 241 19.74 4.53 48.37
N ILE G 242 21.07 4.58 48.32
CA ILE G 242 21.85 5.56 49.06
C ILE G 242 22.83 6.22 48.10
N LEU G 243 22.93 7.55 48.18
CA LEU G 243 23.91 8.30 47.42
C LEU G 243 25.11 8.57 48.31
N LEU G 244 26.30 8.16 47.88
CA LEU G 244 27.53 8.34 48.63
C LEU G 244 28.47 9.21 47.81
N ILE G 245 28.94 10.30 48.41
CA ILE G 245 29.89 11.20 47.76
C ILE G 245 31.16 11.19 48.60
N ASN G 246 32.27 10.81 47.98
CA ASN G 246 33.58 10.75 48.63
C ASN G 246 34.57 11.49 47.74
N SER G 247 34.70 12.79 47.99
CA SER G 247 35.57 13.66 47.21
C SER G 247 36.65 14.27 48.09
N THR G 248 37.90 14.18 47.65
CA THR G 248 39.02 14.83 48.31
C THR G 248 39.53 16.04 47.54
N GLY G 249 38.86 16.43 46.45
CA GLY G 249 39.36 17.48 45.59
C GLY G 249 38.36 18.50 45.15
N ASN G 250 38.24 18.69 43.85
CA ASN G 250 37.52 19.81 43.24
C ASN G 250 36.07 19.40 42.99
N LEU G 251 35.23 19.58 43.99
CA LEU G 251 33.83 19.16 43.93
C LEU G 251 32.92 20.37 43.88
N ILE G 252 32.02 20.39 42.90
CA ILE G 252 30.89 21.31 42.89
C ILE G 252 29.69 20.50 43.41
N ALA G 253 29.45 20.61 44.70
CA ALA G 253 28.50 19.75 45.37
C ALA G 253 27.06 20.13 45.01
N PRO G 254 26.13 19.18 45.14
CA PRO G 254 24.72 19.52 44.96
C PRO G 254 24.14 20.20 46.20
N ARG G 255 23.07 20.96 45.98
CA ARG G 255 22.34 21.62 47.05
C ARG G 255 21.03 20.93 47.41
N GLY G 256 20.63 19.92 46.64
CA GLY G 256 19.37 19.25 46.88
C GLY G 256 19.09 18.27 45.76
N TYR G 257 17.84 17.87 45.64
CA TYR G 257 17.46 16.89 44.63
C TYR G 257 16.27 17.38 43.81
N PHE G 258 16.31 17.06 42.53
CA PHE G 258 15.22 17.30 41.60
C PHE G 258 14.25 16.12 41.63
N LYS G 259 13.17 16.25 40.88
CA LYS G 259 12.18 15.18 40.75
C LYS G 259 12.14 14.72 39.30
N ILE G 260 12.22 13.40 39.12
CA ILE G 260 12.18 12.79 37.79
C ILE G 260 10.83 12.10 37.65
N ARG G 261 10.04 12.54 36.68
CA ARG G 261 8.74 11.96 36.39
C ARG G 261 8.75 11.32 35.01
N SER G 262 7.61 10.76 34.64
CA SER G 262 7.37 10.23 33.30
C SER G 262 6.06 10.79 32.80
N GLY G 263 6.08 11.37 31.60
CA GLY G 263 4.88 11.99 31.08
C GLY G 263 4.93 12.31 29.59
N LYS G 264 4.40 13.47 29.22
CA LYS G 264 4.26 13.87 27.83
C LYS G 264 4.90 15.23 27.62
N SER G 265 6.12 15.40 28.11
CA SER G 265 6.85 16.65 28.00
C SER G 265 8.04 16.49 27.07
N SER G 266 8.36 17.56 26.35
CA SER G 266 9.45 17.56 25.38
C SER G 266 10.03 18.96 25.29
N ILE G 267 10.92 19.17 24.32
CA ILE G 267 11.59 20.44 24.11
C ILE G 267 11.57 20.74 22.62
N MET G 268 11.70 22.03 22.29
CA MET G 268 11.68 22.46 20.90
C MET G 268 12.47 23.75 20.75
N ARG G 269 13.08 23.92 19.58
CA ARG G 269 13.78 25.15 19.22
C ARG G 269 12.91 25.92 18.23
N SER G 270 12.58 27.16 18.57
CA SER G 270 11.75 27.98 17.70
C SER G 270 12.04 29.45 17.99
N ASP G 271 11.74 30.29 17.00
CA ASP G 271 11.88 31.74 17.11
C ASP G 271 10.55 32.42 16.80
N ALA G 272 9.46 31.80 17.20
CA ALA G 272 8.12 32.31 16.92
C ALA G 272 7.45 32.78 18.21
N PRO G 273 6.65 33.84 18.14
CA PRO G 273 5.96 34.33 19.34
C PRO G 273 4.87 33.38 19.81
N ILE G 274 4.49 33.55 21.07
CA ILE G 274 3.49 32.72 21.71
C ILE G 274 2.20 33.50 21.81
N GLY G 275 1.10 32.92 21.30
CA GLY G 275 -0.17 33.58 21.23
C GLY G 275 -1.17 33.08 22.25
N LYS G 276 -2.39 33.62 22.14
CA LYS G 276 -3.49 33.27 23.03
C LYS G 276 -4.53 32.37 22.36
N CYS G 277 -4.18 31.78 21.22
CA CYS G 277 -5.10 30.94 20.46
C CYS G 277 -5.19 29.57 21.11
N LYS G 278 -5.79 28.60 20.40
CA LYS G 278 -5.92 27.24 20.88
C LYS G 278 -5.64 26.28 19.73
N SER G 279 -4.67 25.39 19.89
CA SER G 279 -4.33 24.42 18.87
C SER G 279 -3.56 23.27 19.50
N GLU G 280 -3.74 22.08 18.94
CA GLU G 280 -3.17 20.86 19.51
C GLU G 280 -1.90 20.39 18.82
N CYS G 281 -1.45 21.09 17.78
CA CYS G 281 -0.22 20.71 17.07
C CYS G 281 0.72 21.90 17.06
N ILE G 282 1.96 21.68 17.51
CA ILE G 282 2.95 22.75 17.64
C ILE G 282 4.15 22.39 16.77
N THR G 283 4.57 23.34 15.96
CA THR G 283 5.65 23.24 14.98
C THR G 283 6.58 24.43 15.16
N PRO G 284 7.89 24.26 14.91
CA PRO G 284 8.80 25.40 15.04
C PRO G 284 8.42 26.60 14.19
N ASN G 285 7.73 26.38 13.07
CA ASN G 285 7.21 27.48 12.27
C ASN G 285 5.94 28.08 12.85
N GLY G 286 5.38 27.47 13.90
CA GLY G 286 4.10 27.91 14.44
C GLY G 286 3.07 26.81 14.38
N SER G 287 2.01 26.95 15.16
CA SER G 287 1.01 25.90 15.26
C SER G 287 0.24 25.76 13.94
N ILE G 288 -0.15 24.52 13.62
CA ILE G 288 -0.86 24.22 12.38
C ILE G 288 -2.12 23.42 12.70
N PRO G 289 -3.18 23.54 11.89
CA PRO G 289 -4.37 22.71 12.11
C PRO G 289 -4.08 21.24 11.88
N ASN G 290 -4.84 20.40 12.58
CA ASN G 290 -4.64 18.95 12.55
C ASN G 290 -5.86 18.24 12.01
N ASP G 291 -6.49 18.81 10.98
CA ASP G 291 -7.62 18.15 10.32
C ASP G 291 -7.16 17.26 9.17
N LYS G 292 -6.23 17.75 8.36
CA LYS G 292 -5.72 16.98 7.23
C LYS G 292 -4.76 15.90 7.73
N PRO G 293 -4.60 14.81 6.96
CA PRO G 293 -3.72 13.73 7.43
C PRO G 293 -2.24 13.98 7.22
N PHE G 294 -1.86 14.86 6.31
CA PHE G 294 -0.47 15.05 5.95
C PHE G 294 -0.10 16.53 6.03
N GLN G 295 1.20 16.79 6.19
CA GLN G 295 1.71 18.14 6.32
C GLN G 295 3.03 18.28 5.57
N ASN G 296 3.36 19.52 5.24
CA ASN G 296 4.61 19.86 4.56
C ASN G 296 5.29 21.06 5.21
N VAL G 297 5.05 21.26 6.50
CA VAL G 297 5.60 22.42 7.21
C VAL G 297 6.96 22.05 7.80
N ASN G 298 6.98 21.09 8.72
CA ASN G 298 8.22 20.71 9.37
C ASN G 298 8.14 19.26 9.81
N ARG G 299 9.31 18.66 10.02
CA ARG G 299 9.41 17.31 10.55
C ARG G 299 9.42 17.29 12.08
N ILE G 300 9.52 18.44 12.73
CA ILE G 300 9.52 18.53 14.18
C ILE G 300 8.12 18.93 14.62
N THR G 301 7.45 18.03 15.33
CA THR G 301 6.07 18.24 15.75
C THR G 301 5.91 17.90 17.22
N TYR G 302 4.92 18.53 17.85
CA TYR G 302 4.51 18.16 19.20
C TYR G 302 2.99 18.15 19.25
N GLY G 303 2.43 17.06 19.75
CA GLY G 303 1.00 16.91 19.90
C GLY G 303 0.40 15.95 18.90
N ALA G 304 -0.89 16.13 18.66
CA ALA G 304 -1.62 15.33 17.67
C ALA G 304 -1.43 15.98 16.31
N CYS G 305 -0.34 15.62 15.65
CA CYS G 305 0.05 16.30 14.43
C CYS G 305 -0.05 15.36 13.22
N PRO G 306 -0.29 15.90 12.04
CA PRO G 306 -0.29 15.08 10.82
C PRO G 306 1.12 14.61 10.47
N ARG G 307 1.17 13.56 9.65
CA ARG G 307 2.43 13.00 9.22
C ARG G 307 3.12 13.91 8.22
N TYR G 308 4.44 13.95 8.29
CA TYR G 308 5.23 14.76 7.36
C TYR G 308 5.48 13.98 6.07
N VAL G 309 5.20 14.64 4.95
CA VAL G 309 5.43 14.06 3.63
C VAL G 309 6.20 15.07 2.80
N LYS G 310 6.95 14.57 1.81
CA LYS G 310 7.75 15.43 0.96
C LYS G 310 6.92 16.19 -0.06
N GLN G 311 5.70 15.72 -0.34
CA GLN G 311 4.89 16.32 -1.38
C GLN G 311 4.28 17.64 -0.89
N SER G 312 3.93 18.49 -1.85
CA SER G 312 3.32 19.78 -1.56
C SER G 312 1.83 19.81 -1.86
N THR G 313 1.36 18.98 -2.80
CA THR G 313 -0.04 18.94 -3.17
C THR G 313 -0.48 17.48 -3.33
N LEU G 314 -1.58 17.13 -2.67
CA LEU G 314 -2.17 15.80 -2.78
C LEU G 314 -3.68 15.98 -2.75
N LYS G 315 -4.32 15.86 -3.91
CA LYS G 315 -5.74 16.12 -4.05
C LYS G 315 -6.52 14.81 -4.06
N LEU G 316 -7.58 14.77 -3.27
CA LEU G 316 -8.49 13.63 -3.21
C LEU G 316 -9.80 14.01 -3.88
N ALA G 317 -10.28 13.15 -4.77
CA ALA G 317 -11.45 13.45 -5.57
C ALA G 317 -12.72 13.23 -4.76
N THR G 318 -13.49 14.30 -4.55
CA THR G 318 -14.78 14.23 -3.89
C THR G 318 -15.93 14.50 -4.86
N GLY G 319 -15.73 14.21 -6.14
CA GLY G 319 -16.75 14.41 -7.15
C GLY G 319 -16.50 13.47 -8.31
N MET G 320 -17.35 13.56 -9.31
CA MET G 320 -17.25 12.72 -10.49
C MET G 320 -16.45 13.43 -11.57
N ARG G 321 -16.23 12.72 -12.68
CA ARG G 321 -15.46 13.27 -13.79
C ARG G 321 -16.20 14.44 -14.42
N ASN G 322 -15.43 15.41 -14.90
CA ASN G 322 -15.96 16.64 -15.48
C ASN G 322 -15.77 16.57 -16.98
N VAL G 323 -16.87 16.41 -17.72
CA VAL G 323 -16.83 16.36 -19.18
C VAL G 323 -17.61 17.55 -19.71
N PRO G 324 -16.95 18.67 -20.01
CA PRO G 324 -17.66 19.82 -20.60
C PRO G 324 -17.98 19.60 -22.07
N GLU G 325 -18.64 20.57 -22.68
CA GLU G 325 -19.00 20.47 -24.09
C GLU G 325 -17.77 20.56 -24.98
N GLU G 340 -22.12 11.31 -23.01
CA GLU G 340 -20.95 11.77 -23.74
C GLU G 340 -20.46 13.11 -23.20
N ASN G 341 -21.35 13.86 -22.56
CA ASN G 341 -21.00 15.15 -22.00
C ASN G 341 -21.87 15.43 -20.78
N GLY G 342 -21.42 16.37 -19.95
CA GLY G 342 -22.13 16.76 -18.76
C GLY G 342 -23.07 17.92 -18.98
N TRP G 343 -23.99 18.10 -18.04
CA TRP G 343 -24.98 19.17 -18.08
C TRP G 343 -24.63 20.20 -17.02
N GLU G 344 -24.17 21.37 -17.47
CA GLU G 344 -23.74 22.41 -16.57
C GLU G 344 -24.90 23.13 -15.89
N GLY G 345 -26.09 23.07 -16.48
CA GLY G 345 -27.26 23.74 -15.94
C GLY G 345 -28.05 22.95 -14.93
N MET G 346 -27.69 21.69 -14.68
CA MET G 346 -28.38 20.87 -13.69
C MET G 346 -27.79 21.19 -12.33
N VAL G 347 -28.47 22.04 -11.57
CA VAL G 347 -27.97 22.53 -10.28
C VAL G 347 -28.74 21.91 -9.12
N ASP G 348 -29.51 20.86 -9.37
CA ASP G 348 -30.32 20.24 -8.32
C ASP G 348 -29.89 18.81 -8.00
N GLY G 349 -28.90 18.27 -8.69
CA GLY G 349 -28.45 16.92 -8.41
C GLY G 349 -27.24 16.58 -9.25
N TRP G 350 -26.76 15.35 -9.03
CA TRP G 350 -25.61 14.85 -9.77
C TRP G 350 -26.01 14.08 -11.02
N TYR G 351 -27.03 13.23 -10.91
CA TYR G 351 -27.52 12.44 -12.04
C TYR G 351 -28.99 12.78 -12.27
N GLY G 352 -29.41 12.77 -13.52
CA GLY G 352 -30.77 13.20 -13.81
C GLY G 352 -31.21 12.87 -15.21
N PHE G 353 -32.43 13.34 -15.52
CA PHE G 353 -33.14 13.05 -16.75
C PHE G 353 -33.38 14.34 -17.52
N ARG G 354 -33.39 14.21 -18.85
CA ARG G 354 -33.84 15.26 -19.76
C ARG G 354 -34.78 14.63 -20.77
N TRP G 355 -35.99 15.18 -20.89
CA TRP G 355 -37.00 14.51 -21.69
C TRP G 355 -37.64 15.47 -22.68
N GLN G 356 -38.03 14.91 -23.82
CA GLN G 356 -38.79 15.61 -24.84
C GLN G 356 -40.06 14.82 -25.15
N ASN G 357 -41.19 15.50 -25.09
CA ASN G 357 -42.49 14.88 -25.34
C ASN G 357 -43.42 15.94 -25.91
N SER G 358 -44.69 15.56 -26.11
CA SER G 358 -45.64 16.42 -26.80
C SER G 358 -45.87 17.73 -26.06
N GLU G 359 -45.76 17.72 -24.73
CA GLU G 359 -45.95 18.93 -23.95
C GLU G 359 -44.69 19.78 -23.84
N GLY G 360 -43.57 19.34 -24.39
CA GLY G 360 -42.39 20.17 -24.44
C GLY G 360 -41.16 19.44 -23.96
N ARG G 361 -40.21 20.22 -23.47
CA ARG G 361 -38.91 19.74 -23.04
C ARG G 361 -38.71 20.04 -21.57
N GLY G 362 -37.98 19.17 -20.89
CA GLY G 362 -37.79 19.38 -19.47
C GLY G 362 -36.59 18.62 -18.94
N GLN G 363 -36.24 18.93 -17.69
CA GLN G 363 -35.09 18.34 -17.03
C GLN G 363 -35.38 18.19 -15.55
N ALA G 364 -34.80 17.16 -14.94
CA ALA G 364 -34.94 16.91 -13.51
C ALA G 364 -33.74 16.11 -13.03
N ALA G 365 -33.63 15.98 -11.71
CA ALA G 365 -32.53 15.26 -11.09
C ALA G 365 -33.06 14.12 -10.24
N ASP G 366 -32.25 13.07 -10.10
CA ASP G 366 -32.59 11.89 -9.31
C ASP G 366 -31.92 12.01 -7.95
N LEU G 367 -32.73 12.08 -6.90
CA LEU G 367 -32.20 12.34 -5.56
C LEU G 367 -31.56 11.10 -4.93
N LYS G 368 -32.09 9.91 -5.21
CA LYS G 368 -31.59 8.71 -4.54
C LYS G 368 -30.15 8.40 -4.94
N SER G 369 -29.86 8.41 -6.23
CA SER G 369 -28.50 8.11 -6.69
C SER G 369 -27.52 9.17 -6.22
N THR G 370 -27.92 10.45 -6.28
CA THR G 370 -27.07 11.52 -5.80
C THR G 370 -26.76 11.36 -4.32
N GLN G 371 -27.78 11.03 -3.52
CA GLN G 371 -27.55 10.85 -2.09
C GLN G 371 -26.68 9.64 -1.81
N ALA G 372 -26.82 8.56 -2.58
CA ALA G 372 -25.96 7.40 -2.39
C ALA G 372 -24.51 7.74 -2.67
N ALA G 373 -24.24 8.43 -3.78
CA ALA G 373 -22.86 8.81 -4.10
C ALA G 373 -22.30 9.76 -3.03
N ILE G 374 -23.10 10.73 -2.60
CA ILE G 374 -22.65 11.69 -1.59
C ILE G 374 -22.34 10.96 -0.29
N ASP G 375 -23.19 10.01 0.10
CA ASP G 375 -22.97 9.26 1.33
C ASP G 375 -21.69 8.44 1.25
N GLN G 376 -21.44 7.79 0.10
CA GLN G 376 -20.22 7.02 -0.03
C GLN G 376 -18.98 7.91 0.06
N ILE G 377 -19.01 9.07 -0.61
CA ILE G 377 -17.85 9.96 -0.58
C ILE G 377 -17.65 10.51 0.83
N ASN G 378 -18.73 10.87 1.52
CA ASN G 378 -18.61 11.37 2.89
C ASN G 378 -18.08 10.29 3.82
N GLY G 379 -18.51 9.03 3.64
CA GLY G 379 -17.96 7.96 4.45
C GLY G 379 -16.49 7.73 4.20
N ILE G 380 -16.05 7.87 2.96
CA ILE G 380 -14.62 7.79 2.66
C ILE G 380 -13.88 8.93 3.36
N LEU G 381 -14.44 10.14 3.31
CA LEU G 381 -13.76 11.30 3.89
C LEU G 381 -13.67 11.19 5.41
N ASN G 382 -14.72 10.68 6.06
CA ASN G 382 -14.74 10.62 7.52
C ASN G 382 -13.66 9.72 8.09
N ARG G 383 -13.11 8.82 7.29
CA ARG G 383 -12.06 7.91 7.74
C ARG G 383 -10.66 8.46 7.51
N LEU G 384 -10.53 9.65 6.92
CA LEU G 384 -9.24 10.26 6.65
C LEU G 384 -9.02 11.58 7.35
N ILE G 385 -10.09 12.32 7.65
CA ILE G 385 -9.98 13.66 8.22
C ILE G 385 -10.32 13.57 9.71
N GLY G 386 -9.38 13.99 10.55
CA GLY G 386 -9.59 14.04 11.98
C GLY G 386 -9.00 12.88 12.77
N LYS G 387 -8.34 11.95 12.11
CA LYS G 387 -7.77 10.77 12.77
C LYS G 387 -6.25 10.96 12.81
N THR G 388 -5.77 11.60 13.87
CA THR G 388 -4.36 11.92 14.02
C THR G 388 -3.82 11.35 15.32
N ASN G 389 -2.62 10.79 15.27
CA ASN G 389 -1.96 10.21 16.43
C ASN G 389 -1.16 11.26 17.18
N GLU G 390 -0.87 10.95 18.44
CA GLU G 390 -0.15 11.87 19.33
C GLU G 390 1.24 11.32 19.59
N LYS G 391 2.26 12.13 19.24
CA LYS G 391 3.65 11.80 19.52
C LYS G 391 4.26 12.96 20.28
N PHE G 392 4.82 12.68 21.46
CA PHE G 392 5.23 13.73 22.39
C PHE G 392 6.74 13.97 22.38
N HIS G 393 7.53 12.96 22.71
CA HIS G 393 8.98 13.09 22.77
C HIS G 393 9.62 12.16 21.77
N GLN G 394 10.47 12.71 20.90
CA GLN G 394 11.09 11.96 19.83
C GLN G 394 12.57 12.33 19.79
N ILE G 395 13.25 11.92 18.72
CA ILE G 395 14.67 12.22 18.58
C ILE G 395 14.85 13.59 17.94
N GLU G 396 16.07 14.11 18.04
CA GLU G 396 16.42 15.37 17.42
C GLU G 396 16.58 15.19 15.91
N LYS G 397 16.08 16.15 15.14
CA LYS G 397 16.11 16.08 13.69
C LYS G 397 16.89 17.21 13.04
N GLU G 398 17.42 18.16 13.81
CA GLU G 398 18.25 19.23 13.29
C GLU G 398 19.50 19.34 14.15
N PHE G 399 20.66 19.36 13.51
CA PHE G 399 21.94 19.35 14.20
C PHE G 399 22.78 20.55 13.77
N SER G 400 23.51 21.12 14.72
CA SER G 400 24.35 22.29 14.47
C SER G 400 25.83 21.96 14.38
N GLU G 401 26.25 20.81 14.89
CA GLU G 401 27.64 20.36 14.81
C GLU G 401 27.69 19.03 14.08
N VAL G 402 28.91 18.61 13.75
CA VAL G 402 29.16 17.31 13.14
C VAL G 402 29.86 16.43 14.17
N GLU G 403 29.31 15.26 14.42
CA GLU G 403 29.81 14.35 15.45
C GLU G 403 30.26 13.01 14.88
N GLY G 404 29.40 12.34 14.11
CA GLY G 404 29.80 11.05 13.57
C GLY G 404 28.70 10.03 13.41
N ARG G 405 28.89 8.86 14.03
CA ARG G 405 28.09 7.69 13.71
C ARG G 405 26.64 7.83 14.18
N VAL G 406 26.44 8.30 15.42
CA VAL G 406 25.08 8.34 15.98
C VAL G 406 24.23 9.37 15.25
N GLN G 407 24.80 10.53 14.94
CA GLN G 407 24.07 11.55 14.20
C GLN G 407 23.71 11.05 12.81
N ASP G 408 24.63 10.33 12.16
CA ASP G 408 24.34 9.74 10.86
C ASP G 408 23.20 8.74 10.96
N LEU G 409 23.18 7.92 12.01
CA LEU G 409 22.11 6.94 12.19
C LEU G 409 20.77 7.64 12.38
N GLU G 410 20.74 8.71 13.17
CA GLU G 410 19.49 9.44 13.38
C GLU G 410 18.98 10.04 12.07
N LYS G 411 19.88 10.66 11.29
CA LYS G 411 19.49 11.22 10.01
C LYS G 411 18.95 10.13 9.08
N TYR G 412 19.62 8.97 9.06
CA TYR G 412 19.19 7.87 8.21
C TYR G 412 17.79 7.39 8.60
N VAL G 413 17.54 7.24 9.90
CA VAL G 413 16.23 6.77 10.35
C VAL G 413 15.15 7.76 9.94
N GLU G 414 15.39 9.06 10.15
CA GLU G 414 14.38 10.04 9.80
C GLU G 414 14.12 10.07 8.29
N ASP G 415 15.18 9.98 7.49
CA ASP G 415 15.00 9.99 6.03
C ASP G 415 14.21 8.77 5.58
N THR G 416 14.51 7.60 6.13
CA THR G 416 13.77 6.39 5.76
C THR G 416 12.29 6.53 6.10
N LYS G 417 11.99 7.04 7.30
CA LYS G 417 10.60 7.23 7.70
C LYS G 417 9.88 8.18 6.77
N ILE G 418 10.52 9.30 6.43
CA ILE G 418 9.88 10.29 5.56
C ILE G 418 9.60 9.70 4.18
N ASP G 419 10.57 8.99 3.61
CA ASP G 419 10.38 8.41 2.28
C ASP G 419 9.24 7.39 2.28
N LEU G 420 9.21 6.51 3.29
CA LEU G 420 8.16 5.51 3.35
C LEU G 420 6.79 6.16 3.47
N TRP G 421 6.66 7.20 4.31
CA TRP G 421 5.36 7.82 4.47
C TRP G 421 4.93 8.59 3.23
N SER G 422 5.87 9.19 2.50
CA SER G 422 5.51 9.84 1.24
C SER G 422 5.00 8.84 0.22
N TYR G 423 5.67 7.69 0.11
CA TYR G 423 5.19 6.65 -0.79
C TYR G 423 3.79 6.19 -0.40
N ASN G 424 3.56 5.98 0.90
CA ASN G 424 2.24 5.54 1.36
C ASN G 424 1.17 6.57 1.02
N ALA G 425 1.46 7.85 1.22
CA ALA G 425 0.48 8.90 0.92
C ALA G 425 0.12 8.91 -0.56
N GLU G 426 1.13 8.84 -1.43
CA GLU G 426 0.85 8.87 -2.86
C GLU G 426 0.01 7.67 -3.29
N LEU G 427 0.38 6.46 -2.81
CA LEU G 427 -0.38 5.28 -3.21
C LEU G 427 -1.81 5.34 -2.70
N LEU G 428 -2.01 5.81 -1.46
CA LEU G 428 -3.36 5.88 -0.91
C LEU G 428 -4.22 6.85 -1.71
N VAL G 429 -3.67 8.01 -2.07
CA VAL G 429 -4.45 8.97 -2.85
C VAL G 429 -4.84 8.37 -4.19
N ALA G 430 -3.89 7.71 -4.87
CA ALA G 430 -4.20 7.11 -6.16
C ALA G 430 -5.29 6.06 -6.05
N LEU G 431 -5.19 5.17 -5.05
CA LEU G 431 -6.18 4.12 -4.87
C LEU G 431 -7.57 4.68 -4.61
N ILE G 432 -7.67 5.64 -3.69
CA ILE G 432 -8.98 6.17 -3.34
C ILE G 432 -9.59 6.93 -4.51
N ASN G 433 -8.77 7.66 -5.27
CA ASN G 433 -9.30 8.35 -6.44
C ASN G 433 -9.83 7.37 -7.47
N GLN G 434 -9.08 6.30 -7.72
CA GLN G 434 -9.54 5.29 -8.68
C GLN G 434 -10.88 4.72 -8.25
N HIS G 435 -11.02 4.32 -6.99
CA HIS G 435 -12.27 3.71 -6.55
C HIS G 435 -13.42 4.72 -6.51
N THR G 436 -13.14 5.98 -6.19
CA THR G 436 -14.20 7.00 -6.20
C THR G 436 -14.74 7.23 -7.60
N ILE G 437 -13.84 7.34 -8.59
CA ILE G 437 -14.31 7.52 -9.96
C ILE G 437 -15.07 6.30 -10.44
N ASP G 438 -14.60 5.11 -10.06
CA ASP G 438 -15.31 3.88 -10.43
C ASP G 438 -16.72 3.87 -9.87
N LEU G 439 -16.89 4.25 -8.59
CA LEU G 439 -18.22 4.23 -8.00
C LEU G 439 -19.13 5.30 -8.60
N THR G 440 -18.57 6.46 -8.93
CA THR G 440 -19.40 7.52 -9.52
C THR G 440 -19.88 7.12 -10.91
N ASP G 441 -19.06 6.38 -11.67
CA ASP G 441 -19.54 5.86 -12.94
C ASP G 441 -20.54 4.71 -12.75
N SER G 442 -20.32 3.89 -11.72
CA SER G 442 -21.21 2.77 -11.47
C SER G 442 -22.62 3.24 -11.11
N GLU G 443 -22.72 4.37 -10.41
CA GLU G 443 -24.05 4.88 -10.10
C GLU G 443 -24.83 5.24 -11.36
N MET G 444 -24.17 5.89 -12.32
CA MET G 444 -24.82 6.22 -13.58
C MET G 444 -25.21 4.97 -14.35
N ASN G 445 -24.32 3.97 -14.38
CA ASN G 445 -24.66 2.72 -15.05
C ASN G 445 -25.86 2.05 -14.39
N LYS G 446 -25.92 2.11 -13.05
CA LYS G 446 -27.04 1.52 -12.32
C LYS G 446 -28.35 2.22 -12.69
N LEU G 447 -28.34 3.55 -12.73
CA LEU G 447 -29.56 4.28 -13.10
C LEU G 447 -29.98 3.95 -14.53
N PHE G 448 -29.02 3.88 -15.44
CA PHE G 448 -29.34 3.53 -16.83
C PHE G 448 -29.96 2.14 -16.92
N GLU G 449 -29.39 1.16 -16.22
CA GLU G 449 -29.92 -0.20 -16.31
C GLU G 449 -31.29 -0.30 -15.64
N LYS G 450 -31.50 0.41 -14.54
CA LYS G 450 -32.81 0.41 -13.90
C LYS G 450 -33.87 0.99 -14.83
N THR G 451 -33.55 2.11 -15.49
CA THR G 451 -34.51 2.71 -16.41
C THR G 451 -34.77 1.79 -17.60
N LYS G 452 -33.73 1.10 -18.09
CA LYS G 452 -33.93 0.17 -19.20
C LYS G 452 -34.81 -1.00 -18.79
N LYS G 453 -34.61 -1.53 -17.59
CA LYS G 453 -35.42 -2.64 -17.12
C LYS G 453 -36.87 -2.23 -16.89
N GLN G 454 -37.09 -0.99 -16.44
CA GLN G 454 -38.45 -0.51 -16.25
C GLN G 454 -39.22 -0.50 -17.56
N LEU G 455 -38.58 -0.05 -18.64
CA LEU G 455 -39.19 -0.02 -19.97
C LEU G 455 -38.82 -1.32 -20.68
N ARG G 456 -39.67 -2.33 -20.50
CA ARG G 456 -39.31 -3.68 -20.93
C ARG G 456 -39.19 -3.79 -22.44
N GLU G 457 -40.30 -3.59 -23.15
CA GLU G 457 -40.31 -3.66 -24.60
C GLU G 457 -40.89 -2.42 -25.25
N ASN G 458 -41.23 -1.39 -24.48
CA ASN G 458 -41.83 -0.18 -25.01
C ASN G 458 -40.80 0.88 -25.35
N ALA G 459 -39.53 0.64 -25.10
CA ALA G 459 -38.47 1.60 -25.38
C ALA G 459 -37.29 0.90 -26.02
N GLU G 460 -36.53 1.66 -26.79
CA GLU G 460 -35.32 1.15 -27.44
C GLU G 460 -34.15 2.05 -27.13
N ASP G 461 -33.00 1.43 -26.84
CA ASP G 461 -31.77 2.17 -26.63
C ASP G 461 -31.27 2.72 -27.95
N MET G 462 -30.77 3.95 -27.93
CA MET G 462 -30.20 4.58 -29.10
C MET G 462 -28.68 4.55 -29.11
N GLY G 463 -28.05 4.12 -28.02
CA GLY G 463 -26.61 4.03 -27.95
C GLY G 463 -25.90 5.28 -27.48
N ASN G 464 -26.62 6.40 -27.31
CA ASN G 464 -26.03 7.64 -26.84
C ASN G 464 -26.57 8.05 -25.48
N GLY G 465 -26.97 7.07 -24.66
CA GLY G 465 -27.54 7.35 -23.36
C GLY G 465 -29.00 7.72 -23.38
N CYS G 466 -29.68 7.60 -24.52
CA CYS G 466 -31.06 8.03 -24.65
C CYS G 466 -31.94 6.85 -25.02
N PHE G 467 -33.19 6.91 -24.57
CA PHE G 467 -34.21 5.91 -24.87
C PHE G 467 -35.28 6.54 -25.73
N LYS G 468 -35.66 5.83 -26.79
CA LYS G 468 -36.78 6.19 -27.65
C LYS G 468 -37.97 5.35 -27.23
N ILE G 469 -39.00 6.01 -26.71
CA ILE G 469 -40.18 5.33 -26.16
C ILE G 469 -41.29 5.42 -27.19
N TYR G 470 -41.76 4.26 -27.65
CA TYR G 470 -42.66 4.18 -28.79
C TYR G 470 -44.13 4.25 -28.37
N HIS G 471 -44.48 5.25 -27.58
CA HIS G 471 -45.87 5.53 -27.26
C HIS G 471 -45.96 6.94 -26.73
N LYS G 472 -47.19 7.47 -26.70
CA LYS G 472 -47.40 8.82 -26.22
C LYS G 472 -47.09 8.90 -24.74
N CYS G 473 -46.18 9.80 -24.38
CA CYS G 473 -45.80 10.03 -22.99
C CYS G 473 -46.09 11.47 -22.63
N ASP G 474 -46.87 11.67 -21.58
CA ASP G 474 -47.13 12.98 -21.02
C ASP G 474 -46.13 13.24 -19.90
N ASN G 475 -46.31 14.34 -19.18
CA ASN G 475 -45.50 14.58 -18.00
C ASN G 475 -45.80 13.56 -16.92
N ALA G 476 -47.03 13.05 -16.87
CA ALA G 476 -47.38 12.03 -15.89
C ALA G 476 -46.60 10.74 -16.11
N CYS G 477 -46.45 10.32 -17.37
CA CYS G 477 -45.75 9.08 -17.65
C CYS G 477 -44.25 9.21 -17.34
N ILE G 478 -43.64 10.34 -17.70
CA ILE G 478 -42.24 10.55 -17.37
C ILE G 478 -42.06 10.63 -15.86
N GLY G 479 -43.00 11.27 -15.17
CA GLY G 479 -42.96 11.27 -13.72
C GLY G 479 -43.09 9.89 -13.12
N SER G 480 -43.88 9.03 -13.76
CA SER G 480 -43.98 7.64 -13.31
C SER G 480 -42.67 6.89 -13.51
N ILE G 481 -42.00 7.13 -14.64
CA ILE G 481 -40.70 6.48 -14.87
C ILE G 481 -39.70 6.95 -13.83
N ARG G 482 -39.65 8.26 -13.57
CA ARG G 482 -38.77 8.80 -12.54
C ARG G 482 -39.19 8.39 -11.13
N ASN G 483 -40.44 7.97 -10.98
CA ASN G 483 -41.05 7.67 -9.68
C ASN G 483 -40.97 6.20 -9.32
N GLU G 484 -40.51 5.35 -10.23
CA GLU G 484 -40.43 3.90 -10.04
C GLU G 484 -41.82 3.29 -9.81
N THR G 485 -42.85 3.86 -10.44
CA THR G 485 -44.21 3.34 -10.40
C THR G 485 -44.79 3.28 -11.80
N TYR G 486 -44.03 2.73 -12.74
CA TYR G 486 -44.39 2.69 -14.16
C TYR G 486 -44.83 1.28 -14.52
N ASP G 487 -46.11 1.12 -14.84
CA ASP G 487 -46.65 -0.17 -15.26
C ASP G 487 -46.54 -0.26 -16.78
N HIS G 488 -45.74 -1.20 -17.27
CA HIS G 488 -45.47 -1.32 -18.69
C HIS G 488 -46.53 -2.10 -19.44
N ASN G 489 -47.47 -2.73 -18.74
CA ASN G 489 -48.46 -3.57 -19.42
C ASN G 489 -49.50 -2.76 -20.16
N VAL G 490 -49.85 -1.57 -19.65
CA VAL G 490 -50.87 -0.75 -20.29
C VAL G 490 -50.36 -0.20 -21.61
N TYR G 491 -49.09 0.21 -21.67
CA TYR G 491 -48.52 0.85 -22.86
C TYR G 491 -47.82 -0.15 -23.77
N ARG G 492 -48.23 -1.42 -23.75
CA ARG G 492 -47.48 -2.44 -24.48
C ARG G 492 -48.00 -2.69 -25.88
N ASP G 493 -49.31 -2.74 -26.09
CA ASP G 493 -49.84 -2.99 -27.43
C ASP G 493 -49.44 -1.89 -28.40
N GLU G 494 -49.61 -0.64 -27.99
CA GLU G 494 -49.24 0.49 -28.84
C GLU G 494 -47.75 0.51 -29.12
N ALA G 495 -46.93 0.25 -28.10
CA ALA G 495 -45.48 0.24 -28.28
C ALA G 495 -45.04 -0.87 -29.22
N LEU G 496 -45.62 -2.06 -29.08
CA LEU G 496 -45.27 -3.15 -29.99
C LEU G 496 -45.75 -2.86 -31.41
N ASN G 497 -46.91 -2.22 -31.55
CA ASN G 497 -47.39 -1.86 -32.88
C ASN G 497 -46.47 -0.87 -33.56
N ASN G 498 -46.00 0.14 -32.82
CA ASN G 498 -45.14 1.16 -33.42
C ASN G 498 -43.72 0.66 -33.64
N ARG G 499 -43.19 -0.16 -32.74
CA ARG G 499 -41.79 -0.58 -32.83
C ARG G 499 -41.55 -1.50 -34.02
N PHE G 500 -42.49 -2.41 -34.29
CA PHE G 500 -42.31 -3.40 -35.33
C PHE G 500 -43.16 -3.10 -36.56
N ASP H 1 -41.14 39.12 -33.54
CA ASP H 1 -40.99 39.25 -32.10
C ASP H 1 -42.25 38.79 -31.37
N ILE H 2 -42.06 38.07 -30.27
CA ILE H 2 -43.15 37.56 -29.46
C ILE H 2 -43.32 38.51 -28.28
N GLN H 3 -44.30 39.40 -28.37
CA GLN H 3 -44.53 40.36 -27.32
C GLN H 3 -45.09 39.68 -26.08
N LEU H 4 -44.60 40.10 -24.92
CA LEU H 4 -45.05 39.57 -23.63
C LEU H 4 -45.79 40.67 -22.88
N THR H 5 -46.93 40.32 -22.31
CA THR H 5 -47.77 41.26 -21.59
C THR H 5 -48.09 40.72 -20.20
N GLN H 6 -48.06 41.61 -19.21
CA GLN H 6 -48.33 41.28 -17.82
C GLN H 6 -49.64 41.94 -17.40
N SER H 7 -50.53 41.16 -16.81
CA SER H 7 -51.85 41.67 -16.47
C SER H 7 -51.86 42.53 -15.21
N PRO H 8 -51.25 42.13 -14.09
CA PRO H 8 -51.34 42.97 -12.90
C PRO H 8 -50.17 43.94 -12.79
N SER H 9 -50.46 45.11 -12.21
CA SER H 9 -49.46 46.14 -12.02
C SER H 9 -49.71 46.86 -10.71
N SER H 10 -48.63 47.16 -9.99
CA SER H 10 -48.69 47.88 -8.72
C SER H 10 -49.63 47.18 -7.73
N LEU H 11 -49.58 45.86 -7.72
CA LEU H 11 -50.45 45.08 -6.86
C LEU H 11 -50.05 45.24 -5.40
N SER H 12 -51.04 45.43 -4.53
CA SER H 12 -50.83 45.55 -3.10
C SER H 12 -51.57 44.42 -2.40
N ALA H 13 -50.91 43.77 -1.45
CA ALA H 13 -51.48 42.64 -0.76
C ALA H 13 -51.01 42.64 0.69
N SER H 14 -51.62 41.76 1.48
CA SER H 14 -51.35 41.69 2.91
C SER H 14 -50.13 40.80 3.16
N VAL H 15 -49.85 40.50 4.43
CA VAL H 15 -48.74 39.63 4.79
C VAL H 15 -49.30 38.27 5.20
N GLY H 16 -49.37 37.36 4.23
CA GLY H 16 -49.92 36.04 4.51
C GLY H 16 -51.03 35.64 3.57
N ASP H 17 -51.25 36.43 2.51
CA ASP H 17 -52.28 36.14 1.53
C ASP H 17 -51.66 35.60 0.24
N ARG H 18 -52.52 35.36 -0.75
CA ARG H 18 -52.13 34.70 -1.99
C ARG H 18 -52.18 35.70 -3.14
N VAL H 19 -51.14 35.69 -3.98
CA VAL H 19 -51.04 36.59 -5.13
C VAL H 19 -50.69 35.81 -6.37
N THR H 20 -51.07 36.36 -7.52
CA THR H 20 -50.87 35.73 -8.82
C THR H 20 -50.47 36.78 -9.84
N ILE H 21 -49.50 36.44 -10.69
CA ILE H 21 -49.05 37.30 -11.78
C ILE H 21 -49.14 36.48 -13.07
N THR H 22 -49.71 37.09 -14.11
CA THR H 22 -49.97 36.39 -15.37
C THR H 22 -49.19 37.02 -16.51
N CYS H 23 -48.49 36.19 -17.26
CA CYS H 23 -47.73 36.60 -18.44
C CYS H 23 -48.33 35.91 -19.66
N ARG H 24 -48.69 36.70 -20.67
CA ARG H 24 -49.29 36.20 -21.90
C ARG H 24 -48.44 36.61 -23.09
N ALA H 25 -48.33 35.70 -24.05
CA ALA H 25 -47.47 35.90 -25.21
C ALA H 25 -48.30 36.09 -26.47
N SER H 26 -47.87 37.02 -27.33
CA SER H 26 -48.58 37.26 -28.58
C SER H 26 -48.54 36.04 -29.48
N GLN H 27 -47.39 35.38 -29.57
CA GLN H 27 -47.21 34.19 -30.37
C GLN H 27 -47.03 32.98 -29.46
N GLY H 28 -47.24 31.80 -30.02
CA GLY H 28 -47.20 30.58 -29.23
C GLY H 28 -45.79 30.11 -28.96
N ILE H 29 -45.47 29.91 -27.68
CA ILE H 29 -44.22 29.31 -27.27
C ILE H 29 -44.54 28.00 -26.55
N ARG H 30 -43.52 27.26 -26.13
CA ARG H 30 -43.74 25.94 -25.54
C ARG H 30 -42.82 25.80 -24.33
N ASN H 31 -43.34 26.15 -23.15
CA ASN H 31 -42.71 25.91 -21.85
C ASN H 31 -41.46 26.77 -21.67
N ASP H 32 -41.08 27.54 -22.68
CA ASP H 32 -39.88 28.38 -22.64
C ASP H 32 -40.25 29.72 -22.00
N LEU H 33 -40.11 29.78 -20.67
CA LEU H 33 -40.52 30.98 -19.94
C LEU H 33 -39.83 30.96 -18.59
N GLY H 34 -39.14 32.06 -18.27
CA GLY H 34 -38.47 32.21 -16.99
C GLY H 34 -39.09 33.34 -16.19
N TRP H 35 -39.09 33.18 -14.88
CA TRP H 35 -39.62 34.18 -13.95
C TRP H 35 -38.47 34.71 -13.11
N TYR H 36 -38.26 36.03 -13.16
CA TYR H 36 -37.17 36.72 -12.51
C TYR H 36 -37.71 37.75 -11.53
N GLN H 37 -36.94 38.00 -10.47
CA GLN H 37 -37.25 38.95 -9.43
C GLN H 37 -36.15 39.99 -9.35
N GLN H 38 -36.55 41.26 -9.27
CA GLN H 38 -35.61 42.38 -9.20
C GLN H 38 -36.00 43.29 -8.04
N LYS H 39 -35.15 43.34 -7.02
CA LYS H 39 -35.31 44.33 -5.97
C LYS H 39 -34.80 45.69 -6.47
N PRO H 40 -35.31 46.79 -5.93
CA PRO H 40 -34.86 48.12 -6.38
C PRO H 40 -33.36 48.30 -6.16
N GLY H 41 -32.68 48.69 -7.23
CA GLY H 41 -31.25 48.97 -7.16
C GLY H 41 -30.35 47.77 -7.16
N LYS H 42 -30.85 46.59 -7.54
CA LYS H 42 -30.05 45.38 -7.56
C LYS H 42 -30.33 44.60 -8.84
N ALA H 43 -29.45 43.63 -9.11
CA ALA H 43 -29.54 42.79 -10.29
C ALA H 43 -30.67 41.76 -10.16
N PRO H 44 -31.29 41.37 -11.27
CA PRO H 44 -32.34 40.35 -11.20
C PRO H 44 -31.77 39.00 -10.77
N GLU H 45 -32.60 38.24 -10.05
CA GLU H 45 -32.28 36.88 -9.64
C GLU H 45 -33.29 35.92 -10.26
N ARG H 46 -32.79 34.84 -10.85
CA ARG H 46 -33.65 33.88 -11.51
C ARG H 46 -34.42 33.06 -10.49
N LEU H 47 -35.73 33.00 -10.67
CA LEU H 47 -36.60 32.21 -9.81
C LEU H 47 -37.05 30.92 -10.47
N ILE H 48 -37.64 31.00 -11.65
CA ILE H 48 -38.13 29.81 -12.36
C ILE H 48 -37.55 29.82 -13.77
N TYR H 49 -37.10 28.67 -14.25
CA TYR H 49 -36.50 28.61 -15.58
C TYR H 49 -37.38 27.86 -16.60
N ALA H 50 -37.88 26.68 -16.23
CA ALA H 50 -38.68 25.88 -17.17
C ALA H 50 -40.16 26.14 -16.99
N ALA H 51 -40.47 27.23 -16.29
CA ALA H 51 -41.81 27.72 -16.03
C ALA H 51 -42.60 26.82 -15.08
N SER H 52 -42.06 25.66 -14.72
CA SER H 52 -42.62 24.81 -13.68
C SER H 52 -41.48 24.18 -12.88
N SER H 53 -40.41 24.95 -12.68
CA SER H 53 -39.17 24.38 -12.14
C SER H 53 -38.47 25.42 -11.28
N SER H 54 -38.58 25.27 -9.96
CA SER H 54 -37.93 26.17 -9.03
C SER H 54 -36.48 25.78 -8.83
N LEU H 55 -35.65 26.77 -8.66
CA LEU H 55 -34.21 26.57 -8.47
C LEU H 55 -33.88 26.43 -6.99
N PRO H 56 -32.76 25.78 -6.67
CA PRO H 56 -32.34 25.69 -5.27
C PRO H 56 -32.19 27.06 -4.63
N GLY H 57 -32.60 27.16 -3.37
CA GLY H 57 -32.54 28.41 -2.64
C GLY H 57 -33.77 29.27 -2.75
N VAL H 58 -34.65 29.01 -3.72
CA VAL H 58 -35.90 29.75 -3.82
C VAL H 58 -36.86 29.28 -2.73
N PRO H 59 -37.48 30.18 -1.98
CA PRO H 59 -38.43 29.75 -0.95
C PRO H 59 -39.63 29.07 -1.58
N SER H 60 -40.25 28.17 -0.80
CA SER H 60 -41.34 27.33 -1.31
C SER H 60 -42.60 28.12 -1.65
N ARG H 61 -42.68 29.39 -1.25
CA ARG H 61 -43.88 30.18 -1.52
C ARG H 61 -44.09 30.39 -3.02
N PHE H 62 -43.00 30.50 -3.79
CA PHE H 62 -43.12 30.75 -5.22
C PHE H 62 -43.42 29.47 -5.98
N ARG H 63 -44.29 29.58 -6.98
CA ARG H 63 -44.55 28.46 -7.87
C ARG H 63 -44.93 29.01 -9.24
N GLY H 64 -44.73 28.19 -10.26
CA GLY H 64 -45.03 28.62 -11.62
C GLY H 64 -45.74 27.52 -12.38
N SER H 65 -46.66 27.92 -13.25
CA SER H 65 -47.43 26.95 -14.01
C SER H 65 -47.99 27.62 -15.26
N GLY H 66 -47.96 26.90 -16.36
CA GLY H 66 -48.52 27.41 -17.60
C GLY H 66 -47.95 26.70 -18.79
N SER H 67 -48.43 27.11 -19.96
CA SER H 67 -48.00 26.54 -21.24
C SER H 67 -48.55 27.41 -22.35
N GLY H 68 -48.12 27.11 -23.57
CA GLY H 68 -48.63 27.77 -24.75
C GLY H 68 -48.46 29.27 -24.72
N THR H 69 -49.57 29.98 -24.55
CA THR H 69 -49.58 31.43 -24.51
C THR H 69 -50.11 31.98 -23.18
N GLU H 70 -50.05 31.19 -22.11
CA GLU H 70 -50.52 31.63 -20.81
C GLU H 70 -49.63 31.03 -19.72
N PHE H 71 -49.04 31.90 -18.88
CA PHE H 71 -48.19 31.45 -17.80
C PHE H 71 -48.53 32.25 -16.54
N THR H 72 -48.36 31.62 -15.38
CA THR H 72 -48.69 32.25 -14.12
C THR H 72 -47.63 31.94 -13.08
N LEU H 73 -47.39 32.93 -12.23
CA LEU H 73 -46.54 32.80 -11.05
C LEU H 73 -47.41 33.07 -9.83
N THR H 74 -47.48 32.09 -8.93
CA THR H 74 -48.35 32.14 -7.77
C THR H 74 -47.52 32.11 -6.50
N ILE H 75 -47.86 32.98 -5.55
CA ILE H 75 -47.25 33.00 -4.23
C ILE H 75 -48.35 32.79 -3.21
N SER H 76 -48.24 31.71 -2.42
CA SER H 76 -49.28 31.39 -1.45
C SER H 76 -49.19 32.29 -0.22
N SER H 77 -47.98 32.64 0.19
CA SER H 77 -47.76 33.50 1.35
C SER H 77 -46.78 34.60 1.00
N LEU H 78 -47.08 35.81 1.44
CA LEU H 78 -46.26 36.99 1.14
C LEU H 78 -45.59 37.47 2.42
N GLN H 79 -44.29 37.21 2.54
CA GLN H 79 -43.50 37.75 3.63
C GLN H 79 -43.11 39.19 3.33
N PRO H 80 -42.80 39.99 4.36
CA PRO H 80 -42.41 41.39 4.11
C PRO H 80 -41.13 41.52 3.31
N GLU H 81 -40.30 40.48 3.25
CA GLU H 81 -39.06 40.56 2.49
C GLU H 81 -39.31 40.53 0.98
N ASP H 82 -40.45 40.01 0.54
CA ASP H 82 -40.74 39.87 -0.89
C ASP H 82 -41.63 41.02 -1.34
N SER H 83 -41.00 42.17 -1.57
CA SER H 83 -41.67 43.35 -2.12
C SER H 83 -40.73 43.95 -3.15
N ALA H 84 -40.84 43.49 -4.39
CA ALA H 84 -39.95 43.91 -5.47
C ALA H 84 -40.72 43.82 -6.78
N THR H 85 -39.98 43.88 -7.89
CA THR H 85 -40.57 43.76 -9.21
C THR H 85 -40.36 42.34 -9.73
N TYR H 86 -41.30 41.86 -10.53
CA TYR H 86 -41.24 40.52 -11.10
C TYR H 86 -41.50 40.59 -12.60
N PHE H 87 -40.70 39.88 -13.38
CA PHE H 87 -40.89 39.91 -14.83
C PHE H 87 -40.65 38.54 -15.44
N CYS H 88 -41.12 38.39 -16.68
CA CYS H 88 -41.08 37.14 -17.41
C CYS H 88 -40.20 37.26 -18.65
N LEU H 89 -39.50 36.17 -18.96
CA LEU H 89 -38.57 36.09 -20.06
C LEU H 89 -38.95 34.94 -20.99
N GLN H 90 -38.82 35.17 -22.29
CA GLN H 90 -39.01 34.13 -23.29
C GLN H 90 -37.69 33.87 -23.98
N TYR H 91 -37.35 32.60 -24.15
CA TYR H 91 -36.12 32.22 -24.85
C TYR H 91 -36.40 31.15 -25.90
N HIS H 92 -37.62 31.13 -26.44
CA HIS H 92 -37.90 30.28 -27.59
C HIS H 92 -37.18 30.79 -28.84
N ASN H 93 -37.21 32.10 -29.07
CA ASN H 93 -36.49 32.74 -30.16
C ASN H 93 -35.51 33.77 -29.60
N TYR H 94 -34.57 34.16 -30.45
CA TYR H 94 -33.38 34.89 -30.05
C TYR H 94 -33.56 36.37 -29.70
N PRO H 95 -34.52 37.11 -30.31
CA PRO H 95 -34.73 38.50 -29.88
C PRO H 95 -34.88 38.71 -28.37
N ARG H 96 -35.24 37.65 -27.64
CA ARG H 96 -35.25 37.66 -26.16
C ARG H 96 -36.08 38.82 -25.61
N THR H 97 -37.37 38.82 -25.95
CA THR H 97 -38.25 39.84 -25.44
C THR H 97 -38.59 39.59 -23.97
N PHE H 98 -38.74 40.68 -23.22
CA PHE H 98 -39.13 40.67 -21.83
C PHE H 98 -40.58 41.14 -21.71
N GLY H 99 -41.04 41.27 -20.48
CA GLY H 99 -42.32 41.89 -20.21
C GLY H 99 -42.18 43.00 -19.19
N PRO H 100 -43.04 44.02 -19.27
CA PRO H 100 -43.02 45.08 -18.27
C PRO H 100 -43.26 44.51 -16.88
N GLY H 101 -42.54 45.05 -15.91
CA GLY H 101 -42.57 44.47 -14.58
C GLY H 101 -43.88 44.69 -13.86
N THR H 102 -44.12 43.85 -12.85
CA THR H 102 -45.27 43.96 -11.96
C THR H 102 -44.76 44.30 -10.57
N LYS H 103 -45.28 45.39 -10.00
CA LYS H 103 -44.81 45.88 -8.71
C LYS H 103 -45.68 45.32 -7.59
N VAL H 104 -45.05 44.81 -6.55
CA VAL H 104 -45.77 44.25 -5.41
C VAL H 104 -45.59 45.15 -4.20
N ASP I 1 -7.25 -31.56 -57.45
CA ASP I 1 -6.24 -30.53 -57.32
C ASP I 1 -6.63 -29.28 -58.11
N ILE I 2 -6.44 -28.12 -57.50
CA ILE I 2 -6.74 -26.83 -58.12
C ILE I 2 -5.45 -26.30 -58.70
N GLN I 3 -5.27 -26.44 -60.01
CA GLN I 3 -4.06 -25.96 -60.67
C GLN I 3 -4.07 -24.44 -60.73
N LEU I 4 -2.92 -23.83 -60.44
CA LEU I 4 -2.75 -22.39 -60.49
C LEU I 4 -1.82 -22.04 -61.64
N THR I 5 -2.20 -21.03 -62.43
CA THR I 5 -1.43 -20.59 -63.57
C THR I 5 -1.15 -19.10 -63.47
N GLN I 6 0.06 -18.70 -63.83
CA GLN I 6 0.49 -17.31 -63.79
C GLN I 6 0.66 -16.81 -65.22
N SER I 7 0.09 -15.64 -65.50
CA SER I 7 0.10 -15.14 -66.87
C SER I 7 1.43 -14.48 -67.25
N PRO I 8 2.01 -13.58 -66.45
CA PRO I 8 3.26 -12.94 -66.90
C PRO I 8 4.50 -13.68 -66.43
N SER I 9 5.52 -13.66 -67.28
CA SER I 9 6.78 -14.31 -66.97
C SER I 9 7.93 -13.45 -67.46
N SER I 10 8.98 -13.36 -66.63
CA SER I 10 10.19 -12.59 -66.96
C SER I 10 9.86 -11.15 -67.32
N LEU I 11 8.93 -10.56 -66.58
CA LEU I 11 8.51 -9.19 -66.84
C LEU I 11 9.62 -8.23 -66.45
N SER I 12 9.92 -7.28 -67.34
CA SER I 12 10.90 -6.25 -67.09
C SER I 12 10.22 -4.89 -67.16
N ALA I 13 10.50 -4.04 -66.18
CA ALA I 13 9.86 -2.73 -66.10
C ALA I 13 10.87 -1.70 -65.60
N SER I 14 10.48 -0.44 -65.64
CA SER I 14 11.35 0.66 -65.25
C SER I 14 11.33 0.83 -63.74
N VAL I 15 11.91 1.92 -63.25
CA VAL I 15 11.94 2.23 -61.83
C VAL I 15 10.96 3.36 -61.55
N GLY I 16 9.73 3.00 -61.21
CA GLY I 16 8.71 4.01 -60.96
C GLY I 16 7.46 3.83 -61.78
N ASP I 17 7.29 2.64 -62.36
CA ASP I 17 6.13 2.32 -63.17
C ASP I 17 5.27 1.26 -62.50
N ARG I 18 4.16 0.92 -63.15
CA ARG I 18 3.15 0.04 -62.60
C ARG I 18 3.21 -1.33 -63.26
N VAL I 19 3.20 -2.39 -62.44
CA VAL I 19 3.24 -3.75 -62.93
C VAL I 19 2.12 -4.56 -62.27
N THR I 20 1.71 -5.62 -62.97
CA THR I 20 0.62 -6.47 -62.53
C THR I 20 0.95 -7.93 -62.80
N ILE I 21 0.65 -8.80 -61.84
CA ILE I 21 0.82 -10.24 -61.96
C ILE I 21 -0.53 -10.90 -61.70
N THR I 22 -0.93 -11.78 -62.60
CA THR I 22 -2.26 -12.39 -62.55
C THR I 22 -2.14 -13.89 -62.26
N CYS I 23 -2.91 -14.35 -61.27
CA CYS I 23 -2.95 -15.75 -60.87
C CYS I 23 -4.36 -16.26 -61.12
N ARG I 24 -4.49 -17.25 -62.00
CA ARG I 24 -5.77 -17.85 -62.35
C ARG I 24 -5.83 -19.28 -61.83
N ALA I 25 -7.02 -19.68 -61.39
CA ALA I 25 -7.22 -20.98 -60.77
C ALA I 25 -8.09 -21.86 -61.66
N SER I 26 -8.43 -23.04 -61.15
CA SER I 26 -9.28 -23.98 -61.86
C SER I 26 -10.62 -24.23 -61.20
N GLN I 27 -10.77 -23.91 -59.92
CA GLN I 27 -12.02 -24.05 -59.20
C GLN I 27 -12.37 -22.76 -58.50
N GLY I 28 -13.50 -22.78 -57.80
CA GLY I 28 -13.97 -21.60 -57.10
C GLY I 28 -13.27 -21.31 -55.79
N ILE I 29 -12.02 -20.86 -55.88
CA ILE I 29 -11.27 -20.42 -54.70
C ILE I 29 -11.97 -19.19 -54.13
N ARG I 30 -12.48 -19.31 -52.90
CA ARG I 30 -13.26 -18.24 -52.29
C ARG I 30 -12.35 -17.40 -51.40
N ASN I 31 -11.55 -16.56 -52.06
CA ASN I 31 -10.70 -15.55 -51.44
C ASN I 31 -9.50 -16.15 -50.72
N ASP I 32 -9.42 -17.48 -50.66
CA ASP I 32 -8.32 -18.17 -49.99
C ASP I 32 -7.11 -18.21 -50.92
N LEU I 33 -6.30 -17.15 -50.86
CA LEU I 33 -5.08 -17.06 -51.64
C LEU I 33 -4.04 -16.26 -50.89
N GLY I 34 -2.78 -16.44 -51.28
CA GLY I 34 -1.69 -15.71 -50.68
C GLY I 34 -0.57 -15.41 -51.65
N TRP I 35 -0.01 -14.22 -51.56
CA TRP I 35 1.06 -13.78 -52.43
C TRP I 35 2.37 -13.74 -51.66
N TYR I 36 3.38 -14.45 -52.18
CA TYR I 36 4.69 -14.60 -51.58
C TYR I 36 5.76 -14.05 -52.52
N GLN I 37 6.81 -13.50 -51.92
CA GLN I 37 7.98 -12.98 -52.62
C GLN I 37 9.21 -13.74 -52.19
N GLN I 38 9.98 -14.22 -53.16
CA GLN I 38 11.21 -14.98 -52.91
C GLN I 38 12.37 -14.31 -53.65
N LYS I 39 13.34 -13.83 -52.89
CA LYS I 39 14.58 -13.36 -53.48
C LYS I 39 15.48 -14.57 -53.79
N PRO I 40 16.36 -14.43 -54.78
CA PRO I 40 17.23 -15.56 -55.14
C PRO I 40 18.12 -15.98 -53.97
N GLY I 41 18.05 -17.26 -53.61
CA GLY I 41 18.87 -17.81 -52.57
C GLY I 41 18.38 -17.59 -51.15
N LYS I 42 17.13 -17.17 -50.98
CA LYS I 42 16.57 -16.93 -49.65
C LYS I 42 15.18 -17.56 -49.56
N ALA I 43 14.68 -17.63 -48.33
CA ALA I 43 13.37 -18.22 -48.09
C ALA I 43 12.27 -17.24 -48.51
N PRO I 44 11.13 -17.76 -48.95
CA PRO I 44 10.01 -16.87 -49.30
C PRO I 44 9.50 -16.12 -48.08
N GLU I 45 9.04 -14.90 -48.33
CA GLU I 45 8.41 -14.07 -47.30
C GLU I 45 6.97 -13.79 -47.71
N ARG I 46 6.05 -13.98 -46.77
CA ARG I 46 4.64 -13.76 -47.06
C ARG I 46 4.37 -12.27 -47.23
N LEU I 47 3.67 -11.93 -48.30
CA LEU I 47 3.30 -10.55 -48.58
C LEU I 47 1.83 -10.28 -48.34
N ILE I 48 0.94 -11.11 -48.88
CA ILE I 48 -0.49 -10.84 -48.77
C ILE I 48 -1.22 -12.15 -48.51
N TYR I 49 -2.24 -12.10 -47.66
CA TYR I 49 -3.19 -13.18 -47.48
C TYR I 49 -4.60 -12.64 -47.60
N ALA I 50 -5.57 -13.56 -47.64
CA ALA I 50 -6.99 -13.25 -47.84
C ALA I 50 -7.25 -12.55 -49.17
N ALA I 51 -6.23 -12.52 -50.03
CA ALA I 51 -6.26 -11.98 -51.39
C ALA I 51 -6.35 -10.46 -51.40
N SER I 52 -6.63 -9.85 -50.24
CA SER I 52 -6.37 -8.42 -50.02
C SER I 52 -6.19 -8.21 -48.51
N SER I 53 -4.96 -8.35 -48.03
CA SER I 53 -4.65 -8.00 -46.64
C SER I 53 -3.13 -7.85 -46.54
N SER I 54 -2.65 -6.61 -46.52
CA SER I 54 -1.22 -6.36 -46.44
C SER I 54 -0.73 -6.55 -45.01
N LEU I 55 0.27 -7.39 -44.87
CA LEU I 55 0.82 -7.65 -43.55
C LEU I 55 1.67 -6.47 -43.07
N PRO I 56 1.84 -6.31 -41.76
CA PRO I 56 2.72 -5.25 -41.26
C PRO I 56 4.13 -5.42 -41.77
N GLY I 57 4.77 -4.30 -42.08
CA GLY I 57 6.11 -4.29 -42.61
C GLY I 57 6.20 -4.36 -44.12
N VAL I 58 5.11 -4.72 -44.79
CA VAL I 58 5.10 -4.72 -46.26
C VAL I 58 4.99 -3.28 -46.75
N PRO I 59 5.80 -2.87 -47.72
CA PRO I 59 5.68 -1.50 -48.25
C PRO I 59 4.33 -1.30 -48.93
N SER I 60 3.89 -0.04 -48.93
CA SER I 60 2.57 0.31 -49.45
C SER I 60 2.45 0.11 -50.96
N ARG I 61 3.55 -0.12 -51.66
CA ARG I 61 3.51 -0.31 -53.10
C ARG I 61 2.69 -1.54 -53.49
N PHE I 62 2.85 -2.63 -52.75
CA PHE I 62 2.18 -3.88 -53.08
C PHE I 62 0.70 -3.79 -52.75
N ARG I 63 -0.13 -4.40 -53.60
CA ARG I 63 -1.55 -4.53 -53.31
C ARG I 63 -2.07 -5.77 -54.00
N GLY I 64 -3.18 -6.29 -53.50
CA GLY I 64 -3.77 -7.48 -54.07
C GLY I 64 -5.29 -7.36 -54.14
N SER I 65 -5.86 -7.96 -55.16
CA SER I 65 -7.31 -7.89 -55.35
C SER I 65 -7.77 -9.02 -56.25
N GLY I 66 -8.90 -9.61 -55.92
CA GLY I 66 -9.48 -10.65 -56.76
C GLY I 66 -10.41 -11.54 -55.95
N SER I 67 -10.97 -12.51 -56.66
CA SER I 67 -11.90 -13.46 -56.06
C SER I 67 -12.16 -14.58 -57.05
N GLY I 68 -12.88 -15.59 -56.59
CA GLY I 68 -13.30 -16.69 -57.45
C GLY I 68 -12.15 -17.40 -58.13
N THR I 69 -12.02 -17.17 -59.43
CA THR I 69 -10.97 -17.79 -60.22
C THR I 69 -10.01 -16.78 -60.85
N GLU I 70 -9.93 -15.56 -60.31
CA GLU I 70 -9.03 -14.54 -60.85
C GLU I 70 -8.49 -13.71 -59.71
N PHE I 71 -7.17 -13.62 -59.61
CA PHE I 71 -6.54 -12.80 -58.58
C PHE I 71 -5.40 -12.02 -59.22
N THR I 72 -5.12 -10.83 -58.66
CA THR I 72 -4.09 -9.96 -59.21
C THR I 72 -3.28 -9.33 -58.08
N LEU I 73 -1.98 -9.18 -58.32
CA LEU I 73 -1.09 -8.42 -57.46
C LEU I 73 -0.54 -7.26 -58.27
N THR I 74 -0.72 -6.05 -57.75
CA THR I 74 -0.35 -4.83 -58.44
C THR I 74 0.71 -4.07 -57.64
N ILE I 75 1.75 -3.62 -58.32
CA ILE I 75 2.76 -2.75 -57.72
C ILE I 75 2.73 -1.43 -58.49
N SER I 76 2.41 -0.35 -57.79
CA SER I 76 2.29 0.95 -58.44
C SER I 76 3.66 1.54 -58.77
N SER I 77 4.63 1.38 -57.87
CA SER I 77 5.97 1.90 -58.06
C SER I 77 6.99 0.80 -57.79
N LEU I 78 7.96 0.66 -58.69
CA LEU I 78 9.01 -0.34 -58.55
C LEU I 78 10.29 0.33 -58.09
N GLN I 79 10.73 -0.01 -56.90
CA GLN I 79 12.05 0.38 -56.43
C GLN I 79 13.08 -0.66 -56.86
N PRO I 80 14.35 -0.28 -56.99
CA PRO I 80 15.37 -1.26 -57.41
C PRO I 80 15.54 -2.42 -56.45
N GLU I 81 15.14 -2.27 -55.20
CA GLU I 81 15.27 -3.37 -54.24
C GLU I 81 14.28 -4.50 -54.49
N ASP I 82 13.16 -4.21 -55.16
CA ASP I 82 12.10 -5.20 -55.36
C ASP I 82 12.23 -5.84 -56.75
N SER I 83 13.23 -6.70 -56.87
CA SER I 83 13.45 -7.49 -58.09
C SER I 83 13.72 -8.93 -57.67
N ALA I 84 12.69 -9.76 -57.74
CA ALA I 84 12.78 -11.14 -57.29
C ALA I 84 11.63 -11.92 -57.92
N THR I 85 11.42 -13.16 -57.46
CA THR I 85 10.36 -14.00 -57.96
C THR I 85 9.12 -13.85 -57.06
N TYR I 86 7.94 -13.90 -57.67
CA TYR I 86 6.69 -13.77 -56.95
C TYR I 86 5.78 -14.93 -57.31
N PHE I 87 5.14 -15.53 -56.31
CA PHE I 87 4.25 -16.65 -56.59
C PHE I 87 3.01 -16.61 -55.69
N CYS I 88 2.00 -17.37 -56.11
CA CYS I 88 0.71 -17.42 -55.43
C CYS I 88 0.45 -18.82 -54.88
N LEU I 89 -0.15 -18.86 -53.70
CA LEU I 89 -0.45 -20.09 -52.99
C LEU I 89 -1.93 -20.16 -52.68
N GLN I 90 -2.50 -21.36 -52.78
CA GLN I 90 -3.90 -21.61 -52.49
C GLN I 90 -4.02 -22.49 -51.26
N TYR I 91 -4.89 -22.11 -50.34
CA TYR I 91 -5.12 -22.88 -49.12
C TYR I 91 -6.61 -23.13 -48.91
N HIS I 92 -7.34 -23.35 -50.01
CA HIS I 92 -8.74 -23.75 -49.90
C HIS I 92 -8.87 -25.23 -49.57
N ASN I 93 -8.26 -26.09 -50.40
CA ASN I 93 -8.20 -27.52 -50.14
C ASN I 93 -6.80 -27.90 -49.66
N TYR I 94 -6.73 -29.03 -48.96
CA TYR I 94 -5.48 -29.41 -48.28
C TYR I 94 -4.30 -29.62 -49.23
N PRO I 95 -4.44 -30.29 -50.39
CA PRO I 95 -3.31 -30.29 -51.34
C PRO I 95 -2.94 -28.88 -51.72
N ARG I 96 -1.78 -28.41 -51.26
CA ARG I 96 -1.39 -27.01 -51.38
C ARG I 96 -0.66 -26.83 -52.70
N THR I 97 -1.40 -26.46 -53.74
CA THR I 97 -0.81 -26.23 -55.05
C THR I 97 -0.29 -24.80 -55.15
N PHE I 98 1.00 -24.66 -55.43
CA PHE I 98 1.60 -23.36 -55.66
C PHE I 98 1.40 -22.95 -57.12
N GLY I 99 1.96 -21.80 -57.48
CA GLY I 99 1.99 -21.37 -58.85
C GLY I 99 3.41 -21.10 -59.30
N PRO I 100 3.71 -21.40 -60.57
CA PRO I 100 5.06 -21.10 -61.09
C PRO I 100 5.36 -19.63 -60.97
N GLY I 101 6.60 -19.32 -60.62
CA GLY I 101 6.95 -17.96 -60.28
C GLY I 101 6.97 -17.03 -61.48
N THR I 102 6.92 -15.73 -61.18
CA THR I 102 7.05 -14.67 -62.17
C THR I 102 8.29 -13.85 -61.85
N LYS I 103 9.19 -13.75 -62.81
CA LYS I 103 10.46 -13.07 -62.61
C LYS I 103 10.32 -11.60 -62.97
N VAL I 104 10.85 -10.73 -62.12
CA VAL I 104 10.78 -9.30 -62.35
C VAL I 104 12.18 -8.72 -62.52
C1 NAG J . 56.79 -8.40 27.46
C2 NAG J . 58.11 -7.72 27.09
C3 NAG J . 58.25 -7.62 25.57
C4 NAG J . 57.99 -8.95 24.88
C5 NAG J . 56.69 -9.55 25.40
C6 NAG J . 56.38 -10.91 24.82
C7 NAG J . 59.11 -5.97 28.52
C8 NAG J . 60.17 -6.97 28.89
N2 NAG J . 58.17 -6.41 27.67
O3 NAG J . 59.55 -7.14 25.29
O4 NAG J . 57.89 -8.66 23.50
O5 NAG J . 56.73 -9.65 26.80
O6 NAG J . 55.11 -11.32 25.29
O7 NAG J . 59.11 -4.84 28.98
C1 NAG J . 58.88 -9.38 22.75
C2 NAG J . 58.44 -9.41 21.28
C3 NAG J . 59.53 -9.98 20.39
C4 NAG J . 60.88 -9.36 20.67
C5 NAG J . 61.17 -9.43 22.17
C6 NAG J . 62.49 -8.85 22.58
C7 NAG J . 55.98 -9.70 20.98
C8 NAG J . 55.84 -8.22 21.11
N2 NAG J . 57.24 -10.18 21.08
O3 NAG J . 59.12 -9.80 19.06
O4 NAG J . 61.83 -10.12 19.95
O5 NAG J . 60.13 -8.76 22.85
O6 NAG J . 62.54 -7.49 22.22
O7 NAG J . 55.01 -10.42 20.81
C1 BMA J . 62.30 -9.40 18.80
C2 BMA J . 63.64 -10.00 18.43
C3 BMA J . 64.24 -9.24 17.24
C4 BMA J . 63.22 -8.86 16.14
C5 BMA J . 61.77 -9.33 16.36
C6 BMA J . 61.38 -10.55 15.53
O2 BMA J . 63.48 -11.38 18.19
O3 BMA J . 65.33 -10.01 16.78
O4 BMA J . 63.25 -7.44 16.09
O5 BMA J . 61.38 -9.54 17.72
O6 BMA J . 62.10 -11.67 16.02
C1 MAN J . 66.49 -9.50 17.47
C2 MAN J . 67.63 -9.34 16.44
C3 MAN J . 68.12 -10.70 15.97
C4 MAN J . 68.50 -11.58 17.16
C5 MAN J . 67.30 -11.67 18.11
C6 MAN J . 67.66 -12.42 19.38
O2 MAN J . 68.65 -8.61 17.07
O3 MAN J . 69.23 -10.49 15.12
O4 MAN J . 68.86 -12.85 16.65
O5 MAN J . 66.90 -10.37 18.49
O6 MAN J . 68.79 -11.81 19.95
C1 NAG K . 54.87 -4.10 31.98
C2 NAG K . 54.80 -3.45 33.37
C3 NAG K . 56.17 -2.86 33.66
C4 NAG K . 57.21 -3.99 33.63
C5 NAG K . 57.05 -4.84 32.36
C6 NAG K . 57.92 -6.08 32.37
C7 NAG K . 53.37 -1.51 32.67
C8 NAG K . 52.10 -0.82 33.08
N2 NAG K . 53.69 -2.55 33.46
O3 NAG K . 56.11 -2.22 34.90
O4 NAG K . 58.48 -3.39 33.68
O5 NAG K . 55.71 -5.23 32.13
O6 NAG K . 57.77 -6.75 33.60
O7 NAG K . 54.02 -1.14 31.69
C1 NAG K . 59.03 -3.51 35.00
C2 NAG K . 60.57 -3.43 34.92
C3 NAG K . 61.16 -3.48 36.33
C4 NAG K . 60.54 -2.39 37.19
C5 NAG K . 59.02 -2.56 37.18
C6 NAG K . 58.29 -1.50 37.99
C7 NAG K . 61.90 -4.31 33.04
C8 NAG K . 62.20 -2.89 32.66
N2 NAG K . 61.13 -4.49 34.12
O3 NAG K . 62.55 -3.31 36.20
O4 NAG K . 61.06 -2.55 38.49
O5 NAG K . 58.56 -2.49 35.84
O6 NAG K . 58.66 -0.23 37.54
O7 NAG K . 62.36 -5.24 32.40
C1 NAG L . 1.80 -9.57 27.39
C2 NAG L . 0.36 -9.06 27.59
C3 NAG L . 0.35 -7.54 27.62
C4 NAG L . 1.36 -7.00 28.62
C5 NAG L . 2.74 -7.62 28.33
C6 NAG L . 3.85 -7.20 29.26
C7 NAG L . -1.40 -10.56 26.69
C8 NAG L . -1.50 -11.15 28.06
N2 NAG L . -0.49 -9.57 26.55
O3 NAG L . -0.96 -7.13 27.94
O4 NAG L . 1.38 -5.59 28.47
O5 NAG L . 2.61 -9.03 28.40
O6 NAG L . 3.48 -7.50 30.59
O7 NAG L . -2.09 -10.96 25.77
C1 NAG L . 1.04 -4.97 29.73
C2 NAG L . 1.33 -3.47 29.63
C3 NAG L . 0.97 -2.78 30.95
C4 NAG L . -0.42 -3.16 31.45
C5 NAG L . -0.62 -4.68 31.35
C6 NAG L . -2.01 -5.14 31.72
C7 NAG L . 3.21 -2.98 28.10
C8 NAG L . 4.71 -2.81 28.02
N2 NAG L . 2.73 -3.27 29.32
O3 NAG L . 1.09 -1.39 30.75
O4 NAG L . -0.51 -2.75 32.79
O5 NAG L . -0.33 -5.12 30.03
O6 NAG L . -2.06 -6.55 31.67
O7 NAG L . 2.50 -2.84 27.10
C1 BMA L . -1.50 -1.71 32.99
C2 BMA L . -0.85 -0.66 33.87
C3 BMA L . -1.56 0.72 33.77
C4 BMA L . -2.88 0.76 32.96
C5 BMA L . -2.91 -0.15 31.74
C6 BMA L . -2.87 0.60 30.41
O2 BMA L . 0.52 -0.60 33.55
O3 BMA L . -0.59 1.62 33.30
O4 BMA L . -3.89 0.41 33.89
O5 BMA L . -1.92 -1.16 31.75
O6 BMA L . -1.93 1.64 30.53
C1 NAG M . 48.68 30.34 27.31
C2 NAG M . 48.62 31.15 28.60
C3 NAG M . 47.34 31.98 28.62
C4 NAG M . 47.15 32.80 27.35
C5 NAG M . 47.37 31.91 26.12
C6 NAG M . 47.37 32.68 24.82
C7 NAG M . 49.60 30.35 30.72
C8 NAG M . 50.66 31.40 30.55
N2 NAG M . 48.67 30.30 29.75
O3 NAG M . 47.38 32.81 29.76
O4 NAG M . 45.83 33.28 27.39
O5 NAG M . 48.60 31.24 26.22
O6 NAG M . 46.06 33.08 24.50
O7 NAG M . 49.60 29.60 31.68
C1 NAG M . 45.80 34.72 27.42
C2 NAG M . 44.38 35.18 27.08
C3 NAG M . 44.29 36.70 27.16
C4 NAG M . 44.81 37.20 28.50
C5 NAG M . 46.20 36.63 28.76
C6 NAG M . 46.79 37.02 30.10
C7 NAG M . 43.19 33.71 25.48
C8 NAG M . 42.73 32.91 26.68
N2 NAG M . 43.98 34.76 25.76
O3 NAG M . 42.95 37.05 26.95
O4 NAG M . 44.89 38.61 28.36
O5 NAG M . 46.14 35.21 28.70
O6 NAG M . 48.00 36.34 30.30
O7 NAG M . 42.86 33.39 24.35
C1 BMA M . 43.91 39.26 29.19
C2 BMA M . 44.32 40.72 29.20
C3 BMA M . 43.36 41.54 30.09
C4 BMA M . 41.88 41.11 29.99
C5 BMA M . 41.54 40.01 28.98
C6 BMA M . 40.88 40.51 27.69
O2 BMA M . 44.38 41.18 27.89
O3 BMA M . 43.60 42.88 29.77
O4 BMA M . 41.54 40.69 31.30
O5 BMA M . 42.60 39.11 28.65
O6 BMA M . 41.84 41.23 26.95
C1 MAN M . 44.63 43.37 30.66
C2 MAN M . 44.37 44.85 30.95
C3 MAN M . 45.62 45.67 30.65
C4 MAN M . 46.84 45.07 31.35
C5 MAN M . 47.00 43.61 30.91
C6 MAN M . 47.05 42.66 32.08
O2 MAN M . 43.99 44.95 32.30
O3 MAN M . 45.38 46.99 31.09
O4 MAN M . 47.95 45.85 31.00
O5 MAN M . 45.91 43.23 30.09
O6 MAN M . 48.20 42.93 32.86
C1 NAG N . 50.21 24.64 30.19
C2 NAG N . 50.96 23.60 31.01
C3 NAG N . 51.67 24.32 32.16
C4 NAG N . 52.58 25.42 31.62
C5 NAG N . 51.81 26.30 30.61
C6 NAG N . 52.69 27.30 29.90
C7 NAG N . 49.86 21.43 30.82
C8 NAG N . 48.87 20.49 31.46
N2 NAG N . 50.06 22.59 31.47
O3 NAG N . 52.39 23.36 32.88
O4 NAG N . 53.00 26.19 32.73
O5 NAG N . 51.16 25.51 29.64
O6 NAG N . 53.38 28.07 30.85
O7 NAG N . 50.43 21.14 29.78
C1 NAG N . 54.35 25.86 33.10
C2 NAG N . 54.86 26.90 34.11
C3 NAG N . 56.26 26.54 34.58
C4 NAG N . 56.28 25.12 35.12
C5 NAG N . 55.73 24.17 34.05
C6 NAG N . 55.67 22.73 34.50
C7 NAG N . 54.15 29.27 34.02
C8 NAG N . 53.32 29.00 35.24
N2 NAG N . 54.85 28.23 33.54
O3 NAG N . 56.65 27.48 35.55
O4 NAG N . 57.62 24.81 35.44
O5 NAG N . 54.41 24.58 33.70
O6 NAG N . 54.96 22.64 35.71
O7 NAG N . 54.18 30.38 33.50
C1 NAG O . 9.57 25.94 8.37
C2 NAG O . 9.90 26.66 7.05
C3 NAG O . 10.91 25.82 6.29
C4 NAG O . 12.14 25.59 7.17
C5 NAG O . 11.73 25.05 8.55
C6 NAG O . 12.88 24.90 9.51
C7 NAG O . 7.81 26.11 5.78
C8 NAG O . 6.65 26.77 5.08
N2 NAG O . 8.70 26.97 6.32
O3 NAG O . 11.24 26.53 5.12
O4 NAG O . 13.08 24.72 6.54
O5 NAG O . 10.75 25.89 9.13
O6 NAG O . 13.58 26.12 9.59
O7 NAG O . 7.91 24.89 5.84
C1 NAG O . 12.47 23.64 5.79
C2 NAG O . 13.54 23.13 4.81
C3 NAG O . 12.97 21.98 3.98
C4 NAG O . 12.40 20.91 4.89
C5 NAG O . 11.41 21.54 5.86
C6 NAG O . 10.79 20.56 6.83
C7 NAG O . 15.08 24.98 4.30
C8 NAG O . 15.41 26.05 3.29
N2 NAG O . 14.03 24.20 3.99
O3 NAG O . 14.01 21.48 3.17
O4 NAG O . 11.79 19.94 4.06
O5 NAG O . 12.04 22.56 6.59
O6 NAG O . 11.80 19.91 7.55
O7 NAG O . 15.72 24.85 5.33
C1 NAG P . 17.85 39.31 26.97
C2 NAG P . 16.64 40.00 27.62
C3 NAG P . 16.36 41.33 26.91
C4 NAG P . 17.61 42.21 26.81
C5 NAG P . 18.73 41.35 26.21
C6 NAG P . 20.07 42.03 26.03
C7 NAG P . 14.84 38.66 26.52
C8 NAG P . 13.62 37.83 26.85
N2 NAG P . 15.46 39.17 27.61
O3 NAG P . 15.31 41.94 27.58
O4 NAG P . 17.20 43.28 25.97
O5 NAG P . 18.93 40.20 26.99
O6 NAG P . 20.47 42.60 27.25
O7 NAG P . 15.18 38.85 25.36
C1 NAG P . 17.55 44.60 26.46
C2 NAG P . 16.64 45.04 27.62
C3 NAG P . 17.04 46.45 28.04
C4 NAG P . 18.53 46.52 28.36
C5 NAG P . 19.32 45.97 27.17
C6 NAG P . 20.82 45.97 27.35
C7 NAG P . 14.18 44.68 27.97
C8 NAG P . 14.45 44.32 29.41
N2 NAG P . 15.25 45.00 27.21
O3 NAG P . 16.26 46.85 29.14
O4 NAG P . 18.84 47.87 28.62
O5 NAG P . 18.88 44.65 26.93
O6 NAG P . 21.42 45.53 26.16
O7 NAG P . 13.04 44.69 27.53
C1 NAG Q . 37.07 8.90 51.05
C2 NAG Q . 38.36 9.61 50.67
C3 NAG Q . 39.44 9.22 51.68
C4 NAG Q . 38.98 9.49 53.10
C5 NAG Q . 37.56 8.96 53.32
C6 NAG Q . 36.98 9.32 54.67
C7 NAG Q . 38.40 10.03 48.26
C8 NAG Q . 38.84 9.48 46.92
N2 NAG Q . 38.71 9.26 49.31
O3 NAG Q . 40.61 9.91 51.35
O4 NAG Q . 39.89 8.85 53.96
O5 NAG Q . 36.69 9.41 52.31
O6 NAG Q . 37.23 10.67 54.95
O7 NAG Q . 37.81 11.10 48.33
C1 NAG Q . 40.79 9.79 54.55
C2 NAG Q . 41.43 9.17 55.81
C3 NAG Q . 42.44 10.12 56.41
C4 NAG Q . 43.46 10.53 55.36
C5 NAG Q . 42.72 11.11 54.15
C6 NAG Q . 43.65 11.51 53.02
C7 NAG Q . 40.22 7.56 57.24
C8 NAG Q . 39.13 7.43 58.27
N2 NAG Q . 40.43 8.81 56.78
O3 NAG Q . 43.04 9.49 57.50
O4 NAG Q . 44.30 11.50 55.95
O5 NAG Q . 41.82 10.14 53.65
O6 NAG Q . 44.46 10.43 52.66
O7 NAG Q . 40.86 6.59 56.88
C1 NAG R . 32.39 6.72 54.56
C2 NAG R . 32.97 5.82 55.65
C3 NAG R . 32.39 4.42 55.52
C4 NAG R . 30.86 4.49 55.60
C5 NAG R . 30.36 5.48 54.53
C6 NAG R . 28.87 5.68 54.57
C7 NAG R . 35.24 5.40 54.70
C8 NAG R . 36.71 5.58 55.01
N2 NAG R . 34.41 5.86 55.65
O3 NAG R . 32.92 3.63 56.54
O4 NAG R . 30.35 3.20 55.36
O5 NAG R . 30.98 6.74 54.71
O6 NAG R . 28.50 6.21 55.82
O7 NAG R . 34.88 4.88 53.66
C1 NAG R . 29.84 2.61 56.57
C2 NAG R . 28.76 1.59 56.19
C3 NAG R . 28.30 0.83 57.42
C4 NAG R . 29.49 0.19 58.13
C5 NAG R . 30.50 1.29 58.46
C6 NAG R . 31.75 0.78 59.12
C7 NAG R . 27.33 2.18 54.26
C8 NAG R . 28.35 1.47 53.40
N2 NAG R . 27.61 2.21 55.57
O3 NAG R . 27.37 -0.13 57.00
O4 NAG R . 28.99 -0.41 59.30
O5 NAG R . 30.88 1.96 57.27
O6 NAG R . 31.43 0.17 60.35
O7 NAG R . 26.35 2.71 53.77
C1 BMA R . 29.04 -1.84 59.18
C2 BMA R . 28.71 -2.39 60.57
C3 BMA R . 28.81 -3.93 60.54
C4 BMA R . 28.21 -4.60 59.28
C5 BMA R . 27.63 -3.66 58.21
C6 BMA R . 26.10 -3.65 58.15
O2 BMA R . 27.44 -1.92 60.94
O3 BMA R . 28.27 -4.38 61.76
O4 BMA R . 29.27 -5.36 58.74
O5 BMA R . 28.11 -2.32 58.22
O6 BMA R . 25.62 -3.03 59.32
C1 MAN R . 29.39 -4.74 62.59
C2 MAN R . 28.94 -5.84 63.56
C3 MAN R . 27.93 -5.30 64.57
C4 MAN R . 28.49 -4.08 65.28
C5 MAN R . 28.92 -3.03 64.23
C6 MAN R . 29.61 -1.86 64.89
O2 MAN R . 30.10 -6.31 64.20
O3 MAN R . 27.64 -6.34 65.47
O4 MAN R . 27.46 -3.57 66.12
O5 MAN R . 29.84 -3.62 63.33
O6 MAN R . 30.63 -2.34 65.72
C1 NAG S . -23.50 -13.84 16.13
C2 NAG S . -24.02 -14.24 17.52
C3 NAG S . -23.37 -13.36 18.59
C4 NAG S . -21.86 -13.34 18.46
C5 NAG S . -21.51 -12.88 17.04
C6 NAG S . -20.04 -12.80 16.77
C7 NAG S . -26.30 -14.98 18.16
C8 NAG S . -25.66 -16.23 18.72
N2 NAG S . -25.45 -14.09 17.62
O3 NAG S . -23.77 -13.84 19.85
O4 NAG S . -21.35 -12.45 19.43
O5 NAG S . -22.09 -13.81 16.14
O6 NAG S . -19.82 -12.49 15.41
O7 NAG S . -27.50 -14.81 18.21
C1 NAG T . -15.47 -19.85 7.32
C2 NAG T . -15.98 -21.29 7.40
C3 NAG T . -14.92 -22.20 8.01
C4 NAG T . -13.61 -22.05 7.24
C5 NAG T . -13.21 -20.57 7.24
C6 NAG T . -11.92 -20.29 6.51
C7 NAG T . -18.34 -21.96 7.76
C8 NAG T . -18.30 -22.59 6.39
N2 NAG T . -17.20 -21.36 8.17
O3 NAG T . -15.40 -23.51 7.98
O4 NAG T . -12.66 -22.85 7.90
O5 NAG T . -14.25 -19.83 6.62
O6 NAG T . -12.01 -20.73 5.18
O7 NAG T . -19.35 -22.00 8.44
C1 NAG U . -27.07 -33.26 -17.96
C2 NAG U . -27.93 -34.31 -18.69
C3 NAG U . -27.26 -35.68 -18.63
C4 NAG U . -25.84 -35.58 -19.20
C5 NAG U . -25.06 -34.54 -18.40
C6 NAG U . -23.67 -34.28 -18.95
C7 NAG U . -30.29 -33.70 -18.73
C8 NAG U . -31.59 -33.85 -17.98
N2 NAG U . -29.27 -34.34 -18.15
O3 NAG U . -28.05 -36.59 -19.33
O4 NAG U . -25.22 -36.84 -19.15
O5 NAG U . -25.76 -33.32 -18.49
O6 NAG U . -23.03 -35.52 -19.08
O7 NAG U . -30.19 -33.03 -19.75
C1 NAG V . 45.01 -22.19 42.22
C2 NAG V . 46.42 -22.76 42.42
C3 NAG V . 46.78 -23.66 41.24
C4 NAG V . 45.70 -24.72 41.05
C5 NAG V . 44.34 -24.04 40.91
C6 NAG V . 43.19 -25.00 40.74
C7 NAG V . 48.10 -21.45 43.66
C8 NAG V . 47.87 -22.37 44.83
N2 NAG V . 47.38 -21.70 42.56
O3 NAG V . 48.04 -24.22 41.50
O4 NAG V . 46.03 -25.46 39.90
O5 NAG V . 44.10 -23.25 42.06
O6 NAG V . 41.98 -24.29 40.65
O7 NAG V . 48.92 -20.53 43.73
C1 NAG W . 16.50 -18.77 44.43
C2 NAG W . 16.90 -19.76 45.55
C3 NAG W . 15.82 -19.77 46.63
C4 NAG W . 15.51 -18.35 47.09
C5 NAG W . 15.17 -17.48 45.87
C6 NAG W . 14.85 -16.05 46.21
C7 NAG W . 16.28 -21.87 44.36
C8 NAG W . 16.85 -23.19 43.94
N2 NAG W . 17.15 -21.07 45.02
O3 NAG W . 16.27 -20.58 47.67
O4 NAG W . 14.43 -18.43 47.99
O5 NAG W . 16.26 -17.51 44.98
O6 NAG W . 15.91 -15.48 46.96
O7 NAG W . 15.11 -21.58 44.12
C1 NAG X . -14.82 4.97 -43.81
C2 NAG X . -15.32 5.07 -45.25
C3 NAG X . -14.31 5.87 -46.09
C4 NAG X . -14.03 7.21 -45.42
C5 NAG X . -13.60 6.97 -43.98
C6 NAG X . -13.31 8.25 -43.21
C7 NAG X . -16.72 3.16 -45.92
C8 NAG X . -16.70 1.78 -46.53
N2 NAG X . -15.52 3.75 -45.80
O3 NAG X . -14.85 6.02 -47.37
O4 NAG X . -13.01 7.84 -46.18
O5 NAG X . -14.62 6.27 -43.30
O6 NAG X . -13.07 7.95 -41.86
O7 NAG X . -17.76 3.70 -45.59
C1 NAG Y . 6.79 -5.91 -24.41
C2 NAG Y . 7.17 -5.66 -25.87
C3 NAG Y . 8.42 -4.78 -25.93
C4 NAG Y . 8.19 -3.49 -25.14
C5 NAG Y . 7.79 -3.87 -23.70
C6 NAG Y . 7.53 -2.69 -22.81
C7 NAG Y . 6.81 -7.20 -27.74
C8 NAG Y . 7.19 -8.55 -28.30
N2 NAG Y . 7.39 -6.89 -26.57
O3 NAG Y . 8.69 -4.50 -27.28
O4 NAG Y . 9.39 -2.77 -25.16
O5 NAG Y . 6.63 -4.67 -23.75
O6 NAG Y . 8.72 -1.96 -22.62
O7 NAG Y . 6.03 -6.47 -28.32
C1 NAG Z . 9.14 -19.15 -23.57
C2 NAG Z . 10.26 -20.06 -24.11
C3 NAG Z . 11.12 -20.58 -22.95
C4 NAG Z . 11.58 -19.44 -22.06
C5 NAG Z . 10.35 -18.67 -21.59
C6 NAG Z . 10.67 -17.51 -20.66
C7 NAG Z . 10.18 -21.63 -26.02
C8 NAG Z . 11.35 -20.88 -26.61
N2 NAG Z . 9.72 -21.18 -24.83
O3 NAG Z . 12.20 -21.29 -23.50
O4 NAG Z . 12.29 -20.01 -20.99
O5 NAG Z . 9.68 -18.17 -22.72
O6 NAG Z . 9.50 -16.79 -20.39
O7 NAG Z . 9.69 -22.60 -26.59
C1 NAG AA . 61.13 20.19 10.00
C2 NAG AA . 62.26 21.19 10.31
C3 NAG AA . 61.79 22.59 9.92
C4 NAG AA . 61.36 22.61 8.45
C5 NAG AA . 60.30 21.52 8.23
C6 NAG AA . 59.82 21.41 6.80
C7 NAG AA . 63.93 21.16 12.11
C8 NAG AA . 64.12 21.13 13.60
N2 NAG AA . 62.65 21.16 11.68
O3 NAG AA . 62.85 23.47 10.16
O4 NAG AA . 60.85 23.89 8.19
O5 NAG AA . 60.82 20.27 8.63
O6 NAG AA . 58.98 20.28 6.67
O7 NAG AA . 64.88 21.20 11.35
C1 NAG BA . 50.73 -3.03 -2.73
C2 NAG BA . 51.92 -2.91 -3.68
C3 NAG BA . 52.45 -4.28 -4.09
C4 NAG BA . 52.68 -5.15 -2.86
C5 NAG BA . 51.38 -5.21 -2.04
C6 NAG BA . 51.46 -6.07 -0.81
C7 NAG BA . 51.93 -0.91 -5.14
C8 NAG BA . 52.82 -0.25 -4.13
N2 NAG BA . 51.54 -2.17 -4.86
O3 NAG BA . 53.62 -4.10 -4.83
O4 NAG BA . 53.05 -6.44 -3.31
O5 NAG BA . 51.04 -3.90 -1.66
O6 NAG BA . 52.48 -5.58 0.05
O7 NAG BA . 51.58 -0.33 -6.16
C1 NAG CA . 26.93 -7.95 -5.40
C2 NAG CA . 26.73 -9.25 -6.20
C3 NAG CA . 26.47 -10.35 -5.18
C4 NAG CA . 27.56 -10.39 -4.11
C5 NAG CA . 27.84 -9.00 -3.55
C6 NAG CA . 28.99 -8.96 -2.58
C7 NAG CA . 25.60 -9.63 -8.37
C8 NAG CA . 26.87 -10.30 -8.85
N2 NAG CA . 25.63 -9.16 -7.11
O3 NAG CA . 26.35 -11.57 -5.87
O4 NAG CA . 27.11 -11.26 -3.10
O5 NAG CA . 28.07 -8.08 -4.61
O6 NAG CA . 28.69 -9.79 -1.48
O7 NAG CA . 24.64 -9.54 -9.11
C1 NAG DA . -9.97 27.44 -11.72
C2 NAG DA . -9.63 28.93 -11.86
C3 NAG DA . -8.12 29.15 -11.66
C4 NAG DA . -7.65 28.51 -10.36
C5 NAG DA . -8.04 27.03 -10.39
C6 NAG DA . -7.61 26.27 -9.15
C7 NAG DA . -10.68 30.57 -13.39
C8 NAG DA . -11.04 31.37 -12.16
N2 NAG DA . -10.01 29.43 -13.15
O3 NAG DA . -7.88 30.53 -11.68
O4 NAG DA . -6.25 28.67 -10.31
O5 NAG DA . -9.44 26.95 -10.51
O6 NAG DA . -8.14 24.97 -9.19
O7 NAG DA . -10.98 30.94 -14.50
C1 NAG EA . -16.22 20.33 -2.41
C2 NAG EA . -17.44 21.20 -2.08
C3 NAG EA . -17.31 21.73 -0.65
C4 NAG EA . -17.12 20.57 0.31
C5 NAG EA . -15.89 19.77 -0.13
C6 NAG EA . -15.59 18.58 0.75
C7 NAG EA . -18.66 22.56 -3.74
C8 NAG EA . -19.82 21.62 -3.54
N2 NAG EA . -17.56 22.29 -3.00
O3 NAG EA . -18.47 22.47 -0.36
O4 NAG EA . -16.95 21.11 1.60
O5 NAG EA . -16.11 19.31 -1.44
O6 NAG EA . -16.69 17.72 0.79
O7 NAG EA . -18.72 23.51 -4.52
C1 NAG FA . -44.93 9.36 -7.11
C2 NAG FA . -46.42 9.64 -7.39
C3 NAG FA . -47.09 10.13 -6.11
C4 NAG FA . -46.86 9.13 -4.99
C5 NAG FA . -45.35 8.87 -4.84
C6 NAG FA . -45.01 7.86 -3.77
C7 NAG FA . -46.87 10.27 -9.72
C8 NAG FA . -46.95 11.44 -10.68
N2 NAG FA . -46.54 10.59 -8.46
O3 NAG FA . -48.46 10.30 -6.39
O4 NAG FA . -47.40 9.70 -3.81
O5 NAG FA . -44.85 8.40 -6.07
O6 NAG FA . -45.63 6.63 -4.05
O7 NAG FA . -47.10 9.14 -10.08
C1 NAG GA . 25.80 29.49 52.07
C2 NAG GA . 25.83 29.35 53.59
C3 NAG GA . 24.45 28.90 54.05
C4 NAG GA . 23.38 29.86 53.53
C5 NAG GA . 23.52 30.03 52.02
C6 NAG GA . 22.57 31.04 51.42
C7 NAG GA . 27.86 28.74 54.85
C8 NAG GA . 27.91 30.17 55.33
N2 NAG GA . 26.84 28.43 54.03
O3 NAG GA . 24.46 28.82 55.45
O4 NAG GA . 22.13 29.30 53.88
O5 NAG GA . 24.84 30.46 51.73
O6 NAG GA . 22.85 32.32 51.93
O7 NAG GA . 28.70 27.92 55.20
C1 NAG HA . 28.66 15.78 60.48
C2 NAG HA . 27.77 14.74 61.18
C3 NAG HA . 27.99 14.79 62.68
C4 NAG HA . 29.47 14.70 63.03
C5 NAG HA . 30.24 15.78 62.25
C6 NAG HA . 31.72 15.78 62.49
C7 NAG HA . 25.63 14.14 60.10
C8 NAG HA . 24.21 14.58 59.90
N2 NAG HA . 26.39 14.96 60.85
O3 NAG HA . 27.26 13.74 63.26
O4 NAG HA . 29.59 14.89 64.42
O5 NAG HA . 30.00 15.59 60.86
O6 NAG HA . 31.99 16.18 63.81
O7 NAG HA . 26.06 13.10 59.60
#